data_7K4C
#
_entry.id   7K4C
#
_cell.length_a   1.00
_cell.length_b   1.00
_cell.length_c   1.00
_cell.angle_alpha   90.00
_cell.angle_beta   90.00
_cell.angle_gamma   90.00
#
_symmetry.space_group_name_H-M   'P 1'
#
loop_
_entity.id
_entity.type
_entity.pdbx_description
1 polymer 'Transient receptor potential cation channel subfamily V member 6'
2 non-polymer 1-(5-bromopyridin-3-yl)-4-[cis-4-(3-methylphenyl)cyclohexyl]piperazine
3 non-polymer 'CALCIUM ION'
#
_entity_poly.entity_id   1
_entity_poly.type   'polypeptide(L)'
_entity_poly.pdbx_seq_one_letter_code
;MGLSLPKEKGLILCLWSKFCRWFQRRESWAQSRDEQNLLQQKRIWESPLLLAAKDNDVQALNKLLKYEDCKVHQRGAMGE
TALHIAALYDNLEAAMVLMEAAPELVFEPMTSELYEGQTALHIAVVNQNMNLVRALLARRASVSARATGTAFRRSPCNLI
YFGEHPLSFAACVNSEEIVRLLIEHGADIRAQDSLGNTVLHILILQPNKTFACQMYNLLLSYDRHGDHLQPLDLVPNHQG
LTPFKLAGVEGNTVMFQHLMQKRKHTQWTYGPLTSTLYDLTEIDSSGDEQSLLELIITTKKREARQILDQTPVKELVSLK
WKRYGRPYFCMLGAIYLLYIICFTMCCIYRPLKPRTNNRTSPRDNTLLQQKLLQEAYMTPKDDIRLVGELVTVIGAIIIL
LVEVPDIFRMGVTRFFGQTILGGPFHVLIITYAFMVLVTMVMRLISASGEVVPMSFALVLGWCNVMYFARGFQMLGPFTI
MIQKMIFGDLMRFCWLMAVVILGFASAFYIIFQTEDPEELGHFYDYPMALFSTFELFLTIIDGPANYNVDLPFMYSITYA
AFAIIATLLMLNLLIAMMGDTHWRVAHERDELWRAQIVATTVMLERKLPRCLWPRSGICGREYGLGDRWFLRVEDRQDLN
RQRIQRYAQAFHTRGSEDLDKDSVEKLVPR
;
_entity_poly.pdbx_strand_id   A,B,C,D
#
loop_
_chem_comp.id
_chem_comp.type
_chem_comp.name
_chem_comp.formula
81F non-polymer 1-(5-bromopyridin-3-yl)-4-[cis-4-(3-methylphenyl)cyclohexyl]piperazine 'C22 H28 Br N3'
CA non-polymer 'CALCIUM ION' 'Ca 2'
#
# COMPACT_ATOMS: atom_id res chain seq x y z
N SER A 28 -40.13 -10.98 13.84
CA SER A 28 -41.28 -10.82 14.71
C SER A 28 -41.14 -11.68 15.96
N TRP A 29 -40.07 -12.50 15.98
CA TRP A 29 -39.87 -13.42 17.10
C TRP A 29 -39.44 -12.69 18.35
N ALA A 30 -38.40 -11.86 18.25
CA ALA A 30 -37.91 -11.12 19.40
C ALA A 30 -38.85 -10.00 19.82
N GLN A 31 -39.83 -9.67 18.97
CA GLN A 31 -40.84 -8.69 19.34
C GLN A 31 -41.67 -9.16 20.52
N SER A 32 -41.93 -10.48 20.59
CA SER A 32 -42.72 -11.04 21.69
C SER A 32 -41.99 -10.94 23.01
N ARG A 33 -40.67 -10.85 22.99
CA ARG A 33 -39.90 -10.62 24.21
C ARG A 33 -40.20 -9.25 24.78
N ASP A 34 -39.93 -8.21 24.00
CA ASP A 34 -40.01 -6.87 24.53
C ASP A 34 -41.43 -6.36 24.62
N GLU A 35 -42.37 -7.01 23.92
CA GLU A 35 -43.79 -6.75 24.14
C GLU A 35 -44.18 -7.10 25.56
N GLN A 36 -43.74 -8.27 26.02
CA GLN A 36 -43.99 -8.66 27.40
C GLN A 36 -43.15 -7.86 28.38
N ASN A 37 -42.00 -7.35 27.92
CA ASN A 37 -41.03 -6.82 28.86
C ASN A 37 -41.41 -5.43 29.33
N LEU A 38 -41.98 -4.61 28.45
CA LEU A 38 -42.61 -3.39 28.93
C LEU A 38 -43.86 -3.70 29.72
N LEU A 39 -44.60 -4.74 29.30
CA LEU A 39 -45.80 -5.19 30.00
C LEU A 39 -45.49 -5.70 31.39
N GLN A 40 -44.27 -6.22 31.61
CA GLN A 40 -43.84 -6.56 32.95
C GLN A 40 -43.83 -5.34 33.85
N GLN A 41 -43.31 -4.23 33.33
CA GLN A 41 -43.21 -3.01 34.13
C GLN A 41 -44.58 -2.42 34.43
N LYS A 42 -45.59 -2.74 33.60
CA LYS A 42 -46.93 -2.22 33.83
C LYS A 42 -47.50 -2.73 35.15
N ARG A 43 -47.24 -4.00 35.48
CA ARG A 43 -47.74 -4.56 36.73
C ARG A 43 -47.08 -3.92 37.94
N ILE A 44 -45.84 -3.42 37.77
CA ILE A 44 -45.24 -2.58 38.81
C ILE A 44 -46.02 -1.29 38.95
N TRP A 45 -46.29 -0.60 37.84
CA TRP A 45 -47.10 0.60 37.89
C TRP A 45 -48.54 0.32 38.25
N GLU A 46 -49.03 -0.89 38.01
CA GLU A 46 -50.39 -1.24 38.39
C GLU A 46 -50.50 -1.61 39.85
N SER A 47 -49.46 -2.19 40.43
CA SER A 47 -49.70 -2.67 41.78
C SER A 47 -49.03 -1.78 42.81
N PRO A 48 -49.65 -1.58 43.98
CA PRO A 48 -48.97 -0.80 45.02
C PRO A 48 -47.87 -1.56 45.71
N LEU A 49 -47.94 -2.90 45.76
CA LEU A 49 -46.89 -3.69 46.36
C LEU A 49 -45.61 -3.65 45.54
N LEU A 50 -45.73 -3.83 44.23
CA LEU A 50 -44.57 -3.98 43.37
C LEU A 50 -43.86 -2.65 43.17
N LEU A 51 -44.64 -1.57 43.06
CA LEU A 51 -44.03 -0.26 42.92
C LEU A 51 -43.33 0.15 44.21
N ALA A 52 -43.92 -0.23 45.35
CA ALA A 52 -43.22 -0.07 46.60
C ALA A 52 -42.08 -1.06 46.74
N ALA A 53 -42.11 -2.16 45.98
CA ALA A 53 -41.02 -3.11 46.02
C ALA A 53 -39.80 -2.62 45.25
N LYS A 54 -39.98 -1.87 44.16
CA LYS A 54 -38.83 -1.42 43.39
C LYS A 54 -38.01 -0.41 44.17
N ASP A 55 -38.68 0.45 44.92
CA ASP A 55 -37.97 1.37 45.79
C ASP A 55 -37.78 0.72 47.15
N ASN A 56 -36.91 1.32 47.96
CA ASN A 56 -36.76 0.92 49.36
C ASN A 56 -37.81 1.67 50.18
N ASP A 57 -39.05 1.23 50.02
CA ASP A 57 -40.19 1.86 50.68
C ASP A 57 -40.55 1.11 51.96
N VAL A 58 -39.55 1.03 52.84
CA VAL A 58 -39.65 0.26 54.07
C VAL A 58 -40.71 0.85 55.00
N GLN A 59 -40.91 2.17 54.96
CA GLN A 59 -42.01 2.76 55.71
C GLN A 59 -43.34 2.40 55.06
N ALA A 60 -43.38 2.40 53.73
CA ALA A 60 -44.58 2.01 53.03
C ALA A 60 -44.80 0.50 53.15
N LEU A 61 -43.72 -0.29 53.06
CA LEU A 61 -43.83 -1.72 53.29
C LEU A 61 -44.18 -2.07 54.72
N ASN A 62 -43.92 -1.17 55.67
CA ASN A 62 -44.25 -1.46 57.06
C ASN A 62 -45.76 -1.52 57.26
N LYS A 63 -46.49 -0.61 56.65
CA LYS A 63 -47.94 -0.59 56.77
C LYS A 63 -48.64 -1.36 55.66
N LEU A 64 -47.89 -1.83 54.67
CA LEU A 64 -48.54 -2.47 53.52
C LEU A 64 -49.08 -3.85 53.87
N LEU A 65 -48.50 -4.48 54.89
CA LEU A 65 -48.95 -5.78 55.33
C LEU A 65 -49.31 -5.82 56.81
N LYS A 66 -49.10 -4.72 57.54
CA LYS A 66 -49.51 -4.67 58.93
C LYS A 66 -50.90 -4.08 59.13
N TYR A 67 -51.25 -3.07 58.33
CA TYR A 67 -52.58 -2.47 58.42
C TYR A 67 -53.67 -3.44 58.00
N GLU A 68 -53.36 -4.35 57.09
CA GLU A 68 -54.30 -5.37 56.68
C GLU A 68 -53.52 -6.59 56.20
N ASP A 69 -54.24 -7.70 56.01
CA ASP A 69 -53.65 -8.93 55.52
C ASP A 69 -53.79 -8.95 54.00
N CYS A 70 -53.02 -8.09 53.34
CA CYS A 70 -52.97 -8.12 51.89
C CYS A 70 -52.21 -9.36 51.42
N LYS A 71 -52.63 -9.87 50.27
CA LYS A 71 -52.07 -11.09 49.73
C LYS A 71 -50.69 -10.83 49.15
N VAL A 72 -49.93 -11.90 49.02
CA VAL A 72 -48.52 -11.81 48.64
C VAL A 72 -48.26 -12.36 47.25
N HIS A 73 -48.94 -13.43 46.84
CA HIS A 73 -48.59 -14.20 45.66
C HIS A 73 -49.06 -13.58 44.36
N GLN A 74 -49.38 -12.28 44.34
CA GLN A 74 -49.71 -11.57 43.13
C GLN A 74 -48.48 -11.55 42.23
N ARG A 75 -48.52 -12.33 41.16
CA ARG A 75 -47.35 -12.43 40.31
C ARG A 75 -47.26 -11.25 39.36
N GLY A 76 -46.10 -11.15 38.71
CA GLY A 76 -45.90 -10.16 37.67
C GLY A 76 -46.56 -10.60 36.38
N ALA A 77 -46.33 -9.81 35.33
CA ALA A 77 -46.84 -10.16 34.01
C ALA A 77 -46.16 -11.40 33.48
N MET A 78 -44.90 -11.60 33.85
CA MET A 78 -44.21 -12.86 33.62
C MET A 78 -43.81 -13.56 34.92
N GLY A 79 -44.69 -13.51 35.92
CA GLY A 79 -44.59 -14.39 37.06
C GLY A 79 -43.47 -14.11 38.04
N GLU A 80 -43.58 -13.00 38.77
CA GLU A 80 -42.57 -12.64 39.75
C GLU A 80 -43.13 -12.68 41.16
N THR A 81 -42.24 -12.50 42.13
CA THR A 81 -42.61 -12.06 43.45
C THR A 81 -41.91 -10.74 43.70
N ALA A 82 -42.29 -10.07 44.78
CA ALA A 82 -41.58 -8.86 45.18
C ALA A 82 -40.18 -9.19 45.65
N LEU A 83 -39.98 -10.43 46.13
CA LEU A 83 -38.64 -10.88 46.48
C LEU A 83 -37.75 -10.95 45.25
N HIS A 84 -38.31 -11.38 44.11
CA HIS A 84 -37.57 -11.35 42.86
C HIS A 84 -37.24 -9.92 42.46
N ILE A 85 -38.18 -9.00 42.64
CA ILE A 85 -37.96 -7.63 42.25
C ILE A 85 -36.97 -6.96 43.17
N ALA A 86 -37.09 -7.23 44.47
CA ALA A 86 -36.12 -6.72 45.44
C ALA A 86 -34.74 -7.29 45.17
N ALA A 87 -34.68 -8.52 44.69
CA ALA A 87 -33.42 -9.06 44.21
C ALA A 87 -32.98 -8.36 42.94
N LEU A 88 -33.91 -8.10 42.03
CA LEU A 88 -33.51 -7.57 40.73
C LEU A 88 -33.10 -6.11 40.84
N TYR A 89 -33.90 -5.31 41.54
CA TYR A 89 -33.50 -3.93 41.82
C TYR A 89 -32.82 -3.83 43.19
N ASP A 90 -31.84 -4.71 43.42
CA ASP A 90 -30.81 -4.72 44.46
C ASP A 90 -31.22 -4.15 45.83
N ASN A 91 -32.38 -4.54 46.30
CA ASN A 91 -32.94 -4.00 47.54
C ASN A 91 -32.98 -5.11 48.56
N LEU A 92 -31.97 -5.17 49.42
CA LEU A 92 -31.98 -6.19 50.46
C LEU A 92 -32.96 -5.83 51.57
N GLU A 93 -33.16 -4.53 51.81
CA GLU A 93 -33.81 -4.07 53.02
C GLU A 93 -35.29 -4.43 53.04
N ALA A 94 -35.97 -4.21 51.92
CA ALA A 94 -37.36 -4.64 51.83
C ALA A 94 -37.46 -6.15 51.78
N ALA A 95 -36.47 -6.80 51.15
CA ALA A 95 -36.42 -8.25 51.16
C ALA A 95 -36.21 -8.79 52.57
N MET A 96 -35.45 -8.07 53.39
CA MET A 96 -35.37 -8.41 54.81
C MET A 96 -36.73 -8.25 55.48
N VAL A 97 -37.47 -7.20 55.12
CA VAL A 97 -38.82 -7.05 55.63
C VAL A 97 -39.72 -8.11 55.01
N LEU A 98 -39.46 -8.47 53.75
CA LEU A 98 -40.23 -9.54 53.12
C LEU A 98 -39.94 -10.89 53.75
N MET A 99 -38.73 -11.09 54.27
CA MET A 99 -38.45 -12.28 55.07
C MET A 99 -39.24 -12.25 56.38
N GLU A 100 -39.34 -11.06 57.00
CA GLU A 100 -40.09 -10.95 58.24
C GLU A 100 -41.59 -11.07 58.00
N ALA A 101 -42.05 -10.63 56.83
CA ALA A 101 -43.48 -10.70 56.53
C ALA A 101 -43.90 -12.11 56.18
N ALA A 102 -43.25 -12.70 55.18
CA ALA A 102 -43.60 -14.04 54.73
C ALA A 102 -42.33 -14.72 54.25
N PRO A 103 -41.72 -15.55 55.08
CA PRO A 103 -40.53 -16.30 54.67
C PRO A 103 -40.87 -17.62 53.99
N GLU A 104 -41.67 -17.56 52.93
CA GLU A 104 -42.02 -18.74 52.16
C GLU A 104 -41.84 -18.54 50.67
N LEU A 105 -41.43 -17.35 50.25
CA LEU A 105 -41.40 -17.01 48.83
C LEU A 105 -40.18 -17.60 48.14
N VAL A 106 -39.18 -18.03 48.92
CA VAL A 106 -37.92 -18.47 48.36
C VAL A 106 -38.10 -19.76 47.58
N PHE A 107 -38.99 -20.62 48.07
CA PHE A 107 -39.26 -21.90 47.42
C PHE A 107 -39.92 -21.74 46.06
N GLU A 108 -40.65 -20.65 45.85
CA GLU A 108 -41.37 -20.47 44.60
C GLU A 108 -40.44 -19.91 43.55
N PRO A 109 -40.27 -20.57 42.43
CA PRO A 109 -39.45 -20.01 41.36
C PRO A 109 -40.30 -19.15 40.45
N MET A 110 -39.70 -18.60 39.41
CA MET A 110 -40.50 -18.00 38.37
C MET A 110 -41.04 -19.08 37.43
N THR A 111 -42.00 -18.71 36.60
CA THR A 111 -42.84 -19.74 35.99
C THR A 111 -43.13 -19.61 34.50
N SER A 112 -42.74 -18.54 33.82
CA SER A 112 -43.30 -18.29 32.49
C SER A 112 -42.24 -18.21 31.42
N GLU A 113 -41.78 -19.37 30.96
CA GLU A 113 -41.37 -19.63 29.57
C GLU A 113 -40.09 -18.92 29.11
N LEU A 114 -39.67 -17.90 29.80
CA LEU A 114 -38.40 -17.27 29.51
C LEU A 114 -37.49 -17.30 30.71
N TYR A 115 -37.93 -16.74 31.82
CA TYR A 115 -37.28 -16.92 33.11
C TYR A 115 -38.09 -18.03 33.77
N GLU A 116 -37.82 -19.27 33.38
CA GLU A 116 -38.57 -20.39 33.91
C GLU A 116 -37.72 -21.11 34.94
N GLY A 117 -38.25 -21.18 36.16
CA GLY A 117 -37.58 -21.86 37.25
C GLY A 117 -36.57 -21.04 38.00
N GLN A 118 -36.25 -19.83 37.55
CA GLN A 118 -35.25 -19.03 38.24
C GLN A 118 -35.81 -18.49 39.54
N THR A 119 -35.09 -18.71 40.63
CA THR A 119 -35.46 -18.20 41.92
C THR A 119 -34.48 -17.13 42.37
N ALA A 120 -34.83 -16.49 43.51
CA ALA A 120 -34.14 -15.30 43.99
C ALA A 120 -32.70 -15.57 44.40
N LEU A 121 -32.34 -16.83 44.61
CA LEU A 121 -30.95 -17.15 44.89
C LEU A 121 -30.07 -16.86 43.69
N HIS A 122 -30.62 -17.00 42.48
CA HIS A 122 -29.83 -16.76 41.27
C HIS A 122 -29.48 -15.30 41.12
N ILE A 123 -30.43 -14.42 41.38
CA ILE A 123 -30.29 -13.04 40.96
C ILE A 123 -29.29 -12.30 41.85
N ALA A 124 -29.30 -12.60 43.15
CA ALA A 124 -28.29 -12.03 44.04
C ALA A 124 -26.89 -12.51 43.69
N VAL A 125 -26.80 -13.72 43.13
CA VAL A 125 -25.52 -14.20 42.60
C VAL A 125 -25.13 -13.42 41.35
N VAL A 126 -26.10 -13.14 40.48
CA VAL A 126 -25.83 -12.32 39.30
C VAL A 126 -25.45 -10.90 39.72
N ASN A 127 -25.99 -10.43 40.83
CA ASN A 127 -25.60 -9.14 41.34
C ASN A 127 -24.32 -9.19 42.16
N GLN A 128 -23.66 -10.35 42.19
CA GLN A 128 -22.27 -10.57 42.61
C GLN A 128 -22.02 -10.45 44.10
N ASN A 129 -22.98 -9.91 44.83
CA ASN A 129 -23.21 -10.04 46.26
C ASN A 129 -24.47 -9.23 46.52
N MET A 130 -25.21 -9.59 47.55
CA MET A 130 -26.17 -8.69 48.15
C MET A 130 -26.11 -8.75 49.66
N ASN A 131 -25.13 -9.47 50.22
CA ASN A 131 -25.13 -9.90 51.63
C ASN A 131 -26.44 -10.60 51.97
N LEU A 132 -26.93 -11.37 51.01
CA LEU A 132 -28.25 -11.97 51.03
C LEU A 132 -28.19 -13.46 50.80
N VAL A 133 -27.15 -13.96 50.14
CA VAL A 133 -26.80 -15.35 50.24
C VAL A 133 -26.43 -15.72 51.66
N ARG A 134 -25.94 -14.77 52.46
CA ARG A 134 -25.87 -14.96 53.90
C ARG A 134 -27.26 -15.09 54.50
N ALA A 135 -28.27 -14.46 53.91
CA ALA A 135 -29.63 -14.48 54.44
C ALA A 135 -30.51 -15.53 53.80
N LEU A 136 -30.41 -15.75 52.48
CA LEU A 136 -31.24 -16.73 51.82
C LEU A 136 -30.88 -18.14 52.24
N LEU A 137 -29.59 -18.43 52.35
CA LEU A 137 -29.16 -19.75 52.80
C LEU A 137 -29.50 -19.96 54.27
N ALA A 138 -29.50 -18.88 55.05
CA ALA A 138 -29.99 -18.95 56.42
C ALA A 138 -31.48 -19.25 56.45
N ARG A 139 -32.22 -18.80 55.44
CA ARG A 139 -33.61 -19.19 55.27
C ARG A 139 -33.76 -20.42 54.41
N ARG A 140 -32.71 -21.25 54.33
CA ARG A 140 -32.69 -22.52 53.59
C ARG A 140 -32.95 -22.32 52.10
N ALA A 141 -32.03 -21.61 51.45
CA ALA A 141 -32.13 -21.41 50.01
C ALA A 141 -31.93 -22.72 49.27
N SER A 142 -32.89 -23.07 48.42
CA SER A 142 -32.77 -24.26 47.60
C SER A 142 -31.74 -24.01 46.50
N VAL A 143 -30.69 -24.84 46.48
CA VAL A 143 -29.56 -24.59 45.60
C VAL A 143 -29.77 -25.23 44.24
N SER A 144 -30.18 -26.49 44.22
CA SER A 144 -30.11 -27.30 43.00
C SER A 144 -31.22 -27.02 42.01
N ALA A 145 -31.91 -25.89 42.12
CA ALA A 145 -32.95 -25.54 41.16
C ALA A 145 -32.32 -25.26 39.80
N ARG A 146 -33.08 -25.56 38.75
CA ARG A 146 -32.58 -25.52 37.38
C ARG A 146 -33.39 -24.48 36.60
N ALA A 147 -32.81 -23.29 36.44
CA ALA A 147 -33.46 -22.21 35.69
C ALA A 147 -33.33 -22.50 34.20
N THR A 148 -34.16 -23.42 33.71
CA THR A 148 -34.04 -23.95 32.37
C THR A 148 -34.88 -23.19 31.35
N GLY A 149 -35.25 -21.95 31.64
CA GLY A 149 -35.97 -21.15 30.67
C GLY A 149 -35.12 -20.81 29.47
N THR A 150 -35.80 -20.47 28.37
CA THR A 150 -35.09 -20.23 27.11
C THR A 150 -34.44 -18.86 27.04
N ALA A 151 -34.45 -18.08 28.13
CA ALA A 151 -33.59 -16.92 28.24
C ALA A 151 -32.21 -17.28 28.76
N PHE A 152 -31.83 -18.54 28.69
CA PHE A 152 -30.53 -18.99 29.15
C PHE A 152 -29.88 -20.00 28.21
N ARG A 153 -30.59 -20.51 27.23
CA ARG A 153 -30.02 -21.49 26.34
C ARG A 153 -29.02 -20.82 25.40
N ARG A 154 -27.95 -21.55 25.08
CA ARG A 154 -26.86 -21.00 24.29
C ARG A 154 -27.32 -20.75 22.87
N SER A 155 -27.51 -19.50 22.55
CA SER A 155 -28.05 -19.08 21.27
C SER A 155 -27.70 -17.61 21.08
N PRO A 156 -27.54 -17.15 19.84
CA PRO A 156 -27.36 -15.70 19.63
C PRO A 156 -28.61 -14.89 19.90
N CYS A 157 -29.77 -15.53 20.08
CA CYS A 157 -30.95 -14.80 20.50
C CYS A 157 -30.79 -14.25 21.91
N ASN A 158 -30.19 -15.04 22.80
CA ASN A 158 -29.71 -14.49 24.06
C ASN A 158 -28.39 -13.78 23.82
N LEU A 159 -28.15 -12.75 24.62
CA LEU A 159 -26.88 -12.04 24.56
C LEU A 159 -25.83 -12.67 25.45
N ILE A 160 -26.17 -13.73 26.17
CA ILE A 160 -25.37 -14.23 27.27
C ILE A 160 -25.36 -15.75 27.22
N TYR A 161 -24.57 -16.32 28.12
CA TYR A 161 -24.68 -17.74 28.46
C TYR A 161 -24.07 -17.93 29.84
N PHE A 162 -24.76 -18.64 30.72
CA PHE A 162 -24.29 -18.74 32.09
C PHE A 162 -24.50 -20.11 32.72
N GLY A 163 -24.99 -21.09 31.99
CA GLY A 163 -25.33 -22.33 32.63
C GLY A 163 -26.66 -22.23 33.36
N GLU A 164 -26.93 -23.23 34.19
CA GLU A 164 -28.28 -23.44 34.72
C GLU A 164 -28.31 -23.62 36.23
N HIS A 165 -27.24 -23.28 36.93
CA HIS A 165 -27.16 -23.59 38.34
C HIS A 165 -26.47 -22.41 39.03
N PRO A 166 -26.76 -22.17 40.32
CA PRO A 166 -26.14 -21.02 40.98
C PRO A 166 -24.65 -21.13 41.12
N LEU A 167 -24.12 -22.34 41.22
CA LEU A 167 -22.69 -22.52 41.19
C LEU A 167 -22.12 -22.18 39.83
N SER A 168 -22.90 -22.41 38.77
CA SER A 168 -22.45 -22.04 37.44
C SER A 168 -22.43 -20.54 37.25
N PHE A 169 -23.34 -19.82 37.91
CA PHE A 169 -23.43 -18.38 37.67
C PHE A 169 -22.24 -17.65 38.29
N ALA A 170 -21.97 -17.91 39.56
CA ALA A 170 -20.99 -17.13 40.31
C ALA A 170 -19.58 -17.31 39.78
N ALA A 171 -19.31 -18.42 39.11
CA ALA A 171 -18.02 -18.59 38.45
C ALA A 171 -17.88 -17.63 37.28
N CYS A 172 -18.97 -17.38 36.56
CA CYS A 172 -18.89 -16.55 35.37
C CYS A 172 -18.66 -15.08 35.70
N VAL A 173 -19.01 -14.66 36.91
CA VAL A 173 -18.72 -13.31 37.37
C VAL A 173 -17.68 -13.28 38.46
N ASN A 174 -17.16 -14.45 38.86
CA ASN A 174 -15.90 -14.60 39.59
C ASN A 174 -15.95 -14.00 41.00
N SER A 175 -17.13 -13.94 41.60
CA SER A 175 -17.25 -13.49 42.98
C SER A 175 -16.79 -14.63 43.88
N GLU A 176 -15.47 -14.69 44.06
CA GLU A 176 -14.79 -15.87 44.56
C GLU A 176 -15.17 -16.19 46.00
N GLU A 177 -15.30 -15.15 46.83
CA GLU A 177 -15.66 -15.35 48.23
C GLU A 177 -17.06 -15.93 48.37
N ILE A 178 -17.96 -15.55 47.46
CA ILE A 178 -19.32 -16.05 47.48
C ILE A 178 -19.36 -17.52 47.09
N VAL A 179 -18.45 -17.93 46.21
CA VAL A 179 -18.42 -19.30 45.69
C VAL A 179 -18.12 -20.29 46.80
N ARG A 180 -17.16 -19.97 47.66
CA ARG A 180 -16.80 -20.86 48.76
C ARG A 180 -17.96 -21.02 49.73
N LEU A 181 -18.62 -19.91 50.06
CA LEU A 181 -19.80 -19.98 50.91
C LEU A 181 -20.94 -20.69 50.19
N LEU A 182 -20.97 -20.59 48.87
CA LEU A 182 -21.95 -21.35 48.11
C LEU A 182 -21.64 -22.84 48.13
N ILE A 183 -20.36 -23.18 48.06
CA ILE A 183 -19.95 -24.58 48.15
C ILE A 183 -20.21 -25.12 49.55
N GLU A 184 -19.95 -24.29 50.57
CA GLU A 184 -19.94 -24.72 51.96
C GLU A 184 -21.28 -25.23 52.43
N HIS A 185 -22.36 -24.68 51.89
CA HIS A 185 -23.69 -25.19 52.18
C HIS A 185 -24.17 -26.19 51.14
N GLY A 186 -23.24 -26.91 50.52
CA GLY A 186 -23.61 -28.10 49.77
C GLY A 186 -23.86 -27.91 48.29
N ALA A 187 -23.03 -27.10 47.63
CA ALA A 187 -23.12 -27.05 46.18
C ALA A 187 -22.54 -28.32 45.57
N ASP A 188 -23.04 -28.67 44.40
CA ASP A 188 -22.56 -29.83 43.67
C ASP A 188 -21.80 -29.39 42.43
N ILE A 189 -20.58 -29.90 42.29
CA ILE A 189 -19.77 -29.54 41.13
C ILE A 189 -20.29 -30.22 39.88
N ARG A 190 -20.79 -31.44 40.02
CA ARG A 190 -21.04 -32.34 38.90
C ARG A 190 -22.39 -32.13 38.25
N ALA A 191 -22.99 -30.96 38.41
CA ALA A 191 -24.28 -30.70 37.78
C ALA A 191 -24.11 -30.57 36.28
N GLN A 192 -25.13 -31.02 35.54
CA GLN A 192 -25.12 -30.94 34.09
C GLN A 192 -26.46 -30.44 33.60
N ASP A 193 -26.48 -29.94 32.37
CA ASP A 193 -27.68 -29.38 31.77
C ASP A 193 -28.32 -30.33 30.77
N SER A 194 -29.29 -29.78 30.03
CA SER A 194 -29.84 -30.48 28.88
C SER A 194 -28.78 -30.70 27.81
N LEU A 195 -27.80 -29.81 27.69
CA LEU A 195 -26.71 -30.02 26.76
C LEU A 195 -25.64 -30.94 27.31
N GLY A 196 -25.78 -31.40 28.55
CA GLY A 196 -24.79 -32.27 29.16
C GLY A 196 -23.58 -31.57 29.72
N ASN A 197 -23.44 -30.27 29.51
CA ASN A 197 -22.25 -29.54 29.95
C ASN A 197 -22.26 -29.34 31.45
N THR A 198 -21.08 -29.45 32.05
CA THR A 198 -20.93 -29.09 33.45
C THR A 198 -20.23 -27.75 33.54
N VAL A 199 -19.96 -27.35 34.78
CA VAL A 199 -19.45 -26.03 35.10
C VAL A 199 -18.06 -25.80 34.48
N LEU A 200 -17.30 -26.87 34.28
CA LEU A 200 -16.01 -26.70 33.65
C LEU A 200 -16.13 -26.46 32.16
N HIS A 201 -17.24 -26.86 31.54
CA HIS A 201 -17.46 -26.45 30.17
C HIS A 201 -17.81 -24.99 30.08
N ILE A 202 -18.37 -24.44 31.16
CA ILE A 202 -18.92 -23.09 31.09
C ILE A 202 -17.82 -22.05 31.10
N LEU A 203 -16.79 -22.28 31.90
CA LEU A 203 -15.69 -21.34 32.02
C LEU A 203 -14.90 -21.21 30.73
N ILE A 204 -14.97 -22.22 29.87
CA ILE A 204 -14.42 -22.11 28.54
C ILE A 204 -15.19 -21.07 27.73
N LEU A 205 -16.50 -21.00 27.92
CA LEU A 205 -17.33 -20.24 27.01
C LEU A 205 -17.43 -18.76 27.36
N GLN A 206 -16.89 -18.34 28.48
CA GLN A 206 -16.99 -16.93 28.81
C GLN A 206 -16.02 -16.11 27.97
N PRO A 207 -16.37 -14.88 27.62
CA PRO A 207 -15.50 -14.08 26.75
C PRO A 207 -14.46 -13.25 27.47
N ASN A 208 -14.44 -13.26 28.79
CA ASN A 208 -13.38 -12.59 29.56
C ASN A 208 -12.37 -13.67 29.92
N LYS A 209 -11.35 -13.80 29.08
CA LYS A 209 -10.57 -15.05 29.01
C LYS A 209 -9.71 -15.23 30.24
N THR A 210 -8.72 -14.36 30.42
CA THR A 210 -7.73 -14.57 31.47
C THR A 210 -8.28 -14.26 32.85
N PHE A 211 -9.36 -13.50 32.94
CA PHE A 211 -9.95 -13.21 34.23
C PHE A 211 -10.70 -14.41 34.78
N ALA A 212 -11.09 -15.33 33.93
CA ALA A 212 -11.76 -16.54 34.36
C ALA A 212 -10.82 -17.73 34.46
N CYS A 213 -9.53 -17.54 34.14
CA CYS A 213 -8.63 -18.68 34.11
C CYS A 213 -8.29 -19.16 35.51
N GLN A 214 -8.09 -18.22 36.44
CA GLN A 214 -7.81 -18.61 37.81
C GLN A 214 -9.05 -19.17 38.51
N MET A 215 -10.23 -18.91 37.95
CA MET A 215 -11.43 -19.53 38.47
C MET A 215 -11.41 -21.03 38.22
N TYR A 216 -10.90 -21.43 37.06
CA TYR A 216 -10.81 -22.84 36.70
C TYR A 216 -9.86 -23.59 37.61
N ASN A 217 -8.83 -22.91 38.10
CA ASN A 217 -7.91 -23.55 39.03
C ASN A 217 -8.58 -23.75 40.38
N LEU A 218 -9.53 -22.89 40.74
CA LEU A 218 -10.13 -22.96 42.06
C LEU A 218 -11.06 -24.17 42.20
N LEU A 219 -11.82 -24.47 41.16
CA LEU A 219 -12.80 -25.55 41.26
C LEU A 219 -12.14 -26.91 41.29
N LEU A 220 -10.99 -27.05 40.63
CA LEU A 220 -10.26 -28.30 40.68
C LEU A 220 -9.66 -28.54 42.05
N SER A 221 -9.39 -27.47 42.79
CA SER A 221 -8.96 -27.63 44.18
C SER A 221 -10.07 -28.19 45.04
N TYR A 222 -11.33 -27.92 44.71
CA TYR A 222 -12.45 -28.49 45.43
C TYR A 222 -12.92 -29.80 44.82
N ASP A 223 -12.10 -30.44 44.00
CA ASP A 223 -12.34 -31.82 43.59
C ASP A 223 -11.76 -32.68 44.69
N ARG A 224 -12.63 -33.17 45.58
CA ARG A 224 -12.17 -34.01 46.69
C ARG A 224 -11.75 -35.38 46.19
N HIS A 225 -12.63 -36.05 45.46
CA HIS A 225 -12.33 -37.37 44.93
C HIS A 225 -13.00 -37.52 43.57
N GLY A 226 -12.56 -38.53 42.82
CA GLY A 226 -13.41 -39.07 41.79
C GLY A 226 -14.66 -39.68 42.39
N ASP A 227 -15.78 -39.51 41.70
CA ASP A 227 -17.06 -40.00 42.20
C ASP A 227 -17.04 -41.52 42.27
N HIS A 228 -16.94 -42.16 41.13
CA HIS A 228 -16.57 -43.57 41.08
C HIS A 228 -15.50 -43.84 40.03
N LEU A 229 -15.57 -43.19 38.87
CA LEU A 229 -14.69 -43.50 37.77
C LEU A 229 -13.79 -42.34 37.40
N GLN A 230 -14.35 -41.20 37.06
CA GLN A 230 -13.47 -40.18 36.52
C GLN A 230 -13.28 -39.05 37.53
N PRO A 231 -12.13 -38.38 37.54
CA PRO A 231 -11.88 -37.31 38.50
C PRO A 231 -12.33 -35.94 38.00
N LEU A 232 -13.60 -35.85 37.60
CA LEU A 232 -14.37 -34.61 37.44
C LEU A 232 -13.90 -33.73 36.28
N ASP A 233 -12.82 -34.12 35.61
CA ASP A 233 -12.34 -33.40 34.45
C ASP A 233 -12.50 -34.23 33.18
N LEU A 234 -12.74 -35.52 33.32
CA LEU A 234 -12.78 -36.42 32.20
C LEU A 234 -14.19 -36.61 31.65
N VAL A 235 -15.13 -35.79 32.09
CA VAL A 235 -16.53 -36.04 31.77
C VAL A 235 -16.89 -35.32 30.48
N PRO A 236 -17.54 -35.99 29.54
CA PRO A 236 -17.95 -35.32 28.30
C PRO A 236 -19.32 -34.68 28.46
N ASN A 237 -19.84 -34.07 27.42
CA ASN A 237 -21.19 -33.53 27.41
C ASN A 237 -22.11 -34.48 26.66
N HIS A 238 -23.34 -34.03 26.38
CA HIS A 238 -24.22 -34.76 25.50
C HIS A 238 -23.73 -34.76 24.06
N GLN A 239 -22.87 -33.82 23.68
CA GLN A 239 -22.18 -33.92 22.41
C GLN A 239 -21.00 -34.87 22.50
N GLY A 240 -20.48 -35.10 23.69
CA GLY A 240 -19.46 -36.11 23.91
C GLY A 240 -18.06 -35.54 23.86
N LEU A 241 -17.83 -34.44 24.56
CA LEU A 241 -16.54 -33.75 24.50
C LEU A 241 -16.06 -33.39 25.89
N THR A 242 -14.82 -33.78 26.19
CA THR A 242 -14.16 -33.33 27.40
C THR A 242 -13.90 -31.82 27.31
N PRO A 243 -13.79 -31.13 28.45
CA PRO A 243 -13.57 -29.68 28.40
C PRO A 243 -12.25 -29.26 27.79
N PHE A 244 -11.27 -30.15 27.72
CA PHE A 244 -10.07 -29.83 26.96
C PHE A 244 -10.39 -29.70 25.49
N LYS A 245 -11.13 -30.67 24.95
CA LYS A 245 -11.43 -30.65 23.53
C LYS A 245 -12.40 -29.53 23.17
N LEU A 246 -13.25 -29.13 24.11
CA LEU A 246 -14.15 -28.02 23.87
C LEU A 246 -13.39 -26.71 23.74
N ALA A 247 -12.30 -26.56 24.49
CA ALA A 247 -11.43 -25.40 24.33
C ALA A 247 -10.80 -25.38 22.96
N GLY A 248 -10.53 -26.56 22.39
CA GLY A 248 -10.09 -26.60 21.02
C GLY A 248 -11.19 -26.26 20.03
N VAL A 249 -12.44 -26.45 20.41
CA VAL A 249 -13.53 -26.13 19.50
C VAL A 249 -13.72 -24.62 19.42
N GLU A 250 -13.79 -23.96 20.56
CA GLU A 250 -14.02 -22.53 20.55
C GLU A 250 -12.73 -21.73 20.37
N GLY A 251 -11.58 -22.35 20.56
CA GLY A 251 -10.34 -21.67 20.30
C GLY A 251 -9.93 -20.68 21.36
N ASN A 252 -10.20 -20.96 22.63
CA ASN A 252 -9.67 -20.11 23.68
C ASN A 252 -8.17 -20.33 23.79
N THR A 253 -7.42 -19.46 23.10
CA THR A 253 -5.99 -19.66 22.95
C THR A 253 -5.27 -19.55 24.28
N VAL A 254 -5.70 -18.62 25.13
CA VAL A 254 -5.06 -18.47 26.43
C VAL A 254 -5.45 -19.63 27.34
N MET A 255 -6.70 -20.04 27.31
CA MET A 255 -7.16 -21.10 28.18
C MET A 255 -6.57 -22.44 27.78
N PHE A 256 -6.34 -22.63 26.48
CA PHE A 256 -5.74 -23.87 25.98
C PHE A 256 -4.34 -24.06 26.53
N GLN A 257 -3.59 -22.96 26.63
CA GLN A 257 -2.24 -23.03 27.16
C GLN A 257 -2.25 -23.33 28.65
N HIS A 258 -3.28 -22.91 29.35
CA HIS A 258 -3.35 -23.26 30.76
C HIS A 258 -3.73 -24.71 30.98
N LEU A 259 -4.59 -25.26 30.13
CA LEU A 259 -4.94 -26.66 30.33
C LEU A 259 -3.92 -27.63 29.76
N MET A 260 -2.86 -27.13 29.14
CA MET A 260 -1.81 -28.02 28.67
C MET A 260 -0.85 -28.40 29.78
N GLN A 261 -0.78 -27.58 30.83
CA GLN A 261 0.29 -27.67 31.82
C GLN A 261 0.26 -28.94 32.65
N LYS A 262 -0.85 -29.66 32.69
CA LYS A 262 -0.86 -30.95 33.34
C LYS A 262 -0.69 -32.09 32.36
N ARG A 263 -0.68 -31.80 31.07
CA ARG A 263 -0.48 -32.84 30.07
C ARG A 263 1.00 -33.09 29.81
N LYS A 264 1.81 -32.03 29.78
CA LYS A 264 3.21 -32.14 29.45
C LYS A 264 3.99 -32.71 30.62
N HIS A 265 5.26 -33.02 30.36
CA HIS A 265 6.10 -33.65 31.35
C HIS A 265 7.54 -33.31 31.01
N THR A 266 8.12 -32.37 31.76
CA THR A 266 9.50 -31.98 31.52
C THR A 266 10.46 -33.09 31.92
N GLN A 267 11.58 -33.17 31.22
CA GLN A 267 12.42 -34.36 31.33
C GLN A 267 13.80 -34.05 31.86
N TRP A 268 14.54 -33.15 31.20
CA TRP A 268 15.85 -32.74 31.69
C TRP A 268 16.23 -31.40 31.07
N THR A 269 16.88 -30.57 31.88
CA THR A 269 17.30 -29.23 31.49
C THR A 269 18.81 -29.15 31.51
N TYR A 270 19.39 -28.51 30.50
CA TYR A 270 20.84 -28.47 30.31
C TYR A 270 21.23 -27.04 29.98
N GLY A 271 21.45 -26.22 31.01
CA GLY A 271 21.71 -24.82 30.83
C GLY A 271 20.53 -24.13 30.19
N PRO A 272 20.70 -23.67 28.95
CA PRO A 272 19.58 -23.15 28.17
C PRO A 272 18.77 -24.22 27.45
N LEU A 273 19.15 -25.49 27.54
CA LEU A 273 18.42 -26.53 26.86
C LEU A 273 17.22 -26.95 27.69
N THR A 274 16.12 -27.22 27.01
CA THR A 274 14.91 -27.68 27.66
C THR A 274 14.38 -28.85 26.87
N SER A 275 14.18 -29.97 27.55
CA SER A 275 13.72 -31.21 26.94
C SER A 275 12.43 -31.61 27.65
N THR A 276 11.30 -31.49 26.97
CA THR A 276 10.01 -31.80 27.55
C THR A 276 9.29 -32.83 26.71
N LEU A 277 8.38 -33.56 27.37
CA LEU A 277 7.63 -34.65 26.76
C LEU A 277 6.16 -34.28 26.78
N TYR A 278 5.61 -33.94 25.61
CA TYR A 278 4.18 -33.66 25.60
C TYR A 278 3.40 -34.97 25.64
N ASP A 279 2.10 -34.82 25.93
CA ASP A 279 1.30 -35.98 26.27
C ASP A 279 0.96 -36.83 25.05
N LEU A 280 0.18 -36.27 24.12
CA LEU A 280 -0.29 -36.94 22.90
C LEU A 280 -1.07 -38.22 23.25
N THR A 281 -2.25 -38.01 23.82
CA THR A 281 -3.26 -39.06 23.72
C THR A 281 -4.63 -38.52 23.40
N GLU A 282 -4.86 -37.22 23.52
CA GLU A 282 -6.14 -36.63 23.24
C GLU A 282 -6.19 -35.98 21.87
N ILE A 283 -5.09 -35.98 21.14
CA ILE A 283 -4.92 -35.10 20.00
C ILE A 283 -4.51 -35.86 18.74
N ASP A 284 -4.90 -37.14 18.65
CA ASP A 284 -4.64 -37.91 17.44
C ASP A 284 -5.67 -39.00 17.30
N SER A 285 -5.94 -39.39 16.06
CA SER A 285 -6.99 -40.34 15.72
C SER A 285 -6.75 -41.73 16.31
N SER A 286 -7.55 -42.09 17.31
CA SER A 286 -7.43 -43.34 18.02
C SER A 286 -8.58 -44.30 17.76
N GLY A 287 -9.03 -44.43 16.51
CA GLY A 287 -10.30 -45.09 16.30
C GLY A 287 -11.41 -44.10 16.06
N ASP A 288 -12.10 -43.73 17.15
CA ASP A 288 -13.24 -42.82 17.19
C ASP A 288 -13.07 -41.52 16.40
N GLU A 289 -14.18 -40.96 15.93
CA GLU A 289 -14.20 -39.83 15.03
C GLU A 289 -13.96 -38.50 15.72
N GLN A 290 -13.68 -38.49 17.01
CA GLN A 290 -13.64 -37.25 17.77
C GLN A 290 -12.31 -37.08 18.47
N SER A 291 -11.21 -37.24 17.73
CA SER A 291 -9.90 -37.18 18.38
C SER A 291 -9.55 -35.81 18.92
N LEU A 292 -9.00 -34.93 18.09
CA LEU A 292 -9.12 -33.49 18.26
C LEU A 292 -9.06 -32.80 16.92
N LEU A 293 -8.34 -33.41 15.98
CA LEU A 293 -7.97 -32.71 14.78
C LEU A 293 -9.04 -32.72 13.72
N GLU A 294 -9.95 -33.71 13.77
CA GLU A 294 -11.11 -33.67 12.89
C GLU A 294 -12.00 -32.50 13.26
N LEU A 295 -12.00 -32.13 14.53
CA LEU A 295 -12.91 -31.09 15.03
C LEU A 295 -12.48 -29.73 14.55
N ILE A 296 -11.17 -29.51 14.40
CA ILE A 296 -10.69 -28.21 13.98
C ILE A 296 -11.00 -27.96 12.52
N ILE A 297 -10.97 -29.00 11.71
CA ILE A 297 -11.29 -28.82 10.30
C ILE A 297 -12.79 -28.72 10.12
N THR A 298 -13.57 -29.54 10.84
CA THR A 298 -15.01 -29.57 10.61
C THR A 298 -15.73 -28.39 11.23
N THR A 299 -15.09 -27.60 12.09
CA THR A 299 -15.77 -26.42 12.59
C THR A 299 -15.64 -25.29 11.59
N LYS A 300 -16.34 -24.19 11.86
CA LYS A 300 -16.37 -23.05 10.95
C LYS A 300 -15.77 -21.79 11.52
N LYS A 301 -15.53 -21.75 12.82
CA LYS A 301 -15.08 -20.52 13.46
C LYS A 301 -13.64 -20.21 13.06
N ARG A 302 -13.44 -19.01 12.53
CA ARG A 302 -12.11 -18.58 12.11
C ARG A 302 -11.19 -18.37 13.30
N GLU A 303 -11.73 -18.09 14.48
CA GLU A 303 -10.89 -17.84 15.64
C GLU A 303 -10.18 -19.10 16.10
N ALA A 304 -10.83 -20.26 15.96
CA ALA A 304 -10.27 -21.49 16.51
C ALA A 304 -9.19 -22.10 15.65
N ARG A 305 -9.08 -21.71 14.37
CA ARG A 305 -8.03 -22.24 13.52
C ARG A 305 -6.65 -21.73 13.92
N GLN A 306 -6.57 -20.70 14.74
CA GLN A 306 -5.32 -20.25 15.33
C GLN A 306 -4.87 -21.11 16.49
N ILE A 307 -5.48 -22.27 16.72
CA ILE A 307 -4.92 -23.22 17.68
C ILE A 307 -3.71 -23.93 17.11
N LEU A 308 -3.50 -23.86 15.79
CA LEU A 308 -2.46 -24.58 15.10
C LEU A 308 -1.09 -23.96 15.25
N ASP A 309 -0.90 -23.00 16.16
CA ASP A 309 0.41 -22.43 16.41
C ASP A 309 0.86 -22.58 17.85
N GLN A 310 0.10 -23.30 18.68
CA GLN A 310 0.62 -23.65 19.97
C GLN A 310 1.65 -24.78 19.83
N THR A 311 2.36 -25.05 20.91
CA THR A 311 3.55 -25.90 20.82
C THR A 311 3.29 -27.35 20.45
N PRO A 312 2.46 -28.16 21.13
CA PRO A 312 2.54 -29.59 20.88
C PRO A 312 1.84 -30.04 19.61
N VAL A 313 1.08 -29.15 18.96
CA VAL A 313 0.29 -29.52 17.80
C VAL A 313 1.01 -29.18 16.51
N LYS A 314 1.56 -27.96 16.42
CA LYS A 314 2.23 -27.51 15.21
C LYS A 314 3.46 -28.34 14.90
N GLU A 315 4.19 -28.77 15.91
CA GLU A 315 5.31 -29.67 15.68
C GLU A 315 4.82 -31.04 15.24
N LEU A 316 3.70 -31.50 15.81
CA LEU A 316 3.15 -32.81 15.47
C LEU A 316 2.71 -32.86 14.01
N VAL A 317 1.95 -31.86 13.59
CA VAL A 317 1.40 -31.90 12.25
C VAL A 317 2.49 -31.66 11.21
N SER A 318 3.53 -30.91 11.57
CA SER A 318 4.63 -30.73 10.63
C SER A 318 5.47 -31.97 10.53
N LEU A 319 5.60 -32.71 11.63
CA LEU A 319 6.30 -33.99 11.60
C LEU A 319 5.54 -34.99 10.76
N LYS A 320 4.23 -35.08 10.96
CA LYS A 320 3.45 -36.09 10.27
C LYS A 320 3.28 -35.75 8.79
N TRP A 321 3.34 -34.47 8.44
CA TRP A 321 3.27 -34.16 7.02
C TRP A 321 4.60 -34.43 6.32
N LYS A 322 5.70 -34.13 7.00
CA LYS A 322 7.01 -34.30 6.37
C LYS A 322 7.38 -35.77 6.26
N ARG A 323 7.53 -36.44 7.40
CA ARG A 323 7.74 -37.87 7.38
C ARG A 323 6.41 -38.54 7.06
N TYR A 324 6.42 -39.30 5.97
CA TYR A 324 5.38 -40.21 5.50
C TYR A 324 4.14 -39.53 4.94
N GLY A 325 3.99 -38.23 5.13
CA GLY A 325 2.74 -37.59 4.75
C GLY A 325 2.75 -37.05 3.35
N ARG A 326 3.72 -36.19 3.08
CA ARG A 326 3.91 -35.62 1.75
C ARG A 326 4.11 -36.65 0.63
N PRO A 327 4.99 -37.65 0.73
CA PRO A 327 5.20 -38.49 -0.47
C PRO A 327 4.04 -39.42 -0.77
N TYR A 328 3.23 -39.79 0.22
CA TYR A 328 2.02 -40.54 -0.10
C TYR A 328 1.01 -39.68 -0.84
N PHE A 329 1.02 -38.38 -0.60
CA PHE A 329 0.10 -37.51 -1.31
C PHE A 329 0.54 -37.31 -2.75
N CYS A 330 1.84 -37.15 -2.98
CA CYS A 330 2.32 -36.91 -4.34
C CYS A 330 2.24 -38.16 -5.18
N MET A 331 2.58 -39.31 -4.60
CA MET A 331 2.44 -40.57 -5.32
C MET A 331 0.97 -40.93 -5.52
N LEU A 332 0.08 -40.41 -4.68
CA LEU A 332 -1.33 -40.45 -5.03
C LEU A 332 -1.58 -39.55 -6.24
N GLY A 333 -0.95 -38.38 -6.28
CA GLY A 333 -1.19 -37.46 -7.36
C GLY A 333 -0.61 -37.91 -8.68
N ALA A 334 0.48 -38.68 -8.64
CA ALA A 334 1.09 -39.16 -9.86
C ALA A 334 0.22 -40.19 -10.56
N ILE A 335 -0.58 -40.94 -9.80
CA ILE A 335 -1.52 -41.88 -10.40
C ILE A 335 -2.59 -41.12 -11.16
N TYR A 336 -3.11 -40.06 -10.55
CA TYR A 336 -4.19 -39.31 -11.16
C TYR A 336 -3.74 -38.55 -12.40
N LEU A 337 -2.48 -38.14 -12.43
CA LEU A 337 -1.99 -37.44 -13.62
C LEU A 337 -1.92 -38.39 -14.80
N LEU A 338 -1.49 -39.63 -14.57
CA LEU A 338 -1.54 -40.64 -15.61
C LEU A 338 -2.96 -41.08 -15.92
N TYR A 339 -3.89 -40.89 -14.99
CA TYR A 339 -5.28 -41.23 -15.26
C TYR A 339 -5.86 -40.29 -16.31
N ILE A 340 -5.57 -39.00 -16.20
CA ILE A 340 -6.16 -38.03 -17.12
C ILE A 340 -5.50 -38.14 -18.48
N ILE A 341 -4.18 -38.40 -18.51
CA ILE A 341 -3.47 -38.66 -19.75
C ILE A 341 -4.05 -39.88 -20.44
N CYS A 342 -4.32 -40.93 -19.68
CA CYS A 342 -4.96 -42.10 -20.25
C CYS A 342 -6.42 -41.84 -20.55
N PHE A 343 -6.99 -40.77 -19.99
CA PHE A 343 -8.33 -40.37 -20.40
C PHE A 343 -8.30 -39.53 -21.66
N THR A 344 -7.40 -38.54 -21.71
CA THR A 344 -7.48 -37.57 -22.79
C THR A 344 -6.93 -38.15 -24.09
N MET A 345 -6.03 -39.13 -24.01
CA MET A 345 -5.63 -39.82 -25.23
C MET A 345 -6.74 -40.71 -25.72
N CYS A 346 -7.47 -41.33 -24.79
CA CYS A 346 -8.69 -42.04 -25.14
C CYS A 346 -9.79 -41.07 -25.54
N CYS A 347 -9.68 -39.82 -25.14
CA CYS A 347 -10.64 -38.84 -25.60
C CYS A 347 -10.34 -38.42 -27.05
N ILE A 348 -9.08 -38.12 -27.36
CA ILE A 348 -8.77 -37.58 -28.67
C ILE A 348 -8.81 -38.62 -29.77
N TYR A 349 -8.60 -39.89 -29.47
CA TYR A 349 -8.87 -40.95 -30.42
C TYR A 349 -10.31 -41.35 -30.22
N ARG A 350 -11.08 -41.42 -31.31
CA ARG A 350 -12.49 -41.58 -31.13
C ARG A 350 -13.03 -42.17 -32.42
N PRO A 351 -13.96 -43.12 -32.37
CA PRO A 351 -14.36 -43.79 -33.61
C PRO A 351 -15.22 -42.91 -34.51
N LEU A 352 -14.55 -42.04 -35.25
CA LEU A 352 -15.19 -41.20 -36.24
C LEU A 352 -15.41 -41.98 -37.51
N LYS A 353 -16.05 -41.33 -38.47
CA LYS A 353 -16.24 -41.88 -39.81
C LYS A 353 -16.45 -40.71 -40.76
N PRO A 354 -16.19 -40.88 -42.05
CA PRO A 354 -16.53 -39.81 -42.98
C PRO A 354 -18.03 -39.62 -43.07
N ARG A 355 -18.42 -38.43 -43.52
CA ARG A 355 -19.82 -38.04 -43.57
C ARG A 355 -20.52 -38.84 -44.66
N THR A 356 -21.23 -39.88 -44.25
CA THR A 356 -21.92 -40.75 -45.18
C THR A 356 -23.43 -40.54 -45.07
N ASN A 357 -24.10 -40.75 -46.22
CA ASN A 357 -25.56 -40.81 -46.36
C ASN A 357 -26.28 -39.51 -45.99
N ASN A 358 -25.55 -38.44 -45.74
CA ASN A 358 -26.12 -37.18 -45.28
C ASN A 358 -25.29 -36.07 -45.90
N ARG A 359 -25.84 -35.40 -46.89
CA ARG A 359 -25.14 -34.30 -47.53
C ARG A 359 -25.24 -33.05 -46.67
N THR A 360 -24.71 -31.95 -47.17
CA THR A 360 -24.90 -30.64 -46.54
C THR A 360 -26.13 -29.95 -47.15
N SER A 361 -27.22 -30.70 -47.17
CA SER A 361 -28.50 -30.26 -47.74
C SER A 361 -29.09 -29.06 -47.00
N PRO A 362 -28.97 -28.92 -45.66
CA PRO A 362 -29.12 -27.57 -45.10
C PRO A 362 -27.91 -26.73 -45.46
N ARG A 363 -28.09 -25.80 -46.40
CA ARG A 363 -26.95 -25.06 -46.91
C ARG A 363 -26.60 -23.93 -45.95
N ASP A 364 -25.30 -23.82 -45.65
CA ASP A 364 -24.72 -22.83 -44.73
C ASP A 364 -25.25 -23.03 -43.31
N ASN A 365 -25.68 -24.25 -43.02
CA ASN A 365 -26.14 -24.61 -41.69
C ASN A 365 -25.36 -25.76 -41.09
N THR A 366 -25.05 -26.79 -41.87
CA THR A 366 -24.23 -27.90 -41.40
C THR A 366 -22.88 -27.80 -42.09
N LEU A 367 -21.87 -27.39 -41.35
CA LEU A 367 -20.50 -27.51 -41.81
C LEU A 367 -19.87 -28.57 -40.93
N LEU A 368 -20.10 -29.83 -41.30
CA LEU A 368 -19.71 -30.98 -40.50
C LEU A 368 -19.25 -32.07 -41.46
N GLN A 369 -18.44 -33.00 -40.94
CA GLN A 369 -17.93 -34.08 -41.77
C GLN A 369 -17.92 -35.46 -41.12
N GLN A 370 -18.41 -35.64 -39.90
CA GLN A 370 -18.14 -36.92 -39.26
C GLN A 370 -19.36 -37.78 -39.01
N LYS A 371 -20.28 -37.37 -38.13
CA LYS A 371 -21.44 -38.17 -37.72
C LYS A 371 -21.01 -39.60 -37.31
N LEU A 372 -20.31 -39.66 -36.17
CA LEU A 372 -19.42 -40.74 -35.77
C LEU A 372 -20.06 -42.14 -35.78
N LEU A 373 -19.19 -43.15 -35.75
CA LEU A 373 -19.55 -44.56 -35.89
C LEU A 373 -20.40 -45.06 -34.73
N GLN A 374 -20.87 -46.30 -34.87
CA GLN A 374 -21.77 -46.90 -33.90
C GLN A 374 -21.19 -48.11 -33.19
N GLU A 375 -20.81 -49.16 -33.93
CA GLU A 375 -20.33 -50.40 -33.32
C GLU A 375 -19.17 -50.97 -34.12
N ALA A 376 -18.31 -50.12 -34.64
CA ALA A 376 -17.21 -50.57 -35.48
C ALA A 376 -15.91 -50.47 -34.70
N TYR A 377 -15.54 -51.56 -34.03
CA TYR A 377 -14.25 -51.65 -33.35
C TYR A 377 -13.33 -52.68 -34.00
N MET A 378 -13.63 -53.10 -35.23
CA MET A 378 -12.90 -54.21 -35.85
C MET A 378 -11.55 -53.73 -36.35
N THR A 379 -10.63 -53.52 -35.39
CA THR A 379 -9.27 -53.06 -35.61
C THR A 379 -8.46 -53.38 -34.36
N PRO A 380 -7.28 -53.98 -34.48
CA PRO A 380 -6.46 -54.24 -33.27
C PRO A 380 -5.91 -52.99 -32.63
N LYS A 381 -5.84 -51.87 -33.36
CA LYS A 381 -5.48 -50.60 -32.75
C LYS A 381 -6.57 -50.13 -31.80
N ASP A 382 -7.82 -50.51 -32.06
CA ASP A 382 -8.91 -50.15 -31.16
C ASP A 382 -8.81 -50.86 -29.83
N ASP A 383 -8.15 -52.02 -29.79
CA ASP A 383 -7.94 -52.71 -28.53
C ASP A 383 -7.06 -51.90 -27.60
N ILE A 384 -6.10 -51.16 -28.18
CA ILE A 384 -5.31 -50.22 -27.39
C ILE A 384 -6.20 -49.13 -26.82
N ARG A 385 -7.16 -48.66 -27.62
CA ARG A 385 -8.14 -47.73 -27.07
C ARG A 385 -9.08 -48.44 -26.12
N LEU A 386 -9.36 -49.73 -26.37
CA LEU A 386 -10.23 -50.49 -25.48
C LEU A 386 -9.58 -50.70 -24.12
N VAL A 387 -8.25 -50.66 -24.06
CA VAL A 387 -7.57 -50.54 -22.78
C VAL A 387 -8.01 -49.27 -22.06
N GLY A 388 -7.77 -48.12 -22.70
CA GLY A 388 -7.90 -46.84 -22.02
C GLY A 388 -9.33 -46.49 -21.66
N GLU A 389 -10.29 -46.87 -22.50
CA GLU A 389 -11.69 -46.71 -22.14
C GLU A 389 -12.04 -47.58 -20.94
N LEU A 390 -11.50 -48.79 -20.88
CA LEU A 390 -11.72 -49.62 -19.71
C LEU A 390 -10.94 -49.09 -18.51
N VAL A 391 -9.81 -48.43 -18.76
CA VAL A 391 -9.01 -47.87 -17.67
C VAL A 391 -9.79 -46.76 -16.98
N THR A 392 -10.34 -45.82 -17.74
CA THR A 392 -10.96 -44.67 -17.13
C THR A 392 -12.31 -45.01 -16.50
N VAL A 393 -12.98 -46.06 -16.96
CA VAL A 393 -14.33 -46.26 -16.47
C VAL A 393 -14.31 -46.95 -15.12
N ILE A 394 -13.28 -47.75 -14.86
CA ILE A 394 -13.20 -48.46 -13.59
C ILE A 394 -12.81 -47.51 -12.47
N GLY A 395 -11.88 -46.59 -12.76
CA GLY A 395 -11.50 -45.60 -11.77
C GLY A 395 -12.60 -44.62 -11.44
N ALA A 396 -13.53 -44.43 -12.38
CA ALA A 396 -14.69 -43.60 -12.09
C ALA A 396 -15.56 -44.22 -11.01
N ILE A 397 -15.68 -45.54 -11.02
CA ILE A 397 -16.39 -46.24 -9.96
C ILE A 397 -15.61 -46.13 -8.66
N ILE A 398 -14.28 -46.10 -8.75
CA ILE A 398 -13.45 -45.98 -7.55
C ILE A 398 -13.64 -44.63 -6.91
N ILE A 399 -13.72 -43.58 -7.72
CA ILE A 399 -13.92 -42.23 -7.20
C ILE A 399 -15.29 -42.10 -6.54
N LEU A 400 -16.30 -42.73 -7.13
CA LEU A 400 -17.63 -42.72 -6.54
C LEU A 400 -17.68 -43.47 -5.22
N LEU A 401 -17.12 -44.66 -5.18
CA LEU A 401 -17.22 -45.49 -4.00
C LEU A 401 -16.15 -45.18 -2.95
N VAL A 402 -15.46 -44.04 -3.07
CA VAL A 402 -14.52 -43.65 -2.04
C VAL A 402 -14.92 -42.33 -1.37
N GLU A 403 -15.75 -41.51 -2.03
CA GLU A 403 -16.06 -40.20 -1.47
C GLU A 403 -17.56 -40.01 -1.34
N VAL A 404 -18.34 -40.64 -2.22
CA VAL A 404 -19.78 -40.66 -2.04
C VAL A 404 -20.22 -42.11 -1.90
N PRO A 405 -20.04 -42.70 -0.72
CA PRO A 405 -20.40 -44.11 -0.54
C PRO A 405 -21.89 -44.33 -0.39
N ASP A 406 -22.66 -43.27 -0.20
CA ASP A 406 -24.07 -43.37 0.13
C ASP A 406 -24.92 -43.42 -1.14
N ILE A 407 -24.55 -44.33 -2.03
CA ILE A 407 -25.28 -44.53 -3.27
C ILE A 407 -26.02 -45.87 -3.27
N PHE A 408 -25.63 -46.82 -2.41
CA PHE A 408 -26.37 -48.06 -2.24
C PHE A 408 -27.73 -47.80 -1.60
N ARG A 409 -27.86 -46.72 -0.84
CA ARG A 409 -29.17 -46.28 -0.34
C ARG A 409 -30.08 -45.81 -1.48
N MET A 410 -29.50 -45.31 -2.57
CA MET A 410 -30.19 -44.77 -3.74
C MET A 410 -31.12 -43.61 -3.35
N GLY A 411 -30.50 -42.56 -2.82
CA GLY A 411 -31.23 -41.37 -2.42
C GLY A 411 -30.92 -40.17 -3.28
N VAL A 412 -31.94 -39.65 -3.98
CA VAL A 412 -31.72 -38.49 -4.84
C VAL A 412 -31.62 -37.21 -4.02
N THR A 413 -32.44 -37.06 -2.98
CA THR A 413 -32.38 -35.91 -2.08
C THR A 413 -31.17 -35.94 -1.16
N ARG A 414 -30.46 -37.07 -1.10
CA ARG A 414 -29.19 -37.15 -0.40
C ARG A 414 -28.12 -36.26 -1.04
N PHE A 415 -28.27 -35.95 -2.33
CA PHE A 415 -27.30 -35.14 -3.06
C PHE A 415 -27.26 -33.71 -2.54
N PHE A 416 -28.37 -33.22 -1.98
CA PHE A 416 -28.39 -31.90 -1.35
C PHE A 416 -27.53 -31.87 -0.10
N GLY A 417 -27.47 -32.98 0.63
CA GLY A 417 -26.57 -33.13 1.75
C GLY A 417 -25.16 -33.50 1.39
N GLN A 418 -24.78 -33.37 0.12
CA GLN A 418 -23.44 -33.67 -0.35
C GLN A 418 -22.80 -32.49 -1.06
N THR A 419 -23.56 -31.44 -1.36
CA THR A 419 -23.04 -30.27 -2.06
C THR A 419 -22.28 -29.35 -1.11
N ILE A 420 -22.98 -28.78 -0.12
CA ILE A 420 -22.30 -27.88 0.81
C ILE A 420 -21.52 -28.69 1.84
N LEU A 421 -21.97 -29.90 2.14
CA LEU A 421 -21.19 -30.80 3.00
C LEU A 421 -20.09 -31.38 2.13
N GLY A 422 -18.89 -30.81 2.24
CA GLY A 422 -17.78 -31.15 1.38
C GLY A 422 -17.20 -29.88 0.79
N GLY A 423 -15.93 -29.93 0.45
CA GLY A 423 -15.23 -28.78 -0.08
C GLY A 423 -15.56 -28.53 -1.53
N PRO A 424 -15.03 -27.42 -2.07
CA PRO A 424 -15.30 -27.09 -3.48
C PRO A 424 -14.66 -28.07 -4.45
N PHE A 425 -13.50 -28.61 -4.09
CA PHE A 425 -12.92 -29.69 -4.87
C PHE A 425 -13.54 -31.04 -4.55
N HIS A 426 -14.34 -31.13 -3.49
CA HIS A 426 -15.16 -32.31 -3.27
C HIS A 426 -16.46 -32.26 -4.05
N VAL A 427 -16.56 -31.38 -5.04
CA VAL A 427 -17.74 -31.28 -5.89
C VAL A 427 -17.42 -31.63 -7.33
N LEU A 428 -16.31 -31.11 -7.84
CA LEU A 428 -15.95 -31.30 -9.24
C LEU A 428 -15.69 -32.76 -9.56
N ILE A 429 -14.90 -33.41 -8.71
CA ILE A 429 -14.50 -34.78 -9.01
C ILE A 429 -15.69 -35.73 -8.90
N ILE A 430 -16.69 -35.37 -8.10
CA ILE A 430 -17.96 -36.08 -8.17
C ILE A 430 -18.63 -35.85 -9.52
N THR A 431 -18.68 -34.60 -9.96
CA THR A 431 -19.25 -34.32 -11.27
C THR A 431 -18.35 -34.77 -12.40
N TYR A 432 -17.07 -35.02 -12.11
CA TYR A 432 -16.23 -35.69 -13.08
C TYR A 432 -16.71 -37.11 -13.34
N ALA A 433 -17.30 -37.73 -12.33
CA ALA A 433 -17.70 -39.12 -12.50
C ALA A 433 -18.93 -39.26 -13.37
N PHE A 434 -19.92 -38.37 -13.19
CA PHE A 434 -21.19 -38.50 -13.90
C PHE A 434 -21.00 -38.38 -15.41
N MET A 435 -20.12 -37.49 -15.83
CA MET A 435 -19.85 -37.33 -17.26
C MET A 435 -19.17 -38.57 -17.81
N VAL A 436 -18.29 -39.18 -17.03
CA VAL A 436 -17.68 -40.43 -17.46
C VAL A 436 -18.71 -41.55 -17.35
N LEU A 437 -19.71 -41.40 -16.49
CA LEU A 437 -20.79 -42.37 -16.52
C LEU A 437 -21.64 -42.22 -17.78
N VAL A 438 -21.78 -41.00 -18.29
CA VAL A 438 -22.64 -40.80 -19.47
C VAL A 438 -21.99 -41.42 -20.70
N THR A 439 -20.67 -41.27 -20.86
CA THR A 439 -20.00 -41.90 -21.99
C THR A 439 -19.94 -43.42 -21.86
N MET A 440 -20.17 -43.95 -20.66
CA MET A 440 -20.50 -45.37 -20.56
C MET A 440 -21.95 -45.61 -20.95
N VAL A 441 -22.85 -44.70 -20.55
CA VAL A 441 -24.27 -44.86 -20.86
C VAL A 441 -24.52 -44.64 -22.34
N MET A 442 -23.95 -43.56 -22.90
CA MET A 442 -24.32 -43.13 -24.24
C MET A 442 -23.82 -44.10 -25.30
N ARG A 443 -22.58 -44.57 -25.16
CA ARG A 443 -21.96 -45.36 -26.20
C ARG A 443 -22.53 -46.77 -26.31
N LEU A 444 -23.25 -47.23 -25.29
CA LEU A 444 -24.04 -48.43 -25.47
C LEU A 444 -25.39 -48.11 -26.11
N ILE A 445 -25.92 -46.92 -25.85
CA ILE A 445 -27.19 -46.53 -26.44
C ILE A 445 -26.99 -45.99 -27.85
N SER A 446 -25.86 -45.29 -28.06
CA SER A 446 -25.45 -44.72 -29.35
C SER A 446 -26.49 -43.75 -29.90
N ALA A 447 -26.66 -42.64 -29.19
CA ALA A 447 -27.46 -41.54 -29.67
C ALA A 447 -26.54 -40.47 -30.26
N SER A 448 -27.13 -39.34 -30.66
CA SER A 448 -26.39 -38.36 -31.45
C SER A 448 -25.47 -37.51 -30.58
N GLY A 449 -26.02 -36.92 -29.53
CA GLY A 449 -25.26 -36.02 -28.67
C GLY A 449 -24.17 -36.73 -27.90
N GLU A 450 -22.94 -36.53 -28.31
CA GLU A 450 -21.86 -37.30 -27.72
C GLU A 450 -20.72 -36.41 -27.22
N VAL A 451 -20.40 -35.34 -27.92
CA VAL A 451 -19.26 -34.52 -27.54
C VAL A 451 -19.58 -33.62 -26.36
N VAL A 452 -20.85 -33.38 -26.09
CA VAL A 452 -21.23 -32.47 -25.02
C VAL A 452 -20.89 -33.01 -23.62
N PRO A 453 -21.25 -34.25 -23.25
CA PRO A 453 -20.81 -34.70 -21.92
C PRO A 453 -19.34 -34.97 -21.88
N MET A 454 -18.76 -35.32 -23.02
CA MET A 454 -17.31 -35.49 -23.11
C MET A 454 -16.60 -34.17 -22.91
N SER A 455 -17.25 -33.06 -23.27
CA SER A 455 -16.64 -31.75 -23.15
C SER A 455 -16.41 -31.38 -21.70
N PHE A 456 -17.45 -31.50 -20.87
CA PHE A 456 -17.27 -31.27 -19.45
C PHE A 456 -16.36 -32.32 -18.83
N ALA A 457 -16.41 -33.53 -19.37
CA ALA A 457 -15.55 -34.61 -18.89
C ALA A 457 -14.08 -34.32 -19.11
N LEU A 458 -13.76 -33.46 -20.06
CA LEU A 458 -12.37 -33.20 -20.41
C LEU A 458 -11.83 -31.95 -19.74
N VAL A 459 -12.66 -30.94 -19.53
CA VAL A 459 -12.18 -29.69 -18.96
C VAL A 459 -12.29 -29.69 -17.43
N LEU A 460 -13.28 -30.37 -16.86
CA LEU A 460 -13.32 -30.48 -15.41
C LEU A 460 -12.25 -31.43 -14.91
N GLY A 461 -11.79 -32.34 -15.77
CA GLY A 461 -10.72 -33.23 -15.36
C GLY A 461 -9.42 -32.49 -15.12
N TRP A 462 -8.96 -31.73 -16.12
CA TRP A 462 -7.67 -31.08 -15.99
C TRP A 462 -7.69 -29.96 -14.96
N CYS A 463 -8.81 -29.28 -14.81
CA CYS A 463 -8.91 -28.25 -13.78
C CYS A 463 -8.82 -28.83 -12.38
N ASN A 464 -9.14 -30.11 -12.23
CA ASN A 464 -9.12 -30.73 -10.93
C ASN A 464 -7.72 -30.94 -10.40
N VAL A 465 -6.67 -30.82 -11.22
CA VAL A 465 -5.34 -31.17 -10.74
C VAL A 465 -4.79 -30.13 -9.79
N MET A 466 -5.43 -28.97 -9.68
CA MET A 466 -5.09 -28.01 -8.64
C MET A 466 -5.39 -28.52 -7.25
N TYR A 467 -6.29 -29.49 -7.13
CA TYR A 467 -6.51 -30.16 -5.85
C TYR A 467 -5.24 -30.82 -5.36
N PHE A 468 -4.36 -31.24 -6.26
CA PHE A 468 -3.04 -31.72 -5.89
C PHE A 468 -2.01 -30.60 -5.83
N ALA A 469 -2.37 -29.40 -6.22
CA ALA A 469 -1.49 -28.26 -6.02
C ALA A 469 -1.70 -27.61 -4.66
N ARG A 470 -2.34 -28.31 -3.73
CA ARG A 470 -2.42 -27.80 -2.36
C ARG A 470 -1.05 -27.67 -1.76
N GLY A 471 -0.35 -28.77 -1.61
CA GLY A 471 0.99 -28.70 -1.11
C GLY A 471 1.97 -28.65 -2.26
N PHE A 472 2.77 -29.72 -2.35
CA PHE A 472 3.72 -30.09 -3.40
C PHE A 472 4.96 -29.21 -3.42
N GLN A 473 4.87 -28.02 -2.83
CA GLN A 473 5.95 -27.12 -2.48
C GLN A 473 5.23 -25.97 -1.79
N MET A 474 5.93 -24.88 -1.51
CA MET A 474 5.29 -23.67 -1.03
C MET A 474 4.65 -22.87 -2.17
N LEU A 475 4.60 -23.42 -3.39
CA LEU A 475 3.98 -22.75 -4.53
C LEU A 475 2.52 -23.15 -4.67
N GLY A 476 1.82 -23.11 -3.55
CA GLY A 476 0.43 -23.51 -3.47
C GLY A 476 -0.49 -22.77 -2.51
N PRO A 477 -0.03 -21.80 -1.71
CA PRO A 477 -0.92 -20.73 -1.27
C PRO A 477 -1.22 -19.67 -2.33
N PHE A 478 -0.84 -19.91 -3.58
CA PHE A 478 -1.48 -19.20 -4.66
C PHE A 478 -2.88 -19.75 -4.90
N THR A 479 -3.09 -21.05 -4.70
CA THR A 479 -4.37 -21.63 -5.02
C THR A 479 -5.41 -21.32 -3.96
N ILE A 480 -4.97 -21.07 -2.72
CA ILE A 480 -5.92 -20.61 -1.73
C ILE A 480 -6.31 -19.17 -1.99
N MET A 481 -5.51 -18.43 -2.75
CA MET A 481 -5.87 -17.05 -3.07
C MET A 481 -6.93 -17.03 -4.16
N ILE A 482 -6.77 -17.84 -5.20
CA ILE A 482 -7.74 -17.85 -6.28
C ILE A 482 -9.06 -18.46 -5.84
N GLN A 483 -9.05 -19.29 -4.80
CA GLN A 483 -10.29 -19.73 -4.18
C GLN A 483 -11.05 -18.57 -3.55
N LYS A 484 -10.33 -17.72 -2.81
CA LYS A 484 -10.99 -16.60 -2.13
C LYS A 484 -11.46 -15.55 -3.11
N MET A 485 -10.90 -15.51 -4.30
CA MET A 485 -11.27 -14.50 -5.27
C MET A 485 -12.44 -14.92 -6.14
N ILE A 486 -12.54 -16.20 -6.50
CA ILE A 486 -13.58 -16.62 -7.42
C ILE A 486 -14.93 -16.61 -6.74
N PHE A 487 -14.98 -16.78 -5.43
CA PHE A 487 -16.19 -16.56 -4.67
C PHE A 487 -16.20 -15.12 -4.19
N GLY A 488 -17.25 -14.40 -4.53
CA GLY A 488 -17.26 -13.00 -4.19
C GLY A 488 -16.67 -12.15 -5.29
N ASP A 489 -15.37 -11.86 -5.18
CA ASP A 489 -14.72 -10.73 -5.82
C ASP A 489 -14.60 -10.85 -7.34
N LEU A 490 -15.05 -11.93 -7.95
CA LEU A 490 -15.41 -11.91 -9.36
C LEU A 490 -16.89 -12.16 -9.58
N MET A 491 -17.53 -12.91 -8.69
CA MET A 491 -18.97 -13.11 -8.77
C MET A 491 -19.72 -11.81 -8.48
N ARG A 492 -19.13 -10.90 -7.69
CA ARG A 492 -19.67 -9.56 -7.53
C ARG A 492 -19.34 -8.67 -8.71
N PHE A 493 -18.51 -9.13 -9.62
CA PHE A 493 -18.29 -8.46 -10.89
C PHE A 493 -19.07 -9.10 -12.02
N CYS A 494 -19.36 -10.40 -11.91
CA CYS A 494 -20.01 -11.10 -13.01
C CYS A 494 -21.46 -10.66 -13.17
N TRP A 495 -22.10 -10.21 -12.10
CA TRP A 495 -23.44 -9.63 -12.23
C TRP A 495 -23.40 -8.31 -12.97
N LEU A 496 -22.56 -7.38 -12.52
CA LEU A 496 -22.56 -6.04 -13.08
C LEU A 496 -22.01 -5.97 -14.48
N MET A 497 -21.33 -7.01 -14.94
CA MET A 497 -21.04 -7.12 -16.36
C MET A 497 -22.33 -7.38 -17.13
N ALA A 498 -23.15 -8.32 -16.64
CA ALA A 498 -24.41 -8.62 -17.32
C ALA A 498 -25.44 -7.51 -17.14
N VAL A 499 -25.25 -6.64 -16.15
CA VAL A 499 -26.04 -5.43 -16.04
C VAL A 499 -25.83 -4.56 -17.26
N VAL A 500 -24.58 -4.25 -17.56
CA VAL A 500 -24.29 -3.27 -18.60
C VAL A 500 -24.47 -3.89 -19.96
N ILE A 501 -24.00 -5.13 -20.11
CA ILE A 501 -23.80 -5.66 -21.45
C ILE A 501 -25.09 -6.13 -22.05
N LEU A 502 -26.12 -6.37 -21.24
CA LEU A 502 -27.39 -6.75 -21.79
C LEU A 502 -28.10 -5.54 -22.39
N GLY A 503 -27.68 -4.35 -21.99
CA GLY A 503 -28.19 -3.15 -22.62
C GLY A 503 -27.63 -2.95 -24.01
N PHE A 504 -26.30 -2.83 -24.08
CA PHE A 504 -25.65 -2.44 -25.33
C PHE A 504 -25.85 -3.48 -26.41
N ALA A 505 -25.93 -4.75 -26.04
CA ALA A 505 -26.05 -5.80 -27.03
C ALA A 505 -27.40 -5.73 -27.71
N SER A 506 -28.45 -5.46 -26.95
CA SER A 506 -29.71 -5.19 -27.59
C SER A 506 -29.67 -3.87 -28.31
N ALA A 507 -28.94 -2.90 -27.76
CA ALA A 507 -28.80 -1.60 -28.40
C ALA A 507 -28.04 -1.71 -29.70
N PHE A 508 -27.07 -2.61 -29.76
CA PHE A 508 -26.45 -2.89 -31.03
C PHE A 508 -27.41 -3.63 -31.95
N TYR A 509 -28.23 -4.53 -31.37
CA TYR A 509 -29.11 -5.38 -32.16
C TYR A 509 -30.17 -4.55 -32.87
N ILE A 510 -30.63 -3.50 -32.22
CA ILE A 510 -31.49 -2.55 -32.89
C ILE A 510 -30.70 -1.80 -33.95
N ILE A 511 -29.50 -1.37 -33.62
CA ILE A 511 -28.84 -0.38 -34.46
C ILE A 511 -28.25 -1.01 -35.71
N PHE A 512 -28.16 -2.32 -35.76
CA PHE A 512 -27.82 -3.01 -37.00
C PHE A 512 -28.98 -3.83 -37.54
N GLN A 513 -30.19 -3.61 -37.03
CA GLN A 513 -31.33 -4.39 -37.50
C GLN A 513 -31.64 -4.11 -38.96
N THR A 514 -31.33 -2.91 -39.42
CA THR A 514 -31.57 -2.54 -40.81
C THR A 514 -30.36 -2.77 -41.70
N GLU A 515 -29.43 -3.63 -41.30
CA GLU A 515 -28.14 -3.69 -41.97
C GLU A 515 -27.94 -5.06 -42.62
N ASP A 516 -27.18 -5.07 -43.71
CA ASP A 516 -26.81 -6.30 -44.39
C ASP A 516 -25.99 -7.20 -43.48
N PRO A 517 -26.20 -8.49 -43.50
CA PRO A 517 -25.40 -9.38 -42.65
C PRO A 517 -24.05 -9.75 -43.24
N GLU A 518 -23.93 -9.82 -44.58
CA GLU A 518 -22.71 -10.32 -45.20
C GLU A 518 -21.52 -9.40 -45.03
N GLU A 519 -21.73 -8.15 -44.64
CA GLU A 519 -20.71 -7.30 -44.08
C GLU A 519 -21.12 -7.00 -42.66
N LEU A 520 -20.19 -7.18 -41.71
CA LEU A 520 -20.44 -7.08 -40.27
C LEU A 520 -21.58 -8.00 -39.84
N GLY A 521 -21.31 -9.29 -39.94
CA GLY A 521 -22.22 -10.27 -39.37
C GLY A 521 -22.00 -10.50 -37.90
N HIS A 522 -21.79 -9.43 -37.15
CA HIS A 522 -21.63 -9.56 -35.71
C HIS A 522 -22.98 -9.74 -35.04
N PHE A 523 -23.97 -8.99 -35.49
CA PHE A 523 -25.20 -8.81 -34.73
C PHE A 523 -26.42 -9.19 -35.54
N TYR A 524 -26.27 -10.16 -36.43
CA TYR A 524 -27.35 -10.50 -37.36
C TYR A 524 -28.49 -11.23 -36.70
N ASP A 525 -28.28 -11.78 -35.50
CA ASP A 525 -29.34 -12.38 -34.73
C ASP A 525 -28.96 -12.32 -33.25
N TYR A 526 -29.98 -12.13 -32.41
CA TYR A 526 -29.74 -11.85 -30.99
C TYR A 526 -29.02 -12.93 -30.20
N PRO A 527 -29.20 -14.25 -30.40
CA PRO A 527 -28.41 -15.20 -29.60
C PRO A 527 -26.92 -15.14 -29.86
N MET A 528 -26.50 -14.77 -31.06
CA MET A 528 -25.07 -14.58 -31.26
C MET A 528 -24.68 -13.14 -30.98
N ALA A 529 -25.61 -12.20 -31.16
CA ALA A 529 -25.33 -10.81 -30.85
C ALA A 529 -25.16 -10.58 -29.36
N LEU A 530 -25.83 -11.40 -28.55
CA LEU A 530 -25.53 -11.40 -27.13
C LEU A 530 -24.14 -11.94 -26.87
N PHE A 531 -23.70 -12.91 -27.66
CA PHE A 531 -22.37 -13.46 -27.44
C PHE A 531 -21.29 -12.50 -27.87
N SER A 532 -21.45 -11.89 -29.04
CA SER A 532 -20.36 -11.10 -29.59
C SER A 532 -20.13 -9.81 -28.82
N THR A 533 -21.15 -9.25 -28.21
CA THR A 533 -20.89 -8.07 -27.40
C THR A 533 -20.17 -8.47 -26.11
N PHE A 534 -20.42 -9.69 -25.63
CA PHE A 534 -19.56 -10.24 -24.58
C PHE A 534 -18.16 -10.49 -25.09
N GLU A 535 -17.99 -10.67 -26.39
CA GLU A 535 -16.65 -10.81 -26.91
C GLU A 535 -15.91 -9.48 -26.99
N LEU A 536 -16.63 -8.35 -27.00
CA LEU A 536 -15.96 -7.06 -26.99
C LEU A 536 -15.75 -6.48 -25.60
N PHE A 537 -16.38 -7.05 -24.57
CA PHE A 537 -16.18 -6.50 -23.25
C PHE A 537 -14.81 -6.88 -22.69
N LEU A 538 -14.27 -8.02 -23.11
CA LEU A 538 -12.98 -8.46 -22.65
C LEU A 538 -11.90 -8.23 -23.70
N THR A 539 -12.20 -7.34 -24.66
CA THR A 539 -11.30 -6.85 -25.71
C THR A 539 -10.77 -7.94 -26.60
N ILE A 540 -11.42 -9.09 -26.63
CA ILE A 540 -10.85 -10.22 -27.35
C ILE A 540 -11.01 -10.05 -28.85
N ILE A 541 -12.23 -9.79 -29.31
CA ILE A 541 -12.45 -9.56 -30.73
C ILE A 541 -12.09 -8.11 -31.02
N ASP A 542 -11.91 -7.78 -32.30
CA ASP A 542 -11.27 -6.54 -32.72
C ASP A 542 -12.16 -5.31 -32.60
N GLY A 543 -13.47 -5.46 -32.53
CA GLY A 543 -14.33 -4.30 -32.57
C GLY A 543 -14.63 -3.97 -34.01
N PRO A 544 -15.90 -4.04 -34.40
CA PRO A 544 -16.23 -4.13 -35.82
C PRO A 544 -16.02 -2.81 -36.55
N ALA A 545 -15.58 -2.95 -37.80
CA ALA A 545 -15.46 -1.86 -38.73
C ALA A 545 -15.38 -2.46 -40.11
N ASN A 546 -16.00 -1.81 -41.08
CA ASN A 546 -15.82 -2.24 -42.47
C ASN A 546 -14.84 -1.35 -43.19
N TYR A 547 -15.01 -0.03 -43.07
CA TYR A 547 -14.19 1.01 -43.68
C TYR A 547 -14.22 0.96 -45.20
N ASN A 548 -15.20 0.29 -45.76
CA ASN A 548 -15.35 0.19 -47.20
C ASN A 548 -16.68 0.75 -47.66
N VAL A 549 -17.76 0.35 -47.02
CA VAL A 549 -19.06 0.98 -47.18
C VAL A 549 -19.38 1.63 -45.85
N ASP A 550 -20.36 2.52 -45.85
CA ASP A 550 -20.55 3.46 -44.76
C ASP A 550 -21.57 2.91 -43.76
N LEU A 551 -21.11 2.66 -42.53
CA LEU A 551 -21.92 2.10 -41.46
C LEU A 551 -23.00 3.10 -41.02
N PRO A 552 -24.04 2.64 -40.31
CA PRO A 552 -25.07 3.56 -39.84
C PRO A 552 -24.56 4.61 -38.85
N PHE A 553 -25.05 5.83 -39.03
CA PHE A 553 -24.46 7.03 -38.44
C PHE A 553 -24.80 7.22 -36.96
N MET A 554 -25.43 6.24 -36.33
CA MET A 554 -25.58 6.27 -34.90
C MET A 554 -24.72 5.23 -34.22
N TYR A 555 -24.14 4.32 -35.01
CA TYR A 555 -23.24 3.31 -34.45
C TYR A 555 -22.03 3.92 -33.81
N SER A 556 -21.32 4.79 -34.53
CA SER A 556 -20.05 5.34 -34.05
C SER A 556 -20.22 6.17 -32.80
N ILE A 557 -21.40 6.75 -32.59
CA ILE A 557 -21.67 7.45 -31.35
C ILE A 557 -21.78 6.47 -30.21
N THR A 558 -22.69 5.50 -30.32
CA THR A 558 -22.95 4.63 -29.20
C THR A 558 -21.85 3.63 -28.95
N TYR A 559 -21.03 3.34 -29.97
CA TYR A 559 -19.96 2.37 -29.74
C TYR A 559 -18.81 3.00 -28.98
N ALA A 560 -18.54 4.28 -29.24
CA ALA A 560 -17.52 4.97 -28.46
C ALA A 560 -17.98 5.19 -27.04
N ALA A 561 -19.29 5.30 -26.84
CA ALA A 561 -19.84 5.30 -25.49
C ALA A 561 -19.59 3.97 -24.81
N PHE A 562 -19.55 2.89 -25.59
CA PHE A 562 -19.35 1.58 -25.00
C PHE A 562 -17.92 1.39 -24.50
N ALA A 563 -16.94 1.85 -25.28
CA ALA A 563 -15.56 1.53 -24.93
C ALA A 563 -15.08 2.32 -23.73
N ILE A 564 -15.64 3.50 -23.49
CA ILE A 564 -15.28 4.25 -22.29
C ILE A 564 -15.79 3.54 -21.06
N ILE A 565 -17.03 3.07 -21.10
CA ILE A 565 -17.61 2.43 -19.93
C ILE A 565 -17.00 1.06 -19.71
N ALA A 566 -16.78 0.33 -20.79
CA ALA A 566 -16.36 -1.06 -20.63
C ALA A 566 -14.87 -1.18 -20.40
N THR A 567 -14.06 -0.89 -21.40
CA THR A 567 -12.66 -1.29 -21.39
C THR A 567 -11.73 -0.19 -20.94
N LEU A 568 -12.26 0.84 -20.30
CA LEU A 568 -11.40 1.80 -19.65
C LEU A 568 -11.86 2.17 -18.26
N LEU A 569 -13.15 2.00 -17.96
CA LEU A 569 -13.71 2.21 -16.63
C LEU A 569 -13.93 0.92 -15.88
N MET A 570 -14.63 -0.03 -16.49
CA MET A 570 -15.08 -1.20 -15.75
C MET A 570 -13.94 -2.18 -15.52
N LEU A 571 -13.28 -2.61 -16.59
CA LEU A 571 -12.28 -3.66 -16.49
C LEU A 571 -11.02 -3.17 -15.78
N ASN A 572 -10.62 -1.93 -16.03
CA ASN A 572 -9.46 -1.39 -15.33
C ASN A 572 -9.76 -1.05 -13.89
N LEU A 573 -11.03 -1.01 -13.50
CA LEU A 573 -11.31 -0.90 -12.08
C LEU A 573 -10.95 -2.20 -11.39
N LEU A 574 -11.10 -3.30 -12.09
CA LEU A 574 -11.07 -4.61 -11.47
C LEU A 574 -9.67 -4.98 -11.03
N ILE A 575 -8.65 -4.55 -11.78
CA ILE A 575 -7.27 -4.78 -11.38
C ILE A 575 -6.96 -4.04 -10.10
N ALA A 576 -7.42 -2.80 -10.00
CA ALA A 576 -7.31 -2.08 -8.74
C ALA A 576 -8.23 -2.64 -7.69
N MET A 577 -9.30 -3.34 -8.08
CA MET A 577 -10.17 -3.92 -7.08
C MET A 577 -9.51 -5.09 -6.39
N MET A 578 -8.69 -5.85 -7.12
CA MET A 578 -7.86 -6.86 -6.47
C MET A 578 -6.79 -6.21 -5.61
N GLY A 579 -6.45 -4.95 -5.90
CA GLY A 579 -5.35 -4.26 -5.28
C GLY A 579 -5.48 -4.06 -3.80
N ASP A 580 -6.71 -3.94 -3.29
CA ASP A 580 -6.85 -3.98 -1.85
C ASP A 580 -7.08 -5.40 -1.36
N THR A 581 -7.69 -6.26 -2.16
CA THR A 581 -7.93 -7.63 -1.70
C THR A 581 -6.77 -8.52 -2.13
N HIS A 582 -5.56 -8.07 -1.86
CA HIS A 582 -4.38 -8.91 -2.01
C HIS A 582 -3.37 -8.69 -0.91
N TRP A 583 -3.45 -7.58 -0.17
CA TRP A 583 -2.65 -7.38 1.01
C TRP A 583 -3.52 -7.18 2.24
N ARG A 584 -4.83 -7.04 2.07
CA ARG A 584 -5.71 -7.12 3.22
C ARG A 584 -5.83 -8.55 3.71
N VAL A 585 -5.61 -9.51 2.83
CA VAL A 585 -5.68 -10.93 3.14
C VAL A 585 -4.27 -11.52 3.09
N ALA A 586 -3.29 -10.70 3.43
CA ALA A 586 -1.89 -11.06 3.21
C ALA A 586 -1.47 -12.22 4.10
N HIS A 587 -1.57 -12.06 5.42
CA HIS A 587 -1.30 -13.14 6.33
C HIS A 587 -2.55 -13.92 6.69
N GLU A 588 -3.58 -13.84 5.87
CA GLU A 588 -4.69 -14.76 5.98
C GLU A 588 -4.50 -15.96 5.07
N ARG A 589 -3.88 -15.77 3.91
CA ARG A 589 -3.68 -16.90 3.01
C ARG A 589 -2.66 -17.88 3.57
N ASP A 590 -1.70 -17.40 4.35
CA ASP A 590 -0.72 -18.31 4.91
C ASP A 590 -1.29 -19.11 6.06
N GLU A 591 -2.16 -18.49 6.87
CA GLU A 591 -2.84 -19.26 7.89
C GLU A 591 -3.88 -20.19 7.27
N LEU A 592 -4.47 -19.81 6.14
CA LEU A 592 -5.32 -20.74 5.42
C LEU A 592 -4.55 -21.80 4.67
N TRP A 593 -3.27 -21.58 4.42
CA TRP A 593 -2.51 -22.65 3.80
C TRP A 593 -2.17 -23.72 4.82
N ARG A 594 -1.98 -23.35 6.08
CA ARG A 594 -1.85 -24.38 7.10
C ARG A 594 -3.16 -25.09 7.39
N ALA A 595 -4.29 -24.57 6.92
CA ALA A 595 -5.53 -25.30 7.09
C ALA A 595 -5.54 -26.54 6.20
N GLN A 596 -5.28 -26.36 4.90
CA GLN A 596 -5.49 -27.45 3.96
C GLN A 596 -4.48 -28.58 4.11
N ILE A 597 -3.33 -28.33 4.72
CA ILE A 597 -2.39 -29.43 4.90
C ILE A 597 -2.89 -30.37 5.99
N VAL A 598 -3.44 -29.80 7.06
CA VAL A 598 -4.08 -30.62 8.08
C VAL A 598 -5.31 -31.30 7.50
N ALA A 599 -6.04 -30.58 6.65
CA ALA A 599 -7.17 -31.16 5.95
C ALA A 599 -6.74 -32.21 4.94
N THR A 600 -5.48 -32.20 4.52
CA THR A 600 -5.01 -33.30 3.70
C THR A 600 -4.47 -34.43 4.56
N THR A 601 -3.84 -34.08 5.68
CA THR A 601 -3.24 -35.09 6.54
C THR A 601 -4.29 -35.96 7.21
N VAL A 602 -5.29 -35.34 7.81
CA VAL A 602 -6.33 -36.08 8.51
C VAL A 602 -7.18 -36.87 7.53
N MET A 603 -7.41 -36.32 6.34
CA MET A 603 -8.09 -37.07 5.29
C MET A 603 -7.27 -38.25 4.84
N LEU A 604 -5.95 -38.12 4.89
CA LEU A 604 -5.10 -39.20 4.43
C LEU A 604 -5.08 -40.36 5.41
N GLU A 605 -4.93 -40.05 6.71
CA GLU A 605 -4.84 -41.10 7.73
C GLU A 605 -6.14 -41.87 7.86
N ARG A 606 -7.27 -41.19 7.73
CA ARG A 606 -8.55 -41.85 7.87
C ARG A 606 -8.84 -42.79 6.71
N LYS A 607 -8.36 -42.45 5.52
CA LYS A 607 -8.54 -43.34 4.38
C LYS A 607 -7.49 -44.43 4.30
N LEU A 608 -6.31 -44.22 4.89
CA LEU A 608 -5.32 -45.26 4.64
C LEU A 608 -5.24 -46.25 5.81
N PRO A 609 -5.08 -47.53 5.51
CA PRO A 609 -5.16 -48.55 6.56
C PRO A 609 -3.89 -48.69 7.37
N ARG A 610 -3.88 -49.69 8.23
CA ARG A 610 -2.73 -50.03 9.04
C ARG A 610 -1.78 -50.89 8.22
N CYS A 611 -0.77 -51.47 8.90
CA CYS A 611 0.42 -52.16 8.34
C CYS A 611 1.12 -51.34 7.26
N LEU A 612 0.97 -50.03 7.35
CA LEU A 612 1.44 -48.99 6.47
C LEU A 612 0.98 -47.73 7.18
N TRP A 613 1.66 -46.60 6.98
CA TRP A 613 1.44 -45.35 7.72
C TRP A 613 1.50 -45.63 9.22
N PRO A 614 2.68 -45.85 9.78
CA PRO A 614 2.75 -46.12 11.22
C PRO A 614 2.37 -44.88 12.01
N ARG A 615 1.45 -45.08 12.95
CA ARG A 615 0.86 -43.98 13.70
C ARG A 615 1.92 -43.33 14.57
N SER A 616 1.95 -41.99 14.53
CA SER A 616 3.11 -41.23 14.96
C SER A 616 3.25 -41.21 16.48
N GLY A 617 4.23 -40.47 16.95
CA GLY A 617 4.58 -40.47 18.34
C GLY A 617 5.50 -41.62 18.67
N ILE A 618 5.68 -41.85 19.96
CA ILE A 618 6.45 -42.98 20.46
C ILE A 618 5.60 -43.74 21.46
N CYS A 619 5.52 -45.05 21.29
CA CYS A 619 4.66 -45.89 22.10
C CYS A 619 5.15 -45.98 23.54
N GLY A 620 4.29 -46.47 24.40
CA GLY A 620 4.60 -46.71 25.78
C GLY A 620 4.86 -48.18 26.07
N ARG A 621 4.66 -48.56 27.33
CA ARG A 621 4.65 -49.92 27.89
C ARG A 621 6.05 -50.55 27.92
N GLU A 622 7.02 -49.93 27.25
CA GLU A 622 8.37 -50.44 27.25
C GLU A 622 9.26 -49.71 28.23
N TYR A 623 8.83 -48.56 28.70
CA TYR A 623 9.67 -47.66 29.46
C TYR A 623 9.13 -47.34 30.84
N GLY A 624 8.02 -47.95 31.23
CA GLY A 624 7.41 -47.67 32.52
C GLY A 624 6.45 -46.52 32.51
N LEU A 625 6.13 -45.98 31.34
CA LEU A 625 5.23 -44.83 31.29
C LEU A 625 3.78 -45.28 31.36
N GLY A 626 3.35 -46.12 30.43
CA GLY A 626 1.98 -46.57 30.38
C GLY A 626 1.60 -47.02 29.00
N ASP A 627 0.32 -46.88 28.65
CA ASP A 627 -0.17 -47.35 27.37
C ASP A 627 -0.37 -46.23 26.37
N ARG A 628 -0.65 -45.02 26.84
CA ARG A 628 -0.79 -43.89 25.94
C ARG A 628 0.56 -43.49 25.38
N TRP A 629 0.55 -43.01 24.14
CA TRP A 629 1.80 -42.77 23.44
C TRP A 629 2.32 -41.39 23.81
N PHE A 630 3.45 -41.01 23.21
CA PHE A 630 4.11 -39.75 23.55
C PHE A 630 4.90 -39.20 22.38
N LEU A 631 5.15 -37.90 22.42
CA LEU A 631 6.19 -37.26 21.64
C LEU A 631 6.89 -36.25 22.51
N ARG A 632 8.07 -35.81 22.06
CA ARG A 632 8.87 -34.86 22.80
C ARG A 632 9.40 -33.79 21.88
N VAL A 633 9.72 -32.65 22.47
CA VAL A 633 10.30 -31.52 21.76
C VAL A 633 11.43 -30.97 22.62
N GLU A 634 12.61 -30.83 22.05
CA GLU A 634 13.74 -30.19 22.71
C GLU A 634 13.94 -28.81 22.10
N ASP A 635 14.22 -27.82 22.94
CA ASP A 635 14.36 -26.45 22.47
C ASP A 635 15.25 -25.67 23.42
N ARG A 636 15.28 -24.35 23.22
CA ARG A 636 16.06 -23.44 24.04
C ARG A 636 15.15 -22.37 24.64
N GLN A 637 15.33 -22.09 25.93
CA GLN A 637 14.60 -20.99 26.54
C GLN A 637 15.08 -19.65 25.99
N ASP A 638 16.40 -19.48 25.91
CA ASP A 638 17.09 -18.24 25.51
C ASP A 638 16.70 -17.05 26.38
N SER B 28 14.16 -40.35 9.66
CA SER B 28 14.33 -41.47 10.57
C SER B 28 15.65 -41.35 11.33
N TRP B 29 16.45 -40.33 10.97
CA TRP B 29 17.76 -40.15 11.58
C TRP B 29 17.63 -39.64 13.01
N ALA B 30 16.88 -38.56 13.21
CA ALA B 30 16.71 -38.01 14.55
C ALA B 30 15.83 -38.88 15.44
N GLN B 31 15.14 -39.86 14.86
CA GLN B 31 14.36 -40.81 15.64
C GLN B 31 15.26 -41.64 16.55
N SER B 32 16.47 -41.96 16.07
CA SER B 32 17.41 -42.75 16.86
C SER B 32 17.91 -42.00 18.09
N ARG B 33 17.87 -40.67 18.04
CA ARG B 33 18.20 -39.87 19.21
C ARG B 33 17.19 -40.08 20.32
N ASP B 34 15.93 -39.78 20.04
CA ASP B 34 14.93 -39.77 21.08
C ASP B 34 14.45 -41.16 21.43
N GLU B 35 14.70 -42.14 20.57
CA GLU B 35 14.51 -43.53 20.93
C GLU B 35 15.42 -43.91 22.09
N GLN B 36 16.68 -43.52 22.01
CA GLN B 36 17.60 -43.77 23.10
C GLN B 36 17.32 -42.86 24.28
N ASN B 37 16.72 -41.71 24.03
CA ASN B 37 16.67 -40.68 25.07
C ASN B 37 15.60 -40.98 26.09
N LEU B 38 14.47 -41.53 25.66
CA LEU B 38 13.53 -42.08 26.64
C LEU B 38 14.10 -43.33 27.27
N LEU B 39 14.84 -44.12 26.49
CA LEU B 39 15.48 -45.32 26.99
C LEU B 39 16.55 -45.02 28.02
N GLN B 40 17.15 -43.83 27.95
CA GLN B 40 18.05 -43.37 29.01
C GLN B 40 17.32 -43.28 30.34
N GLN B 41 16.11 -42.73 30.31
CA GLN B 41 15.34 -42.55 31.54
C GLN B 41 14.88 -43.88 32.11
N LYS B 42 14.79 -44.91 31.27
CA LYS B 42 14.36 -46.23 31.76
C LYS B 42 15.36 -46.79 32.77
N ARG B 43 16.66 -46.59 32.52
CA ARG B 43 17.67 -47.08 33.44
C ARG B 43 17.62 -46.36 34.77
N ILE B 44 17.15 -45.11 34.78
CA ILE B 44 16.85 -44.45 36.04
C ILE B 44 15.71 -45.15 36.75
N TRP B 45 14.61 -45.41 36.04
CA TRP B 45 13.50 -46.14 36.63
C TRP B 45 13.85 -47.60 36.90
N GLU B 46 14.83 -48.15 36.19
CA GLU B 46 15.26 -49.51 36.44
C GLU B 46 16.20 -49.62 37.63
N SER B 47 17.01 -48.59 37.86
CA SER B 47 18.01 -48.84 38.90
C SER B 47 17.66 -48.08 40.17
N PRO B 48 17.95 -48.67 41.34
CA PRO B 48 17.71 -47.94 42.59
C PRO B 48 18.73 -46.85 42.84
N LEU B 49 19.94 -47.00 42.33
CA LEU B 49 20.97 -45.97 42.50
C LEU B 49 20.63 -44.72 41.73
N LEU B 50 20.24 -44.88 40.46
CA LEU B 50 20.06 -43.73 39.57
C LEU B 50 18.79 -42.97 39.91
N LEU B 51 17.74 -43.68 40.30
CA LEU B 51 16.51 -43.02 40.70
C LEU B 51 16.72 -42.27 42.01
N ALA B 52 17.51 -42.85 42.91
CA ALA B 52 17.93 -42.11 44.09
C ALA B 52 18.92 -41.03 43.75
N ALA B 53 19.59 -41.13 42.60
CA ALA B 53 20.51 -40.08 42.19
C ALA B 53 19.81 -38.86 41.65
N LYS B 54 18.66 -39.03 40.98
CA LYS B 54 17.97 -37.88 40.41
C LYS B 54 17.41 -36.99 41.51
N ASP B 55 16.93 -37.58 42.58
CA ASP B 55 16.48 -36.82 43.73
C ASP B 55 17.65 -36.63 44.69
N ASN B 56 17.48 -35.70 45.63
CA ASN B 56 18.43 -35.55 46.73
C ASN B 56 18.06 -36.55 47.82
N ASP B 57 18.34 -37.81 47.55
CA ASP B 57 18.01 -38.90 48.46
C ASP B 57 19.21 -39.27 49.32
N VAL B 58 19.69 -38.25 50.04
CA VAL B 58 20.91 -38.37 50.84
C VAL B 58 20.72 -39.36 51.98
N GLN B 59 19.50 -39.50 52.51
CA GLN B 59 19.24 -40.55 53.48
C GLN B 59 19.24 -41.91 52.80
N ALA B 60 18.67 -41.97 51.59
CA ALA B 60 18.70 -43.21 50.84
C ALA B 60 20.10 -43.51 50.33
N LEU B 61 20.82 -42.48 49.88
CA LEU B 61 22.21 -42.66 49.49
C LEU B 61 23.12 -42.99 50.66
N ASN B 62 22.70 -42.66 51.88
CA ASN B 62 23.55 -42.97 53.03
C ASN B 62 23.62 -44.48 53.26
N LYS B 63 22.51 -45.19 53.11
CA LYS B 63 22.49 -46.62 53.29
C LYS B 63 22.70 -47.39 52.00
N LEU B 64 22.73 -46.70 50.86
CA LEU B 64 22.80 -47.39 49.58
C LEU B 64 24.17 -47.99 49.35
N LEU B 65 25.20 -47.43 49.98
CA LEU B 65 26.55 -47.94 49.85
C LEU B 65 27.19 -48.27 51.19
N LYS B 66 26.51 -47.99 52.30
CA LYS B 66 27.03 -48.36 53.62
C LYS B 66 26.53 -49.70 54.09
N TYR B 67 25.26 -50.02 53.80
CA TYR B 67 24.70 -51.31 54.20
C TYR B 67 25.36 -52.47 53.46
N GLU B 68 25.83 -52.23 52.24
CA GLU B 68 26.54 -53.23 51.47
C GLU B 68 27.47 -52.53 50.50
N ASP B 69 28.37 -53.31 49.89
CA ASP B 69 29.30 -52.78 48.90
C ASP B 69 28.67 -52.97 47.52
N CYS B 70 27.65 -52.17 47.25
CA CYS B 70 27.06 -52.15 45.93
C CYS B 70 28.02 -51.48 44.95
N LYS B 71 27.98 -51.95 43.71
CA LYS B 71 28.89 -51.46 42.67
C LYS B 71 28.46 -50.09 42.20
N VAL B 72 29.41 -49.37 41.60
CA VAL B 72 29.22 -47.98 41.24
C VAL B 72 29.14 -47.78 39.73
N HIS B 73 29.91 -48.53 38.95
CA HIS B 73 30.13 -48.23 37.54
C HIS B 73 29.00 -48.70 36.63
N GLN B 74 27.81 -48.95 37.18
CA GLN B 74 26.63 -49.28 36.39
C GLN B 74 26.28 -48.08 35.54
N ARG B 75 26.55 -48.17 34.25
CA ARG B 75 26.33 -47.03 33.37
C ARG B 75 24.86 -46.90 33.02
N GLY B 76 24.54 -45.76 32.41
CA GLY B 76 23.21 -45.53 31.87
C GLY B 76 23.04 -46.23 30.55
N ALA B 77 21.89 -45.99 29.92
CA ALA B 77 21.63 -46.56 28.60
C ALA B 77 22.58 -45.95 27.56
N MET B 78 22.95 -44.69 27.75
CA MET B 78 24.02 -44.07 26.99
C MET B 78 25.22 -43.68 27.86
N GLY B 79 25.56 -44.53 28.84
CA GLY B 79 26.84 -44.45 29.49
C GLY B 79 27.03 -43.30 30.46
N GLU B 80 26.34 -43.33 31.58
CA GLU B 80 26.46 -42.29 32.59
C GLU B 80 27.08 -42.82 33.86
N THR B 81 27.35 -41.90 34.78
CA THR B 81 27.49 -42.21 36.18
C THR B 81 26.43 -41.43 36.92
N ALA B 82 26.26 -41.76 38.20
CA ALA B 82 25.36 -40.98 39.04
C ALA B 82 25.91 -39.58 39.27
N LEU B 83 27.23 -39.43 39.18
CA LEU B 83 27.86 -38.12 39.24
C LEU B 83 27.43 -37.27 38.06
N HIS B 84 27.31 -37.87 36.88
CA HIS B 84 26.78 -37.15 35.72
C HIS B 84 25.34 -36.75 35.95
N ILE B 85 24.55 -37.64 36.53
CA ILE B 85 23.15 -37.37 36.74
C ILE B 85 22.97 -36.32 37.82
N ALA B 86 23.75 -36.42 38.90
CA ALA B 86 23.73 -35.40 39.94
C ALA B 86 24.19 -34.06 39.41
N ALA B 87 25.11 -34.09 38.43
CA ALA B 87 25.44 -32.86 37.73
C ALA B 87 24.29 -32.41 36.85
N LEU B 88 23.64 -33.34 36.18
CA LEU B 88 22.62 -32.96 35.20
C LEU B 88 21.37 -32.47 35.90
N TYR B 89 20.90 -33.20 36.90
CA TYR B 89 19.79 -32.71 37.72
C TYR B 89 20.29 -32.02 38.97
N ASP B 90 21.22 -31.07 38.77
CA ASP B 90 21.71 -30.01 39.66
C ASP B 90 21.77 -30.36 41.15
N ASN B 91 22.27 -31.53 41.47
CA ASN B 91 22.27 -32.03 42.84
C ASN B 91 23.72 -32.12 43.31
N LEU B 92 24.17 -31.09 44.01
CA LEU B 92 25.52 -31.13 44.54
C LEU B 92 25.63 -32.06 45.74
N GLU B 93 24.55 -32.19 46.50
CA GLU B 93 24.61 -32.80 47.83
C GLU B 93 24.90 -34.28 47.76
N ALA B 94 24.20 -34.99 46.87
CA ALA B 94 24.49 -36.39 46.66
C ALA B 94 25.84 -36.58 45.99
N ALA B 95 26.20 -35.64 45.11
CA ALA B 95 27.52 -35.65 44.50
C ALA B 95 28.60 -35.45 45.54
N MET B 96 28.33 -34.63 46.56
CA MET B 96 29.23 -34.53 47.70
C MET B 96 29.32 -35.86 48.44
N VAL B 97 28.18 -36.55 48.58
CA VAL B 97 28.22 -37.89 49.16
C VAL B 97 28.88 -38.86 48.19
N LEU B 98 28.69 -38.64 46.88
CA LEU B 98 29.36 -39.47 45.89
C LEU B 98 30.86 -39.25 45.90
N MET B 99 31.31 -38.04 46.23
CA MET B 99 32.74 -37.82 46.45
C MET B 99 33.22 -38.56 47.68
N GLU B 100 32.42 -38.59 48.74
CA GLU B 100 32.80 -39.31 49.95
C GLU B 100 32.76 -40.80 49.73
N ALA B 101 31.84 -41.28 48.89
CA ALA B 101 31.73 -42.71 48.66
C ALA B 101 32.85 -43.21 47.76
N ALA B 102 32.98 -42.63 46.58
CA ALA B 102 33.99 -43.05 45.62
C ALA B 102 34.46 -41.82 44.85
N PRO B 103 35.58 -41.24 45.23
CA PRO B 103 36.13 -40.10 44.49
C PRO B 103 37.03 -40.53 43.33
N GLU B 104 36.50 -41.34 42.43
CA GLU B 104 37.23 -41.78 41.26
C GLU B 104 36.42 -41.63 39.98
N LEU B 105 35.18 -41.16 40.07
CA LEU B 105 34.29 -41.14 38.93
C LEU B 105 34.57 -39.96 38.01
N VAL B 106 35.34 -38.99 38.49
CA VAL B 106 35.55 -37.75 37.75
C VAL B 106 36.39 -38.02 36.50
N PHE B 107 37.34 -38.94 36.62
CA PHE B 107 38.20 -39.30 35.51
C PHE B 107 37.47 -39.98 34.38
N GLU B 108 36.36 -40.66 34.67
CA GLU B 108 35.65 -41.39 33.64
C GLU B 108 34.73 -40.46 32.88
N PRO B 109 34.87 -40.34 31.59
CA PRO B 109 33.94 -39.52 30.81
C PRO B 109 32.75 -40.34 30.39
N MET B 110 31.83 -39.74 29.64
CA MET B 110 30.81 -40.54 28.98
C MET B 110 31.39 -41.14 27.71
N THR B 111 30.66 -42.11 27.14
CA THR B 111 31.31 -43.01 26.20
C THR B 111 30.55 -43.33 24.92
N SER B 112 29.31 -42.90 24.73
CA SER B 112 28.51 -43.48 23.66
C SER B 112 28.02 -42.43 22.68
N GLU B 113 28.90 -42.05 21.74
CA GLU B 113 28.57 -41.69 20.37
C GLU B 113 27.77 -40.39 20.18
N LEU B 114 27.16 -39.90 21.22
CA LEU B 114 26.51 -38.60 21.17
C LEU B 114 27.08 -37.66 22.21
N TYR B 115 27.03 -38.05 23.47
CA TYR B 115 27.76 -37.39 24.53
C TYR B 115 29.00 -38.24 24.70
N GLU B 116 29.98 -38.04 23.82
CA GLU B 116 31.19 -38.83 23.85
C GLU B 116 32.31 -38.00 24.46
N GLY B 117 32.87 -38.50 25.56
CA GLY B 117 33.96 -37.84 26.22
C GLY B 117 33.57 -36.78 27.22
N GLN B 118 32.29 -36.41 27.30
CA GLN B 118 31.90 -35.34 28.21
C GLN B 118 31.94 -35.84 29.64
N THR B 119 32.63 -35.11 30.51
CA THR B 119 32.68 -35.44 31.92
C THR B 119 31.94 -34.39 32.73
N ALA B 120 31.83 -34.67 34.03
CA ALA B 120 30.98 -33.91 34.94
C ALA B 120 31.46 -32.49 35.15
N LEU B 121 32.70 -32.18 34.80
CA LEU B 121 33.16 -30.80 34.85
C LEU B 121 32.43 -29.94 33.85
N HIS B 122 32.03 -30.52 32.71
CA HIS B 122 31.33 -29.75 31.69
C HIS B 122 29.96 -29.32 32.14
N ILE B 123 29.23 -30.23 32.79
CA ILE B 123 27.80 -30.02 32.98
C ILE B 123 27.55 -28.96 34.05
N ALA B 124 28.36 -28.95 35.11
CA ALA B 124 28.27 -27.90 36.11
C ALA B 124 28.61 -26.54 35.53
N VAL B 125 29.47 -26.52 34.51
CA VAL B 125 29.73 -25.29 33.78
C VAL B 125 28.51 -24.88 32.96
N VAL B 126 27.85 -25.86 32.33
CA VAL B 126 26.63 -25.56 31.59
C VAL B 126 25.53 -25.10 32.53
N ASN B 127 25.55 -25.60 33.77
CA ASN B 127 24.60 -25.12 34.76
C ASN B 127 25.05 -23.83 35.43
N GLN B 128 26.13 -23.23 34.93
CA GLN B 128 26.57 -21.85 35.16
C GLN B 128 27.11 -21.55 36.55
N ASN B 129 26.88 -22.47 37.49
CA ASN B 129 27.59 -22.68 38.74
C ASN B 129 26.92 -23.88 39.36
N MET B 130 27.66 -24.62 40.18
CA MET B 130 27.05 -25.51 41.15
C MET B 130 27.74 -25.42 42.50
N ASN B 131 28.67 -24.47 42.66
CA ASN B 131 29.64 -24.46 43.75
C ASN B 131 30.37 -25.80 43.82
N LEU B 132 30.65 -26.35 42.65
CA LEU B 132 31.15 -27.69 42.47
C LEU B 132 32.41 -27.73 41.64
N VAL B 133 32.61 -26.72 40.79
CA VAL B 133 33.94 -26.44 40.27
C VAL B 133 34.89 -26.06 41.40
N ARG B 134 34.37 -25.51 42.50
CA ARG B 134 35.16 -25.42 43.72
C ARG B 134 35.48 -26.80 44.28
N ALA B 135 34.62 -27.78 44.04
CA ALA B 135 34.80 -29.12 44.58
C ALA B 135 35.46 -30.08 43.59
N LEU B 136 35.10 -30.01 42.31
CA LEU B 136 35.68 -30.93 41.32
C LEU B 136 37.16 -30.63 41.10
N LEU B 137 37.51 -29.35 41.02
CA LEU B 137 38.91 -28.98 40.86
C LEU B 137 39.70 -29.30 42.12
N ALA B 138 39.06 -29.22 43.28
CA ALA B 138 39.68 -29.68 44.52
C ALA B 138 39.91 -31.19 44.48
N ARG B 139 39.05 -31.92 43.79
CA ARG B 139 39.27 -33.33 43.54
C ARG B 139 40.02 -33.57 42.23
N ARG B 140 40.78 -32.57 41.76
CA ARG B 140 41.62 -32.63 40.56
C ARG B 140 40.80 -32.92 39.32
N ALA B 141 39.93 -31.97 38.97
CA ALA B 141 39.13 -32.10 37.76
C ALA B 141 40.02 -31.98 36.53
N SER B 142 39.93 -32.98 35.66
CA SER B 142 40.68 -32.94 34.40
C SER B 142 40.03 -31.92 33.48
N VAL B 143 40.81 -30.92 33.06
CA VAL B 143 40.26 -29.80 32.32
C VAL B 143 40.26 -30.07 30.83
N SER B 144 41.37 -30.55 30.29
CA SER B 144 41.60 -30.55 28.86
C SER B 144 40.88 -31.67 28.11
N ALA B 145 39.88 -32.29 28.72
CA ALA B 145 39.12 -33.32 28.03
C ALA B 145 38.32 -32.72 26.89
N ARG B 146 38.13 -33.52 25.84
CA ARG B 146 37.52 -33.05 24.61
C ARG B 146 36.23 -33.81 24.37
N ALA B 147 35.10 -33.19 24.69
CA ALA B 147 33.78 -33.79 24.50
C ALA B 147 33.42 -33.71 23.02
N THR B 148 34.03 -34.61 22.23
CA THR B 148 33.94 -34.54 20.78
C THR B 148 32.80 -35.36 20.21
N GLY B 149 31.78 -35.65 21.01
CA GLY B 149 30.62 -36.35 20.49
C GLY B 149 29.83 -35.52 19.50
N THR B 150 29.04 -36.20 18.68
CA THR B 150 28.32 -35.51 17.62
C THR B 150 27.08 -34.78 18.10
N ALA B 151 26.83 -34.73 19.40
CA ALA B 151 25.86 -33.81 19.96
C ALA B 151 26.44 -32.44 20.23
N PHE B 152 27.58 -32.12 19.62
CA PHE B 152 28.22 -30.83 19.78
C PHE B 152 28.77 -30.26 18.49
N ARG B 153 28.79 -31.03 17.41
CA ARG B 153 29.32 -30.52 16.16
C ARG B 153 28.37 -29.51 15.56
N ARG B 154 28.94 -28.49 14.91
CA ARG B 154 28.15 -27.39 14.39
C ARG B 154 27.31 -27.87 13.22
N SER B 155 26.02 -28.00 13.46
CA SER B 155 25.09 -28.55 12.49
C SER B 155 23.70 -28.12 12.92
N PRO B 156 22.75 -27.96 11.99
CA PRO B 156 21.37 -27.71 12.39
C PRO B 156 20.70 -28.91 13.04
N CYS B 157 21.31 -30.10 12.98
CA CYS B 157 20.77 -31.24 13.71
C CYS B 157 20.88 -31.01 15.21
N ASN B 158 21.99 -30.43 15.67
CA ASN B 158 22.04 -29.90 17.02
C ASN B 158 21.34 -28.55 17.04
N LEU B 159 20.77 -28.23 18.19
CA LEU B 159 20.14 -26.93 18.37
C LEU B 159 21.12 -25.89 18.87
N ILE B 160 22.37 -26.27 19.09
CA ILE B 160 23.32 -25.48 19.85
C ILE B 160 24.67 -25.55 19.17
N TYR B 161 25.61 -24.78 19.72
CA TYR B 161 27.03 -24.95 19.43
C TYR B 161 27.80 -24.32 20.58
N PHE B 162 28.79 -25.03 21.11
CA PHE B 162 29.48 -24.53 22.29
C PHE B 162 30.97 -24.80 22.29
N GLY B 163 31.53 -25.36 21.24
CA GLY B 163 32.92 -25.74 21.32
C GLY B 163 33.08 -27.05 22.07
N GLU B 164 34.34 -27.36 22.43
CA GLU B 164 34.69 -28.70 22.88
C GLU B 164 35.48 -28.71 24.17
N HIS B 165 35.52 -27.61 24.91
CA HIS B 165 36.39 -27.51 26.06
C HIS B 165 35.64 -26.74 27.14
N PRO B 166 35.95 -26.99 28.42
CA PRO B 166 35.21 -26.31 29.48
C PRO B 166 35.42 -24.81 29.50
N LEU B 167 36.59 -24.36 29.06
CA LEU B 167 36.79 -22.92 28.90
C LEU B 167 35.94 -22.38 27.78
N SER B 168 35.67 -23.19 26.76
CA SER B 168 34.80 -22.74 25.69
C SER B 168 33.35 -22.66 26.14
N PHE B 169 32.94 -23.52 27.07
CA PHE B 169 31.53 -23.53 27.47
C PHE B 169 31.18 -22.29 28.28
N ALA B 170 31.96 -22.00 29.31
CA ALA B 170 31.60 -20.97 30.28
C ALA B 170 31.59 -19.58 29.66
N ALA B 171 32.33 -19.38 28.58
CA ALA B 171 32.26 -18.13 27.86
C ALA B 171 30.91 -17.96 27.19
N CYS B 172 30.33 -19.05 26.69
CA CYS B 172 29.07 -18.95 25.96
C CYS B 172 27.90 -18.64 26.86
N VAL B 173 28.01 -18.93 28.15
CA VAL B 173 26.99 -18.56 29.11
C VAL B 173 27.46 -17.49 30.08
N ASN B 174 28.70 -17.04 29.93
CA ASN B 174 29.19 -15.77 30.47
C ASN B 174 29.25 -15.75 32.00
N SER B 175 29.40 -16.91 32.62
CA SER B 175 29.57 -16.98 34.07
C SER B 175 31.00 -16.57 34.38
N GLU B 176 31.17 -15.24 34.47
CA GLU B 176 32.49 -14.62 34.40
C GLU B 176 33.36 -14.98 35.59
N GLU B 177 32.77 -15.04 36.78
CA GLU B 177 33.52 -15.38 37.98
C GLU B 177 34.06 -16.80 37.92
N ILE B 178 33.30 -17.70 37.30
CA ILE B 178 33.71 -19.08 37.16
C ILE B 178 34.88 -19.21 36.20
N VAL B 179 34.90 -18.34 35.18
CA VAL B 179 35.92 -18.39 34.14
C VAL B 179 37.30 -18.12 34.71
N ARG B 180 37.41 -17.12 35.59
CA ARG B 180 38.69 -16.80 36.20
C ARG B 180 39.20 -17.93 37.07
N LEU B 181 38.31 -18.52 37.86
CA LEU B 181 38.68 -19.69 38.65
C LEU B 181 38.98 -20.88 37.75
N LEU B 182 38.34 -20.94 36.59
CA LEU B 182 38.67 -21.99 35.63
C LEU B 182 40.03 -21.74 35.01
N ILE B 183 40.37 -20.46 34.76
CA ILE B 183 41.69 -20.14 34.23
C ILE B 183 42.76 -20.40 35.28
N GLU B 184 42.45 -20.07 36.53
CA GLU B 184 43.43 -20.04 37.63
C GLU B 184 44.02 -21.42 37.89
N HIS B 185 43.26 -22.48 37.68
CA HIS B 185 43.80 -23.82 37.79
C HIS B 185 44.25 -24.37 36.45
N GLY B 186 44.67 -23.51 35.53
CA GLY B 186 45.42 -23.95 34.38
C GLY B 186 44.61 -24.22 33.13
N ALA B 187 43.65 -23.37 32.83
CA ALA B 187 42.98 -23.49 31.54
C ALA B 187 43.90 -22.99 30.43
N ASP B 188 43.70 -23.54 29.24
CA ASP B 188 44.47 -23.12 28.08
C ASP B 188 43.57 -22.37 27.11
N ILE B 189 44.02 -21.18 26.70
CA ILE B 189 43.25 -20.39 25.78
C ILE B 189 43.32 -20.97 24.38
N ARG B 190 44.46 -21.54 24.02
CA ARG B 190 44.79 -21.84 22.64
C ARG B 190 44.27 -23.21 22.18
N ALA B 191 43.26 -23.74 22.84
CA ALA B 191 42.71 -25.02 22.44
C ALA B 191 41.97 -24.89 21.12
N GLN B 192 42.02 -25.94 20.32
CA GLN B 192 41.35 -25.96 19.02
C GLN B 192 40.64 -27.29 18.84
N ASP B 193 39.67 -27.31 17.94
CA ASP B 193 38.86 -28.48 17.70
C ASP B 193 39.27 -29.20 16.42
N SER B 194 38.43 -30.16 16.01
CA SER B 194 38.55 -30.76 14.70
C SER B 194 38.34 -29.75 13.59
N LEU B 195 37.53 -28.72 13.82
CA LEU B 195 37.37 -27.67 12.83
C LEU B 195 38.47 -26.63 12.91
N GLY B 196 39.41 -26.76 13.85
CA GLY B 196 40.49 -25.82 13.99
C GLY B 196 40.14 -24.55 14.73
N ASN B 197 38.88 -24.36 15.08
CA ASN B 197 38.45 -23.11 15.73
C ASN B 197 38.90 -23.08 17.18
N THR B 198 39.30 -21.89 17.63
CA THR B 198 39.56 -21.68 19.04
C THR B 198 38.41 -20.92 19.66
N VAL B 199 38.58 -20.60 20.94
CA VAL B 199 37.53 -20.01 21.76
C VAL B 199 37.13 -18.64 21.24
N LEU B 200 38.04 -17.93 20.57
CA LEU B 200 37.67 -16.65 20.02
C LEU B 200 36.82 -16.80 18.78
N HIS B 201 36.88 -17.94 18.10
CA HIS B 201 35.92 -18.16 17.03
C HIS B 201 34.54 -18.45 17.58
N ILE B 202 34.48 -18.94 18.81
CA ILE B 202 33.22 -19.43 19.34
C ILE B 202 32.32 -18.27 19.73
N LEU B 203 32.90 -17.22 20.32
CA LEU B 203 32.13 -16.07 20.77
C LEU B 203 31.50 -15.31 19.62
N ILE B 204 32.06 -15.45 18.42
CA ILE B 204 31.41 -14.93 17.23
C ILE B 204 30.11 -15.67 16.98
N LEU B 205 30.07 -16.96 17.22
CA LEU B 205 28.97 -17.78 16.76
C LEU B 205 27.78 -17.79 17.70
N GLN B 206 27.88 -17.21 18.87
CA GLN B 206 26.74 -17.22 19.76
C GLN B 206 25.68 -16.23 19.30
N PRO B 207 24.40 -16.52 19.51
CA PRO B 207 23.34 -15.64 19.02
C PRO B 207 22.94 -14.53 19.98
N ASN B 208 23.50 -14.47 21.18
CA ASN B 208 23.26 -13.38 22.11
C ASN B 208 24.42 -12.41 21.94
N LYS B 209 24.23 -11.42 21.07
CA LYS B 209 25.35 -10.71 20.45
C LYS B 209 26.08 -9.82 21.46
N THR B 210 25.40 -8.80 21.95
CA THR B 210 26.08 -7.81 22.77
C THR B 210 26.35 -8.29 24.17
N PHE B 211 25.66 -9.33 24.61
CA PHE B 211 25.91 -9.87 25.93
C PHE B 211 27.21 -10.67 25.97
N ALA B 212 27.67 -11.13 24.82
CA ALA B 212 28.93 -11.85 24.73
C ALA B 212 30.08 -10.97 24.29
N CYS B 213 29.82 -9.69 24.01
CA CYS B 213 30.88 -8.85 23.48
C CYS B 213 31.91 -8.51 24.53
N GLN B 214 31.47 -8.23 25.76
CA GLN B 214 32.39 -7.95 26.84
C GLN B 214 33.15 -9.18 27.28
N MET B 215 32.64 -10.36 26.94
CA MET B 215 33.38 -11.60 27.20
C MET B 215 34.63 -11.66 26.34
N TYR B 216 34.53 -11.19 25.09
CA TYR B 216 35.65 -11.18 24.17
C TYR B 216 36.75 -10.25 24.65
N ASN B 217 36.38 -9.18 25.33
CA ASN B 217 37.38 -8.29 25.88
C ASN B 217 38.11 -8.92 27.05
N LEU B 218 37.44 -9.83 27.77
CA LEU B 218 38.05 -10.39 28.96
C LEU B 218 39.16 -11.38 28.62
N LEU B 219 38.97 -12.18 27.59
CA LEU B 219 39.95 -13.22 27.27
C LEU B 219 41.22 -12.62 26.69
N LEU B 220 41.11 -11.50 25.99
CA LEU B 220 42.30 -10.84 25.47
C LEU B 220 43.11 -10.22 26.59
N SER B 221 42.47 -9.87 27.70
CA SER B 221 43.21 -9.43 28.88
C SER B 221 44.03 -10.55 29.48
N TYR B 222 43.60 -11.80 29.34
CA TYR B 222 44.39 -12.93 29.79
C TYR B 222 45.30 -13.48 28.72
N ASP B 223 45.56 -12.71 27.68
CA ASP B 223 46.62 -13.03 26.73
C ASP B 223 47.91 -12.47 27.35
N ARG B 224 48.68 -13.34 27.99
CA ARG B 224 49.92 -12.91 28.62
C ARG B 224 50.98 -12.57 27.57
N HIS B 225 51.25 -13.50 26.67
CA HIS B 225 52.22 -13.29 25.62
C HIS B 225 51.76 -13.99 24.36
N GLY B 226 52.39 -13.63 23.24
CA GLY B 226 52.41 -14.53 22.10
C GLY B 226 53.17 -15.79 22.46
N ASP B 227 52.68 -16.92 21.95
CA ASP B 227 53.28 -18.21 22.24
C ASP B 227 54.69 -18.26 21.67
N HIS B 228 54.79 -18.23 20.36
CA HIS B 228 56.06 -17.93 19.71
C HIS B 228 55.91 -16.90 18.61
N LEU B 229 54.83 -16.97 17.83
CA LEU B 229 54.68 -16.12 16.66
C LEU B 229 53.50 -15.17 16.77
N GLN B 230 52.31 -15.68 16.96
CA GLN B 230 51.19 -14.76 16.88
C GLN B 230 50.60 -14.50 18.25
N PRO B 231 50.05 -13.30 18.48
CA PRO B 231 49.48 -12.97 19.79
C PRO B 231 48.02 -13.37 19.94
N LEU B 232 47.71 -14.65 19.66
CA LEU B 232 46.49 -15.34 20.08
C LEU B 232 45.22 -14.86 19.37
N ASP B 233 45.34 -13.82 18.56
CA ASP B 233 44.22 -13.32 17.77
C ASP B 233 44.43 -13.56 16.29
N LEU B 234 45.65 -13.86 15.89
CA LEU B 234 45.99 -13.97 14.48
C LEU B 234 45.88 -15.40 13.98
N VAL B 235 45.29 -16.29 14.76
CA VAL B 235 45.32 -17.70 14.43
C VAL B 235 44.12 -18.05 13.56
N PRO B 236 44.31 -18.76 12.46
CA PRO B 236 43.16 -19.17 11.64
C PRO B 236 42.60 -20.49 12.12
N ASN B 237 41.57 -21.01 11.44
CA ASN B 237 41.03 -22.32 11.71
C ASN B 237 41.54 -23.32 10.67
N HIS B 238 40.97 -24.52 10.67
CA HIS B 238 41.23 -25.46 9.60
C HIS B 238 40.65 -25.01 8.27
N GLN B 239 39.67 -24.10 8.29
CA GLN B 239 39.25 -23.45 7.07
C GLN B 239 40.19 -22.31 6.69
N GLY B 240 40.92 -21.77 7.66
CA GLY B 240 41.96 -20.81 7.39
C GLY B 240 41.49 -19.39 7.52
N LEU B 241 40.79 -19.08 8.61
CA LEU B 241 40.19 -17.75 8.79
C LEU B 241 40.46 -17.23 10.18
N THR B 242 40.99 -16.01 10.25
CA THR B 242 41.12 -15.29 11.49
C THR B 242 39.72 -14.96 12.03
N PRO B 243 39.59 -14.78 13.35
CA PRO B 243 38.25 -14.49 13.90
C PRO B 243 37.67 -13.17 13.47
N PHE B 244 38.48 -12.23 12.99
CA PHE B 244 37.93 -11.04 12.38
C PHE B 244 37.17 -11.38 11.12
N LYS B 245 37.79 -12.19 10.26
CA LYS B 245 37.16 -12.51 8.99
C LYS B 245 35.97 -13.42 9.17
N LEU B 246 35.97 -14.24 10.23
CA LEU B 246 34.82 -15.08 10.52
C LEU B 246 33.61 -14.25 10.92
N ALA B 247 33.85 -13.14 11.61
CA ALA B 247 32.75 -12.22 11.92
C ALA B 247 32.18 -11.62 10.65
N GLY B 248 33.02 -11.43 9.63
CA GLY B 248 32.49 -11.03 8.35
C GLY B 248 31.73 -12.11 7.65
N VAL B 249 32.01 -13.38 7.97
CA VAL B 249 31.30 -14.46 7.32
C VAL B 249 29.89 -14.58 7.88
N GLU B 250 29.76 -14.58 9.20
CA GLU B 250 28.45 -14.73 9.80
C GLU B 250 27.71 -13.42 9.92
N GLY B 251 28.39 -12.30 9.78
CA GLY B 251 27.72 -11.02 9.78
C GLY B 251 27.27 -10.54 11.13
N ASN B 252 28.05 -10.80 12.17
CA ASN B 252 27.74 -10.18 13.46
C ASN B 252 28.04 -8.71 13.41
N THR B 253 27.01 -7.93 13.12
CA THR B 253 27.17 -6.51 12.83
C THR B 253 27.66 -5.76 14.06
N VAL B 254 27.16 -6.12 15.24
CA VAL B 254 27.59 -5.45 16.45
C VAL B 254 29.00 -5.87 16.81
N MET B 255 29.32 -7.15 16.65
CA MET B 255 30.64 -7.63 17.03
C MET B 255 31.70 -7.14 16.07
N PHE B 256 31.34 -6.94 14.80
CA PHE B 256 32.27 -6.42 13.81
C PHE B 256 32.73 -5.02 14.17
N GLN B 257 31.81 -4.20 14.68
CA GLN B 257 32.15 -2.85 15.07
C GLN B 257 33.04 -2.84 16.30
N HIS B 258 32.92 -3.84 17.17
CA HIS B 258 33.82 -3.89 18.31
C HIS B 258 35.21 -4.35 17.91
N LEU B 259 35.33 -5.25 16.94
CA LEU B 259 36.66 -5.68 16.55
C LEU B 259 37.34 -4.72 15.59
N MET B 260 36.67 -3.64 15.18
CA MET B 260 37.32 -2.66 14.34
C MET B 260 38.17 -1.69 15.15
N GLN B 261 37.87 -1.55 16.44
CA GLN B 261 38.40 -0.47 17.25
C GLN B 261 39.90 -0.54 17.48
N LYS B 262 40.53 -1.69 17.26
CA LYS B 262 41.98 -1.75 17.31
C LYS B 262 42.61 -1.67 15.93
N ARG B 263 41.80 -1.67 14.88
CA ARG B 263 42.33 -1.54 13.53
C ARG B 263 42.50 -0.10 13.13
N LYS B 264 41.56 0.76 13.52
CA LYS B 264 41.57 2.15 13.11
C LYS B 264 42.62 2.93 13.89
N HIS B 265 42.83 4.17 13.47
CA HIS B 265 43.86 5.01 14.07
C HIS B 265 43.45 6.45 13.85
N THR B 266 42.94 7.09 14.90
CA THR B 266 42.53 8.49 14.78
C THR B 266 43.75 9.40 14.65
N GLN B 267 43.57 10.49 13.92
CA GLN B 267 44.73 11.27 13.49
C GLN B 267 44.72 12.68 14.04
N TRP B 268 43.66 13.45 13.79
CA TRP B 268 43.54 14.80 14.35
C TRP B 268 42.09 15.23 14.34
N THR B 269 41.69 15.94 15.39
CA THR B 269 40.33 16.42 15.57
C THR B 269 40.33 17.94 15.57
N TYR B 270 39.35 18.52 14.90
CA TYR B 270 39.29 19.97 14.68
C TYR B 270 37.86 20.43 14.96
N GLY B 271 37.57 20.71 16.23
CA GLY B 271 36.23 21.04 16.63
C GLY B 271 35.28 19.89 16.40
N PRO B 272 34.36 20.06 15.44
CA PRO B 272 33.52 18.94 15.01
C PRO B 272 34.15 18.07 13.95
N LEU B 273 35.35 18.38 13.48
CA LEU B 273 35.98 17.57 12.46
C LEU B 273 36.67 16.37 13.09
N THR B 274 36.59 15.24 12.41
CA THR B 274 37.24 14.03 12.85
C THR B 274 37.95 13.41 11.66
N SER B 275 39.24 13.18 11.83
CA SER B 275 40.09 12.63 10.77
C SER B 275 40.70 11.34 11.30
N THR B 276 40.26 10.21 10.78
CA THR B 276 40.73 8.91 11.23
C THR B 276 41.28 8.12 10.07
N LEU B 277 42.18 7.20 10.40
CA LEU B 277 42.89 6.38 9.43
C LEU B 277 42.50 4.93 9.66
N TYR B 278 41.68 4.37 8.77
CA TYR B 278 41.38 2.96 8.94
C TYR B 278 42.54 2.11 8.46
N ASP B 279 42.49 0.84 8.83
CA ASP B 279 43.65 -0.03 8.70
C ASP B 279 43.89 -0.44 7.26
N LEU B 280 42.96 -1.21 6.67
CA LEU B 280 43.05 -1.73 5.31
C LEU B 280 44.31 -2.58 5.13
N THR B 281 44.31 -3.73 5.77
CA THR B 281 45.19 -4.79 5.29
C THR B 281 44.52 -6.15 5.29
N GLU B 282 43.38 -6.30 5.94
CA GLU B 282 42.67 -7.56 5.99
C GLU B 282 41.50 -7.61 5.03
N ILE B 283 41.24 -6.52 4.31
CA ILE B 283 39.97 -6.34 3.64
C ILE B 283 40.15 -5.99 2.16
N ASP B 284 41.25 -6.45 1.56
CA ASP B 284 41.45 -6.25 0.14
C ASP B 284 42.35 -7.35 -0.40
N SER B 285 42.16 -7.67 -1.69
CA SER B 285 42.85 -8.78 -2.34
C SER B 285 44.36 -8.59 -2.40
N SER B 286 45.07 -9.39 -1.62
CA SER B 286 46.52 -9.32 -1.50
C SER B 286 47.23 -10.53 -2.08
N GLY B 287 46.80 -11.01 -3.25
CA GLY B 287 47.27 -12.32 -3.67
C GLY B 287 46.22 -13.37 -3.42
N ASP B 288 46.32 -14.02 -2.25
CA ASP B 288 45.47 -15.11 -1.80
C ASP B 288 43.97 -14.89 -1.96
N GLU B 289 43.23 -15.98 -2.11
CA GLU B 289 41.81 -15.97 -2.45
C GLU B 289 40.90 -15.64 -1.28
N GLN B 290 41.44 -15.32 -0.11
CA GLN B 290 40.64 -15.20 1.09
C GLN B 290 40.83 -13.84 1.74
N SER B 291 40.71 -12.77 0.96
CA SER B 291 40.99 -11.46 1.51
C SER B 291 39.99 -11.01 2.57
N LEU B 292 38.85 -10.44 2.15
CA LEU B 292 37.62 -10.48 2.92
C LEU B 292 36.43 -10.40 1.99
N LEU B 293 36.61 -9.76 0.86
CA LEU B 293 35.48 -9.36 0.04
C LEU B 293 35.02 -10.47 -0.88
N GLU B 294 35.90 -11.42 -1.21
CA GLU B 294 35.45 -12.60 -1.93
C GLU B 294 34.50 -13.42 -1.09
N LEU B 295 34.70 -13.38 0.24
CA LEU B 295 33.95 -14.20 1.15
C LEU B 295 32.51 -13.72 1.27
N ILE B 296 32.31 -12.41 1.16
CA ILE B 296 30.97 -11.86 1.32
C ILE B 296 30.12 -12.20 0.12
N ILE B 297 30.72 -12.24 -1.06
CA ILE B 297 29.96 -12.58 -2.24
C ILE B 297 29.73 -14.08 -2.31
N THR B 298 30.74 -14.87 -1.96
CA THR B 298 30.62 -16.31 -2.12
C THR B 298 29.77 -16.97 -1.03
N THR B 299 29.45 -16.27 0.04
CA THR B 299 28.57 -16.87 1.03
C THR B 299 27.12 -16.70 0.58
N LYS B 300 26.22 -17.34 1.31
CA LYS B 300 24.81 -17.33 0.97
C LYS B 300 23.92 -16.66 1.99
N LYS B 301 24.44 -16.38 3.18
CA LYS B 301 23.62 -15.84 4.26
C LYS B 301 23.22 -14.41 3.97
N ARG B 302 21.92 -14.16 3.97
CA ARG B 302 21.40 -12.81 3.72
C ARG B 302 21.75 -11.85 4.85
N GLU B 303 21.97 -12.35 6.06
CA GLU B 303 22.26 -11.48 7.18
C GLU B 303 23.62 -10.83 7.03
N ALA B 304 24.59 -11.53 6.46
CA ALA B 304 25.96 -11.03 6.42
C ALA B 304 26.18 -10.00 5.33
N ARG B 305 25.31 -9.91 4.32
CA ARG B 305 25.47 -8.90 3.29
C ARG B 305 25.22 -7.49 3.80
N GLN B 306 24.65 -7.34 4.98
CA GLN B 306 24.53 -6.05 5.64
C GLN B 306 25.82 -5.62 6.31
N ILE B 307 26.94 -6.28 6.06
CA ILE B 307 28.22 -5.75 6.52
C ILE B 307 28.68 -4.60 5.64
N LEU B 308 28.06 -4.42 4.47
CA LEU B 308 28.47 -3.43 3.49
C LEU B 308 28.03 -2.02 3.84
N ASP B 309 27.55 -1.77 5.06
CA ASP B 309 27.19 -0.43 5.46
C ASP B 309 27.94 0.04 6.69
N GLN B 310 28.91 -0.72 7.17
CA GLN B 310 29.80 -0.19 8.17
C GLN B 310 30.79 0.76 7.52
N THR B 311 31.53 1.48 8.37
CA THR B 311 32.30 2.63 7.88
C THR B 311 33.45 2.29 6.94
N PRO B 312 34.43 1.44 7.27
CA PRO B 312 35.64 1.43 6.43
C PRO B 312 35.47 0.68 5.13
N VAL B 313 34.38 -0.06 4.94
CA VAL B 313 34.19 -0.88 3.77
C VAL B 313 33.36 -0.18 2.70
N LYS B 314 32.25 0.44 3.12
CA LYS B 314 31.34 1.10 2.18
C LYS B 314 32.02 2.27 1.49
N GLU B 315 32.87 3.00 2.21
CA GLU B 315 33.63 4.07 1.57
C GLU B 315 34.66 3.50 0.61
N LEU B 316 35.28 2.37 0.98
CA LEU B 316 36.30 1.75 0.15
C LEU B 316 35.72 1.26 -1.17
N VAL B 317 34.60 0.55 -1.11
CA VAL B 317 34.05 -0.03 -2.32
C VAL B 317 33.44 1.06 -3.20
N SER B 318 32.94 2.14 -2.61
CA SER B 318 32.43 3.22 -3.43
C SER B 318 33.56 4.00 -4.07
N LEU B 319 34.70 4.11 -3.39
CA LEU B 319 35.85 4.74 -3.99
C LEU B 319 36.39 3.91 -5.15
N LYS B 320 36.51 2.61 -4.94
CA LYS B 320 37.10 1.76 -5.96
C LYS B 320 36.17 1.56 -7.14
N TRP B 321 34.86 1.69 -6.94
CA TRP B 321 33.98 1.61 -8.09
C TRP B 321 33.98 2.90 -8.88
N LYS B 322 34.04 4.04 -8.19
CA LYS B 322 33.97 5.32 -8.90
C LYS B 322 35.27 5.60 -9.62
N ARG B 323 36.36 5.75 -8.87
CA ARG B 323 37.66 5.88 -9.50
C ARG B 323 38.09 4.51 -10.02
N TYR B 324 38.31 4.44 -11.33
CA TYR B 324 38.91 3.35 -12.09
C TYR B 324 38.00 2.13 -12.26
N GLY B 325 36.89 2.06 -11.53
CA GLY B 325 36.12 0.84 -11.56
C GLY B 325 35.02 0.84 -12.60
N ARG B 326 34.17 1.86 -12.52
CA ARG B 326 33.11 2.05 -13.50
C ARG B 326 33.57 2.16 -14.96
N PRO B 327 34.57 2.99 -15.34
CA PRO B 327 34.83 3.13 -16.77
C PRO B 327 35.50 1.92 -17.39
N TYR B 328 36.23 1.11 -16.61
CA TYR B 328 36.71 -0.14 -17.16
C TYR B 328 35.59 -1.12 -17.43
N PHE B 329 34.51 -1.04 -16.66
CA PHE B 329 33.38 -1.92 -16.92
C PHE B 329 32.61 -1.51 -18.16
N CYS B 330 32.43 -0.21 -18.35
CA CYS B 330 31.65 0.25 -19.49
C CYS B 330 32.44 0.08 -20.78
N MET B 331 33.73 0.38 -20.75
CA MET B 331 34.57 0.15 -21.92
C MET B 331 34.76 -1.33 -22.20
N LEU B 332 34.60 -2.18 -21.18
CA LEU B 332 34.42 -3.59 -21.45
C LEU B 332 33.11 -3.83 -22.16
N GLY B 333 32.05 -3.13 -21.73
CA GLY B 333 30.74 -3.35 -22.32
C GLY B 333 30.63 -2.82 -23.73
N ALA B 334 31.39 -1.78 -24.05
CA ALA B 334 31.33 -1.22 -25.40
C ALA B 334 31.93 -2.16 -26.43
N ILE B 335 32.90 -2.97 -26.01
CA ILE B 335 33.46 -3.97 -26.92
C ILE B 335 32.42 -5.03 -27.24
N TYR B 336 31.69 -5.48 -26.22
CA TYR B 336 30.71 -6.54 -26.41
C TYR B 336 29.52 -6.07 -27.23
N LEU B 337 29.18 -4.79 -27.15
CA LEU B 337 28.08 -4.29 -27.95
C LEU B 337 28.44 -4.30 -29.43
N LEU B 338 29.67 -3.92 -29.76
CA LEU B 338 30.15 -4.06 -31.13
C LEU B 338 30.37 -5.51 -31.53
N TYR B 339 30.55 -6.40 -30.56
CA TYR B 339 30.69 -7.81 -30.88
C TYR B 339 29.37 -8.36 -31.42
N ILE B 340 28.26 -8.00 -30.80
CA ILE B 340 26.98 -8.56 -31.21
C ILE B 340 26.52 -7.94 -32.51
N ILE B 341 26.80 -6.64 -32.69
CA ILE B 341 26.55 -5.97 -33.96
C ILE B 341 27.33 -6.62 -35.08
N CYS B 342 28.61 -6.94 -34.81
CA CYS B 342 29.40 -7.65 -35.80
C CYS B 342 28.97 -9.11 -35.89
N PHE B 343 28.22 -9.61 -34.92
CA PHE B 343 27.63 -10.92 -35.05
C PHE B 343 26.34 -10.88 -35.85
N THR B 344 25.46 -9.93 -35.51
CA THR B 344 24.12 -9.98 -36.09
C THR B 344 24.12 -9.49 -37.54
N MET B 345 25.08 -8.65 -37.92
CA MET B 345 25.20 -8.31 -39.32
C MET B 345 25.76 -9.48 -40.10
N CYS B 346 26.69 -10.22 -39.48
CA CYS B 346 27.14 -11.48 -40.05
C CYS B 346 26.05 -12.54 -39.96
N CYS B 347 25.09 -12.35 -39.07
CA CYS B 347 23.96 -13.27 -39.04
C CYS B 347 23.00 -12.98 -40.18
N ILE B 348 22.64 -11.71 -40.39
CA ILE B 348 21.60 -11.40 -41.38
C ILE B 348 22.09 -11.53 -42.81
N TYR B 349 23.38 -11.37 -43.07
CA TYR B 349 23.92 -11.73 -44.37
C TYR B 349 24.32 -13.18 -44.30
N ARG B 350 23.89 -13.97 -45.28
CA ARG B 350 24.06 -15.39 -45.13
C ARG B 350 24.03 -15.99 -46.52
N PRO B 351 24.87 -16.97 -46.84
CA PRO B 351 24.94 -17.43 -48.23
C PRO B 351 23.74 -18.26 -48.64
N LEU B 352 22.65 -17.56 -48.96
CA LEU B 352 21.45 -18.18 -49.47
C LEU B 352 21.62 -18.48 -50.96
N LYS B 353 20.60 -19.09 -51.53
CA LYS B 353 20.53 -19.35 -52.96
C LYS B 353 19.07 -19.51 -53.32
N PRO B 354 18.68 -19.28 -54.57
CA PRO B 354 17.31 -19.59 -54.96
C PRO B 354 17.05 -21.09 -54.90
N ARG B 355 15.77 -21.42 -54.79
CA ARG B 355 15.33 -22.79 -54.61
C ARG B 355 15.57 -23.56 -55.90
N THR B 356 16.66 -24.32 -55.94
CA THR B 356 17.03 -25.08 -57.12
C THR B 356 16.83 -26.56 -56.87
N ASN B 357 16.51 -27.28 -57.96
CA ASN B 357 16.45 -28.73 -58.06
C ASN B 357 15.41 -29.37 -57.15
N ASN B 358 14.56 -28.58 -56.50
CA ASN B 358 13.60 -29.08 -55.53
C ASN B 358 12.36 -28.21 -55.66
N ARG B 359 11.30 -28.75 -56.27
CA ARG B 359 10.07 -28.00 -56.41
C ARG B 359 9.29 -28.02 -55.10
N THR B 360 8.10 -27.44 -55.12
CA THR B 360 7.19 -27.55 -53.99
C THR B 360 6.26 -28.75 -54.21
N SER B 361 6.88 -29.88 -54.49
CA SER B 361 6.20 -31.14 -54.77
C SER B 361 5.40 -31.65 -53.57
N PRO B 362 5.84 -31.49 -52.29
CA PRO B 362 4.84 -31.56 -51.22
C PRO B 362 3.97 -30.32 -51.24
N ARG B 363 2.74 -30.46 -51.70
CA ARG B 363 1.89 -29.31 -51.90
C ARG B 363 1.29 -28.87 -50.58
N ASP B 364 1.35 -27.55 -50.31
CA ASP B 364 0.87 -26.90 -49.08
C ASP B 364 1.62 -27.42 -47.85
N ASN B 365 2.84 -27.90 -48.08
CA ASN B 365 3.71 -28.35 -47.01
C ASN B 365 5.04 -27.62 -46.98
N THR B 366 5.66 -27.39 -48.13
CA THR B 366 6.89 -26.62 -48.21
C THR B 366 6.55 -25.28 -48.84
N LEU B 367 6.54 -24.22 -48.05
CA LEU B 367 6.50 -22.87 -48.58
C LEU B 367 7.85 -22.29 -48.25
N LEU B 368 8.83 -22.59 -49.10
CA LEU B 368 10.22 -22.24 -48.88
C LEU B 368 10.84 -21.86 -50.21
N GLN B 369 11.92 -21.10 -50.16
CA GLN B 369 12.57 -20.66 -51.39
C GLN B 369 14.09 -20.71 -51.38
N GLN B 370 14.76 -21.19 -50.33
CA GLN B 370 16.19 -20.96 -50.30
C GLN B 370 17.04 -22.23 -50.39
N LYS B 371 17.00 -23.10 -49.38
CA LYS B 371 17.86 -24.29 -49.29
C LYS B 371 19.33 -23.93 -49.54
N LEU B 372 19.89 -23.21 -48.56
CA LEU B 372 21.09 -22.36 -48.68
C LEU B 372 22.31 -23.07 -49.26
N LEU B 373 23.28 -22.27 -49.69
CA LEU B 373 24.49 -22.69 -50.39
C LEU B 373 25.38 -23.55 -49.51
N GLN B 374 26.44 -24.08 -50.14
CA GLN B 374 27.35 -25.00 -49.47
C GLN B 374 28.78 -24.47 -49.36
N GLU B 375 29.43 -24.17 -50.49
CA GLU B 375 30.82 -23.73 -50.47
C GLU B 375 31.06 -22.62 -51.48
N ALA B 376 30.09 -21.72 -51.64
CA ALA B 376 30.20 -20.67 -52.64
C ALA B 376 30.48 -19.35 -51.93
N TYR B 377 31.77 -19.02 -51.80
CA TYR B 377 32.18 -17.72 -51.29
C TYR B 377 32.87 -16.88 -52.34
N MET B 378 32.74 -17.22 -53.61
CA MET B 378 33.51 -16.58 -54.68
C MET B 378 32.92 -15.20 -54.99
N THR B 379 33.16 -14.27 -54.08
CA THR B 379 32.70 -12.87 -54.13
C THR B 379 33.55 -12.06 -53.16
N PRO B 380 34.09 -10.91 -53.57
CA PRO B 380 34.86 -10.09 -52.63
C PRO B 380 34.02 -9.45 -51.54
N LYS B 381 32.71 -9.34 -51.75
CA LYS B 381 31.83 -8.90 -50.67
C LYS B 381 31.75 -9.94 -49.56
N ASP B 382 31.94 -11.21 -49.91
CA ASP B 382 31.95 -12.27 -48.90
C ASP B 382 33.16 -12.17 -47.98
N ASP B 383 34.25 -11.57 -48.46
CA ASP B 383 35.42 -11.38 -47.61
C ASP B 383 35.11 -10.43 -46.47
N ILE B 384 34.23 -9.45 -46.72
CA ILE B 384 33.73 -8.59 -45.67
C ILE B 384 32.95 -9.41 -44.65
N ARG B 385 32.15 -10.37 -45.13
CA ARG B 385 31.51 -11.28 -44.21
C ARG B 385 32.52 -12.23 -43.60
N LEU B 386 33.56 -12.58 -44.35
CA LEU B 386 34.60 -13.47 -43.84
C LEU B 386 35.38 -12.80 -42.71
N VAL B 387 35.42 -11.47 -42.70
CA VAL B 387 35.88 -10.76 -41.51
C VAL B 387 35.01 -11.11 -40.32
N GLY B 388 33.71 -10.82 -40.42
CA GLY B 388 32.84 -10.89 -39.26
C GLY B 388 32.61 -12.28 -38.71
N GLU B 389 32.57 -13.28 -39.61
CA GLU B 389 32.52 -14.66 -39.15
C GLU B 389 33.79 -15.03 -38.42
N LEU B 390 34.94 -14.54 -38.89
CA LEU B 390 36.18 -14.78 -38.17
C LEU B 390 36.23 -13.95 -36.90
N VAL B 391 35.57 -12.79 -36.89
CA VAL B 391 35.55 -11.94 -35.70
C VAL B 391 34.81 -12.64 -34.57
N THR B 392 33.61 -13.16 -34.85
CA THR B 392 32.81 -13.71 -33.79
C THR B 392 33.31 -15.06 -33.30
N VAL B 393 34.05 -15.79 -34.13
CA VAL B 393 34.39 -17.15 -33.71
C VAL B 393 35.59 -17.13 -32.77
N ILE B 394 36.46 -16.13 -32.91
CA ILE B 394 37.64 -16.06 -32.06
C ILE B 394 37.26 -15.59 -30.66
N GLY B 395 36.34 -14.63 -30.58
CA GLY B 395 35.87 -14.17 -29.29
C GLY B 395 35.08 -15.21 -28.54
N ALA B 396 34.48 -16.15 -29.27
CA ALA B 396 33.80 -17.26 -28.60
C ALA B 396 34.79 -18.13 -27.85
N ILE B 397 35.98 -18.33 -28.41
CA ILE B 397 37.04 -19.04 -27.71
C ILE B 397 37.51 -18.23 -26.51
N ILE B 398 37.49 -16.90 -26.63
CA ILE B 398 37.92 -16.04 -25.55
C ILE B 398 36.96 -16.15 -24.38
N ILE B 399 35.66 -16.20 -24.67
CA ILE B 399 34.64 -16.31 -23.63
C ILE B 399 34.76 -17.65 -22.92
N LEU B 400 35.04 -18.71 -23.68
CA LEU B 400 35.22 -20.02 -23.08
C LEU B 400 36.46 -20.08 -22.20
N LEU B 401 37.58 -19.58 -22.68
CA LEU B 401 38.83 -19.70 -21.95
C LEU B 401 39.03 -18.60 -20.91
N VAL B 402 37.97 -17.85 -20.58
CA VAL B 402 38.09 -16.86 -19.51
C VAL B 402 37.15 -17.18 -18.35
N GLU B 403 36.11 -17.98 -18.56
CA GLU B 403 35.14 -18.21 -17.50
C GLU B 403 34.96 -19.69 -17.24
N VAL B 404 35.13 -20.52 -18.26
CA VAL B 404 35.17 -21.96 -18.04
C VAL B 404 36.53 -22.47 -18.50
N PRO B 405 37.58 -22.30 -17.69
CA PRO B 405 38.91 -22.72 -18.10
C PRO B 405 39.11 -24.22 -17.99
N ASP B 406 38.19 -24.93 -17.35
CA ASP B 406 38.37 -26.33 -17.02
C ASP B 406 37.86 -27.22 -18.16
N ILE B 407 38.31 -26.92 -19.37
CA ILE B 407 37.95 -27.68 -20.54
C ILE B 407 39.14 -28.49 -21.08
N PHE B 408 40.37 -28.13 -20.71
CA PHE B 408 41.54 -28.94 -21.04
C PHE B 408 41.54 -30.26 -20.30
N ARG B 409 40.86 -30.33 -19.14
CA ARG B 409 40.62 -31.59 -18.46
C ARG B 409 39.68 -32.50 -19.25
N MET B 410 38.78 -31.92 -20.05
CA MET B 410 37.78 -32.61 -20.86
C MET B 410 36.87 -33.46 -19.98
N GLY B 411 36.15 -32.78 -19.08
CA GLY B 411 35.22 -33.44 -18.20
C GLY B 411 33.78 -33.08 -18.49
N VAL B 412 32.97 -34.08 -18.86
CA VAL B 412 31.56 -33.83 -19.16
C VAL B 412 30.76 -33.63 -17.88
N THR B 413 31.03 -34.44 -16.85
CA THR B 413 30.36 -34.29 -15.55
C THR B 413 30.83 -33.07 -14.78
N ARG B 414 31.90 -32.41 -15.23
CA ARG B 414 32.31 -31.12 -14.67
C ARG B 414 31.28 -30.04 -14.93
N PHE B 415 30.45 -30.19 -15.97
CA PHE B 415 29.45 -29.19 -16.33
C PHE B 415 28.37 -29.07 -15.26
N PHE B 416 28.12 -30.14 -14.50
CA PHE B 416 27.19 -30.07 -13.39
C PHE B 416 27.72 -29.18 -12.27
N GLY B 417 29.04 -29.17 -12.08
CA GLY B 417 29.67 -28.25 -11.16
C GLY B 417 29.91 -26.87 -11.70
N GLN B 418 29.27 -26.52 -12.81
CA GLN B 418 29.41 -25.21 -13.43
C GLN B 418 28.06 -24.51 -13.60
N THR B 419 26.96 -25.23 -13.41
CA THR B 419 25.62 -24.67 -13.56
C THR B 419 25.21 -23.84 -12.35
N ILE B 420 25.08 -24.47 -11.19
CA ILE B 420 24.69 -23.74 -10.00
C ILE B 420 25.89 -22.97 -9.43
N LEU B 421 27.10 -23.47 -9.64
CA LEU B 421 28.30 -22.73 -9.28
C LEU B 421 28.50 -21.68 -10.36
N GLY B 422 28.08 -20.46 -10.07
CA GLY B 422 28.07 -19.38 -11.04
C GLY B 422 26.69 -18.75 -11.07
N GLY B 423 26.64 -17.49 -11.46
CA GLY B 423 25.39 -16.75 -11.48
C GLY B 423 24.55 -17.10 -12.68
N PRO B 424 23.35 -16.52 -12.73
CA PRO B 424 22.44 -16.80 -13.86
C PRO B 424 22.94 -16.23 -15.17
N PHE B 425 23.63 -15.10 -15.13
CA PHE B 425 24.30 -14.60 -16.30
C PHE B 425 25.63 -15.28 -16.55
N HIS B 426 26.14 -16.05 -15.60
CA HIS B 426 27.26 -16.94 -15.86
C HIS B 426 26.84 -18.25 -16.49
N VAL B 427 25.62 -18.33 -17.01
CA VAL B 427 25.13 -19.51 -17.68
C VAL B 427 24.86 -19.24 -19.16
N LEU B 428 24.20 -18.12 -19.45
CA LEU B 428 23.80 -17.80 -20.82
C LEU B 428 25.00 -17.63 -21.73
N ILE B 429 25.99 -16.86 -21.27
CA ILE B 429 27.11 -16.53 -22.12
C ILE B 429 27.97 -17.77 -22.37
N ILE B 430 27.94 -18.73 -21.46
CA ILE B 430 28.52 -20.04 -21.76
C ILE B 430 27.71 -20.73 -22.85
N THR B 431 26.38 -20.72 -22.73
CA THR B 431 25.56 -21.31 -23.78
C THR B 431 25.52 -20.45 -25.03
N TYR B 432 25.93 -19.18 -24.93
CA TYR B 432 26.16 -18.40 -26.13
C TYR B 432 27.32 -18.96 -26.93
N ALA B 433 28.29 -19.57 -26.26
CA ALA B 433 29.46 -20.04 -26.97
C ALA B 433 29.17 -21.29 -27.77
N PHE B 434 28.40 -22.23 -27.20
CA PHE B 434 28.17 -23.52 -27.83
C PHE B 434 27.44 -23.36 -29.16
N MET B 435 26.48 -22.44 -29.20
CA MET B 435 25.75 -22.20 -30.45
C MET B 435 26.67 -21.59 -31.50
N VAL B 436 27.58 -20.73 -31.08
CA VAL B 436 28.56 -20.20 -32.02
C VAL B 436 29.59 -21.28 -32.35
N LEU B 437 29.77 -22.26 -31.47
CA LEU B 437 30.60 -23.39 -31.85
C LEU B 437 29.90 -24.26 -32.89
N VAL B 438 28.57 -24.35 -32.84
CA VAL B 438 27.86 -25.20 -33.79
C VAL B 438 27.94 -24.63 -35.19
N THR B 439 27.78 -23.31 -35.32
CA THR B 439 27.90 -22.70 -36.65
C THR B 439 29.33 -22.71 -37.17
N MET B 440 30.31 -22.94 -36.30
CA MET B 440 31.63 -23.34 -36.79
C MET B 440 31.62 -24.81 -37.17
N VAL B 441 30.93 -25.65 -36.40
CA VAL B 441 30.89 -27.08 -36.68
C VAL B 441 30.05 -27.37 -37.91
N MET B 442 28.88 -26.75 -38.00
CA MET B 442 27.91 -27.12 -39.02
C MET B 442 28.35 -26.70 -40.40
N ARG B 443 28.88 -25.49 -40.52
CA ARG B 443 29.19 -24.92 -41.83
C ARG B 443 30.39 -25.57 -42.49
N LEU B 444 31.22 -26.29 -41.74
CA LEU B 444 32.20 -27.15 -42.38
C LEU B 444 31.59 -28.49 -42.76
N ILE B 445 30.60 -28.96 -42.00
CA ILE B 445 29.95 -30.22 -42.32
C ILE B 445 28.87 -30.01 -43.37
N SER B 446 28.19 -28.87 -43.32
CA SER B 446 27.15 -28.46 -44.27
C SER B 446 25.99 -29.45 -44.31
N ALA B 447 25.29 -29.54 -43.20
CA ALA B 447 24.05 -30.30 -43.14
C ALA B 447 22.88 -29.33 -43.28
N SER B 448 21.67 -29.87 -43.14
CA SER B 448 20.47 -29.10 -43.47
C SER B 448 20.10 -28.12 -42.37
N GLY B 449 19.98 -28.61 -41.13
CA GLY B 449 19.56 -27.79 -40.01
C GLY B 449 20.57 -26.72 -39.65
N GLU B 450 20.26 -25.49 -40.01
CA GLU B 450 21.24 -24.43 -39.83
C GLU B 450 20.71 -23.24 -39.06
N VAL B 451 19.44 -22.88 -39.26
CA VAL B 451 18.90 -21.69 -38.62
C VAL B 451 18.57 -21.93 -37.16
N VAL B 452 18.43 -23.19 -36.76
CA VAL B 452 18.03 -23.50 -35.39
C VAL B 452 19.12 -23.16 -34.36
N PRO B 453 20.39 -23.56 -34.54
CA PRO B 453 21.37 -23.12 -33.54
C PRO B 453 21.69 -21.66 -33.68
N MET B 454 21.55 -21.13 -34.88
CA MET B 454 21.73 -19.70 -35.10
C MET B 454 20.63 -18.91 -34.39
N SER B 455 19.45 -19.52 -34.22
CA SER B 455 18.34 -18.82 -33.59
C SER B 455 18.61 -18.55 -32.12
N PHE B 456 19.03 -19.57 -31.38
CA PHE B 456 19.43 -19.34 -30.00
C PHE B 456 20.68 -18.49 -29.92
N ALA B 457 21.55 -18.60 -30.92
CA ALA B 457 22.76 -17.79 -30.97
C ALA B 457 22.47 -16.32 -31.12
N LEU B 458 21.29 -15.97 -31.63
CA LEU B 458 20.97 -14.58 -31.89
C LEU B 458 20.14 -13.96 -30.79
N VAL B 459 19.28 -14.74 -30.13
CA VAL B 459 18.41 -14.16 -29.12
C VAL B 459 19.04 -14.25 -27.72
N LEU B 460 19.85 -15.26 -27.45
CA LEU B 460 20.57 -15.27 -26.19
C LEU B 460 21.68 -14.25 -26.17
N GLY B 461 22.16 -13.85 -27.35
CA GLY B 461 23.18 -12.83 -27.41
C GLY B 461 22.67 -11.49 -26.93
N TRP B 462 21.58 -11.01 -27.53
CA TRP B 462 21.08 -9.67 -27.20
C TRP B 462 20.51 -9.61 -25.80
N CYS B 463 19.92 -10.70 -25.32
CA CYS B 463 19.40 -10.71 -23.96
C CYS B 463 20.52 -10.62 -22.94
N ASN B 464 21.73 -11.01 -23.32
CA ASN B 464 22.84 -10.99 -22.40
C ASN B 464 23.32 -9.59 -22.06
N VAL B 465 22.90 -8.56 -22.81
CA VAL B 465 23.47 -7.24 -22.58
C VAL B 465 22.95 -6.61 -21.30
N MET B 466 21.92 -7.18 -20.69
CA MET B 466 21.49 -6.77 -19.37
C MET B 466 22.52 -7.08 -18.29
N TYR B 467 23.43 -8.03 -18.55
CA TYR B 467 24.56 -8.24 -17.67
C TYR B 467 25.42 -7.00 -17.55
N PHE B 468 25.45 -6.16 -18.58
CA PHE B 468 26.08 -4.86 -18.49
C PHE B 468 25.15 -3.77 -18.03
N ALA B 469 23.87 -4.07 -17.86
CA ALA B 469 22.97 -3.13 -17.23
C ALA B 469 22.93 -3.28 -15.73
N ARG B 470 23.93 -3.93 -15.14
CA ARG B 470 24.05 -3.96 -13.68
C ARG B 470 24.23 -2.56 -13.14
N GLY B 471 25.33 -1.92 -13.50
CA GLY B 471 25.52 -0.56 -13.09
C GLY B 471 25.04 0.39 -14.14
N PHE B 472 25.99 1.12 -14.71
CA PHE B 472 25.92 2.03 -15.85
C PHE B 472 25.16 3.32 -15.55
N GLN B 473 24.33 3.30 -14.52
CA GLN B 473 23.70 4.44 -13.87
C GLN B 473 22.93 3.80 -12.73
N MET B 474 22.08 4.56 -12.05
CA MET B 474 21.16 3.99 -11.08
C MET B 474 19.92 3.36 -11.75
N LEU B 475 19.91 3.26 -13.08
CA LEU B 475 18.81 2.66 -13.82
C LEU B 475 19.05 1.17 -14.05
N GLY B 476 19.46 0.50 -12.98
CA GLY B 476 19.81 -0.90 -13.01
C GLY B 476 19.49 -1.77 -11.80
N PRO B 477 18.97 -1.23 -10.69
CA PRO B 477 18.16 -2.06 -9.80
C PRO B 477 16.74 -2.32 -10.30
N PHE B 478 16.44 -1.98 -11.55
CA PHE B 478 15.33 -2.62 -12.22
C PHE B 478 15.66 -4.05 -12.59
N THR B 479 16.91 -4.31 -12.95
CA THR B 479 17.26 -5.64 -13.43
C THR B 479 17.39 -6.62 -12.29
N ILE B 480 17.70 -6.15 -11.09
CA ILE B 480 17.66 -7.05 -9.95
C ILE B 480 16.23 -7.38 -9.57
N MET B 481 15.26 -6.55 -9.98
CA MET B 481 13.88 -6.85 -9.68
C MET B 481 13.34 -7.93 -10.61
N ILE B 482 13.65 -7.83 -11.91
CA ILE B 482 13.17 -8.81 -12.85
C ILE B 482 13.86 -10.17 -12.64
N GLN B 483 15.05 -10.18 -12.05
CA GLN B 483 15.67 -11.43 -11.62
C GLN B 483 14.86 -12.10 -10.53
N LYS B 484 14.41 -11.33 -9.53
CA LYS B 484 13.67 -11.91 -8.43
C LYS B 484 12.27 -12.35 -8.85
N MET B 485 11.77 -11.82 -9.94
CA MET B 485 10.43 -12.15 -10.37
C MET B 485 10.39 -13.36 -11.30
N ILE B 486 11.39 -13.53 -12.15
CA ILE B 486 11.35 -14.62 -13.12
C ILE B 486 11.58 -15.95 -12.44
N PHE B 487 12.29 -15.97 -11.32
CA PHE B 487 12.36 -17.16 -10.49
C PHE B 487 11.26 -17.08 -9.45
N GLY B 488 10.42 -18.10 -9.41
CA GLY B 488 9.29 -18.02 -8.51
C GLY B 488 8.08 -17.42 -9.17
N ASP B 489 7.92 -16.10 -9.02
CA ASP B 489 6.64 -15.42 -9.15
C ASP B 489 6.12 -15.33 -10.59
N LEU B 490 6.83 -15.85 -11.57
CA LEU B 490 6.19 -16.24 -12.83
C LEU B 490 6.28 -17.73 -13.07
N MET B 491 7.30 -18.39 -12.55
CA MET B 491 7.39 -19.83 -12.63
C MET B 491 6.31 -20.51 -11.80
N ARG B 492 5.84 -19.86 -10.73
CA ARG B 492 4.67 -20.32 -9.99
C ARG B 492 3.38 -19.97 -10.71
N PHE B 493 3.45 -19.19 -11.77
CA PHE B 493 2.31 -18.97 -12.64
C PHE B 493 2.39 -19.80 -13.91
N CYS B 494 3.60 -20.16 -14.33
CA CYS B 494 3.75 -20.88 -15.60
C CYS B 494 3.23 -22.31 -15.50
N TRP B 495 3.24 -22.90 -14.31
CA TRP B 495 2.62 -24.20 -14.13
C TRP B 495 1.11 -24.11 -14.25
N LEU B 496 0.49 -23.21 -13.49
CA LEU B 496 -0.96 -23.15 -13.43
C LEU B 496 -1.60 -22.63 -14.70
N MET B 497 -0.82 -22.01 -15.58
CA MET B 497 -1.30 -21.77 -16.93
C MET B 497 -1.44 -23.09 -17.67
N ALA B 498 -0.42 -23.95 -17.59
CA ALA B 498 -0.47 -25.23 -18.28
C ALA B 498 -1.44 -26.20 -17.61
N VAL B 499 -1.80 -25.93 -16.36
CA VAL B 499 -2.89 -26.66 -15.71
C VAL B 499 -4.19 -26.43 -16.47
N VAL B 500 -4.55 -25.17 -16.65
CA VAL B 500 -5.85 -24.86 -17.20
C VAL B 500 -5.87 -25.09 -18.70
N ILE B 501 -4.80 -24.70 -19.37
CA ILE B 501 -4.87 -24.56 -20.81
C ILE B 501 -4.75 -25.89 -21.51
N LEU B 502 -4.23 -26.90 -20.82
CA LEU B 502 -4.16 -28.21 -21.42
C LEU B 502 -5.54 -28.86 -21.43
N GLY B 503 -6.44 -28.38 -20.59
CA GLY B 503 -7.81 -28.83 -20.64
C GLY B 503 -8.54 -28.30 -21.83
N PHE B 504 -8.65 -26.97 -21.90
CA PHE B 504 -9.48 -26.33 -22.90
C PHE B 504 -9.02 -26.61 -24.31
N ALA B 505 -7.70 -26.74 -24.50
CA ALA B 505 -7.18 -26.95 -25.84
C ALA B 505 -7.58 -28.29 -26.37
N SER B 506 -7.54 -29.31 -25.52
CA SER B 506 -8.11 -30.58 -25.93
C SER B 506 -9.61 -30.47 -26.04
N ALA B 507 -10.23 -29.68 -25.15
CA ALA B 507 -11.67 -29.50 -25.20
C ALA B 507 -12.09 -28.76 -26.46
N PHE B 508 -11.25 -27.84 -26.93
CA PHE B 508 -11.51 -27.27 -28.24
C PHE B 508 -11.26 -28.30 -29.33
N TYR B 509 -10.24 -29.14 -29.15
CA TYR B 509 -9.84 -30.08 -30.19
C TYR B 509 -10.92 -31.12 -30.44
N ILE B 510 -11.62 -31.51 -29.39
CA ILE B 510 -12.81 -32.33 -29.56
C ILE B 510 -13.89 -31.53 -30.24
N ILE B 511 -14.10 -30.29 -29.81
CA ILE B 511 -15.32 -29.61 -30.19
C ILE B 511 -15.26 -29.07 -31.60
N PHE B 512 -14.08 -29.06 -32.22
CA PHE B 512 -13.97 -28.78 -33.63
C PHE B 512 -13.49 -29.99 -34.42
N GLN B 513 -13.53 -31.18 -33.81
CA GLN B 513 -13.06 -32.37 -34.52
C GLN B 513 -13.95 -32.70 -35.71
N THR B 514 -15.22 -32.34 -35.65
CA THR B 514 -16.14 -32.59 -36.74
C THR B 514 -16.26 -31.41 -37.69
N GLU B 515 -15.28 -30.52 -37.73
CA GLU B 515 -15.45 -29.24 -38.41
C GLU B 515 -14.47 -29.14 -39.58
N ASP B 516 -14.90 -28.41 -40.62
CA ASP B 516 -14.05 -28.12 -41.76
C ASP B 516 -12.82 -27.31 -41.35
N PRO B 517 -11.67 -27.61 -41.90
CA PRO B 517 -10.48 -26.83 -41.54
C PRO B 517 -10.33 -25.51 -42.29
N GLU B 518 -10.83 -25.43 -43.53
CA GLU B 518 -10.59 -24.26 -44.36
C GLU B 518 -11.30 -23.01 -43.87
N GLU B 519 -12.29 -23.15 -42.99
CA GLU B 519 -12.79 -22.07 -42.17
C GLU B 519 -12.48 -22.43 -40.72
N LEU B 520 -11.88 -21.49 -39.99
CA LEU B 520 -11.36 -21.70 -38.62
C LEU B 520 -10.40 -22.88 -38.57
N GLY B 521 -9.26 -22.69 -39.21
CA GLY B 521 -8.17 -23.62 -39.07
C GLY B 521 -7.33 -23.39 -37.84
N HIS B 522 -7.98 -23.10 -36.71
CA HIS B 522 -7.25 -22.92 -35.48
C HIS B 522 -6.86 -24.26 -34.89
N PHE B 523 -7.76 -25.22 -34.94
CA PHE B 523 -7.65 -26.42 -34.11
C PHE B 523 -7.70 -27.68 -34.96
N TYR B 524 -7.18 -27.60 -36.18
CA TYR B 524 -7.31 -28.71 -37.11
C TYR B 524 -6.41 -29.88 -36.77
N ASP B 525 -5.41 -29.67 -35.93
CA ASP B 525 -4.58 -30.74 -35.43
C ASP B 525 -3.99 -30.33 -34.09
N TYR B 526 -3.85 -31.32 -33.20
CA TYR B 526 -3.50 -31.04 -31.81
C TYR B 526 -2.16 -30.35 -31.57
N PRO B 527 -1.05 -30.61 -32.30
CA PRO B 527 0.17 -29.84 -32.00
C PRO B 527 0.07 -28.37 -32.29
N MET B 528 -0.76 -27.96 -33.23
CA MET B 528 -0.96 -26.52 -33.39
C MET B 528 -2.13 -26.04 -32.55
N ALA B 529 -3.09 -26.93 -32.28
CA ALA B 529 -4.22 -26.57 -31.43
C ALA B 529 -3.79 -26.37 -29.99
N LEU B 530 -2.72 -27.05 -29.57
CA LEU B 530 -2.12 -26.72 -28.29
C LEU B 530 -1.46 -25.36 -28.34
N PHE B 531 -0.90 -24.99 -29.48
CA PHE B 531 -0.26 -23.69 -29.59
C PHE B 531 -1.28 -22.56 -29.62
N SER B 532 -2.33 -22.72 -30.40
CA SER B 532 -3.23 -21.59 -30.62
C SER B 532 -4.07 -21.28 -29.40
N THR B 533 -4.36 -22.25 -28.56
CA THR B 533 -5.06 -21.91 -27.34
C THR B 533 -4.15 -21.19 -26.38
N PHE B 534 -2.85 -21.49 -26.43
CA PHE B 534 -1.88 -20.65 -25.76
C PHE B 534 -1.80 -19.26 -26.38
N GLU B 535 -2.19 -19.13 -27.64
CA GLU B 535 -2.22 -17.81 -28.24
C GLU B 535 -3.44 -17.02 -27.78
N LEU B 536 -4.49 -17.66 -27.27
CA LEU B 536 -5.64 -16.93 -26.75
C LEU B 536 -5.56 -16.66 -25.27
N PHE B 537 -4.63 -17.29 -24.55
CA PHE B 537 -4.56 -17.03 -23.13
C PHE B 537 -3.95 -15.68 -22.84
N LEU B 538 -3.07 -15.21 -23.72
CA LEU B 538 -2.42 -13.93 -23.54
C LEU B 538 -3.03 -12.87 -24.43
N THR B 539 -4.25 -13.13 -24.92
CA THR B 539 -5.10 -12.24 -25.71
C THR B 539 -4.47 -11.79 -27.00
N ILE B 540 -3.46 -12.50 -27.49
CA ILE B 540 -2.72 -12.00 -28.63
C ILE B 540 -3.51 -12.20 -29.91
N ILE B 541 -3.98 -13.40 -30.16
CA ILE B 541 -4.79 -13.65 -31.35
C ILE B 541 -6.22 -13.21 -31.02
N ASP B 542 -7.06 -13.04 -32.05
CA ASP B 542 -8.34 -12.35 -31.93
C ASP B 542 -9.43 -13.17 -31.29
N GLY B 543 -9.31 -14.48 -31.22
CA GLY B 543 -10.41 -15.29 -30.73
C GLY B 543 -11.33 -15.59 -31.88
N PRO B 544 -11.48 -16.87 -32.21
CA PRO B 544 -12.01 -17.25 -33.52
C PRO B 544 -13.50 -16.99 -33.66
N ALA B 545 -13.88 -16.58 -34.85
CA ALA B 545 -15.27 -16.42 -35.25
C ALA B 545 -15.29 -16.40 -36.76
N ASN B 546 -16.31 -17.02 -37.35
CA ASN B 546 -16.50 -16.89 -38.78
C ASN B 546 -17.58 -15.88 -39.11
N TYR B 547 -18.73 -15.97 -38.44
CA TYR B 547 -19.89 -15.11 -38.60
C TYR B 547 -20.49 -15.18 -39.99
N ASN B 548 -20.15 -16.21 -40.74
CA ASN B 548 -20.68 -16.40 -42.08
C ASN B 548 -21.44 -17.70 -42.20
N VAL B 549 -20.84 -18.79 -41.75
CA VAL B 549 -21.52 -20.06 -41.58
C VAL B 549 -21.56 -20.31 -40.08
N ASP B 550 -22.41 -21.24 -39.67
CA ASP B 550 -22.81 -21.37 -38.28
C ASP B 550 -21.94 -22.39 -37.55
N LEU B 551 -21.17 -21.90 -36.57
CA LEU B 551 -20.25 -22.72 -35.80
C LEU B 551 -21.01 -23.73 -34.93
N PRO B 552 -20.33 -24.78 -34.44
CA PRO B 552 -21.02 -25.76 -33.57
C PRO B 552 -21.53 -25.17 -32.27
N PHE B 553 -22.73 -25.59 -31.89
CA PHE B 553 -23.55 -24.94 -30.87
C PHE B 553 -23.11 -25.23 -29.45
N MET B 554 -21.98 -25.88 -29.26
CA MET B 554 -21.41 -26.02 -27.93
C MET B 554 -20.15 -25.18 -27.79
N TYR B 555 -19.63 -24.67 -28.92
CA TYR B 555 -18.45 -23.82 -28.88
C TYR B 555 -18.68 -22.56 -28.09
N SER B 556 -19.74 -21.82 -28.41
CA SER B 556 -19.99 -20.52 -27.80
C SER B 556 -20.22 -20.62 -26.30
N ILE B 557 -20.71 -21.76 -25.83
CA ILE B 557 -20.84 -21.97 -24.40
C ILE B 557 -19.46 -22.11 -23.76
N THR B 558 -18.68 -23.06 -24.24
CA THR B 558 -17.42 -23.34 -23.57
C THR B 558 -16.37 -22.29 -23.82
N TYR B 559 -16.49 -21.51 -24.88
CA TYR B 559 -15.50 -20.49 -25.14
C TYR B 559 -15.70 -19.28 -24.24
N ALA B 560 -16.95 -18.95 -23.94
CA ALA B 560 -17.22 -17.89 -22.99
C ALA B 560 -16.83 -18.30 -21.59
N ALA B 561 -16.90 -19.60 -21.30
CA ALA B 561 -16.36 -20.12 -20.06
C ALA B 561 -14.85 -19.92 -20.01
N PHE B 562 -14.21 -19.95 -21.17
CA PHE B 562 -12.76 -19.80 -21.19
C PHE B 562 -12.33 -18.38 -20.88
N ALA B 563 -13.02 -17.39 -21.43
CA ALA B 563 -12.54 -16.02 -21.31
C ALA B 563 -12.72 -15.48 -19.91
N ILE B 564 -13.72 -15.97 -19.17
CA ILE B 564 -13.88 -15.55 -17.79
C ILE B 564 -12.73 -16.06 -16.94
N ILE B 565 -12.37 -17.33 -17.12
CA ILE B 565 -11.32 -17.92 -16.30
C ILE B 565 -9.97 -17.38 -16.71
N ALA B 566 -9.75 -17.23 -18.01
CA ALA B 566 -8.41 -16.88 -18.46
C ALA B 566 -8.14 -15.38 -18.36
N THR B 567 -8.80 -14.58 -19.20
CA THR B 567 -8.38 -13.21 -19.41
C THR B 567 -9.15 -12.21 -18.58
N LEU B 568 -9.83 -12.66 -17.54
CA LEU B 568 -10.41 -11.73 -16.58
C LEU B 568 -10.16 -12.15 -15.16
N LEU B 569 -9.93 -13.43 -14.90
CA LEU B 569 -9.60 -13.95 -13.59
C LEU B 569 -8.11 -14.23 -13.43
N MET B 570 -7.53 -14.99 -14.35
CA MET B 570 -6.19 -15.48 -14.15
C MET B 570 -5.16 -14.39 -14.39
N LEU B 571 -5.19 -13.79 -15.57
CA LEU B 571 -4.16 -12.83 -15.97
C LEU B 571 -4.25 -11.55 -15.17
N ASN B 572 -5.47 -11.08 -14.90
CA ASN B 572 -5.61 -9.87 -14.09
C ASN B 572 -5.33 -10.12 -12.62
N LEU B 573 -5.25 -11.38 -12.20
CA LEU B 573 -4.77 -11.62 -10.84
C LEU B 573 -3.29 -11.32 -10.79
N LEU B 574 -2.58 -11.55 -11.89
CA LEU B 574 -1.14 -11.57 -11.86
C LEU B 574 -0.56 -10.18 -11.69
N ILE B 575 -1.24 -9.15 -12.23
CA ILE B 575 -0.80 -7.78 -12.02
C ILE B 575 -0.92 -7.40 -10.56
N ALA B 576 -2.02 -7.79 -9.93
CA ALA B 576 -2.14 -7.63 -8.49
C ALA B 576 -1.21 -8.55 -7.73
N MET B 577 -0.80 -9.65 -8.34
CA MET B 577 0.11 -10.54 -7.63
C MET B 577 1.50 -9.92 -7.53
N MET B 578 1.91 -9.15 -8.53
CA MET B 578 3.12 -8.37 -8.40
C MET B 578 2.94 -7.25 -7.40
N GLY B 579 1.69 -6.85 -7.16
CA GLY B 579 1.36 -5.69 -6.36
C GLY B 579 1.80 -5.79 -4.91
N ASP B 580 1.86 -6.99 -4.36
CA ASP B 580 2.50 -7.11 -3.07
C ASP B 580 3.99 -7.39 -3.20
N THR B 581 4.40 -8.08 -4.25
CA THR B 581 5.82 -8.36 -4.40
C THR B 581 6.51 -7.28 -5.21
N HIS B 582 6.24 -6.03 -4.83
CA HIS B 582 6.99 -4.91 -5.37
C HIS B 582 7.29 -3.86 -4.32
N TRP B 583 6.60 -3.86 -3.20
CA TRP B 583 6.94 -3.04 -2.06
C TRP B 583 7.25 -3.85 -0.84
N ARG B 584 7.00 -5.16 -0.87
CA ARG B 584 7.52 -6.02 0.18
C ARG B 584 9.02 -6.20 0.03
N VAL B 585 9.53 -6.06 -1.18
CA VAL B 585 10.95 -6.20 -1.49
C VAL B 585 11.51 -4.83 -1.85
N ALA B 586 10.95 -3.78 -1.24
CA ALA B 586 11.24 -2.41 -1.64
C ALA B 586 12.68 -2.04 -1.34
N HIS B 587 13.08 -2.10 -0.08
CA HIS B 587 14.45 -1.86 0.28
C HIS B 587 15.26 -3.14 0.34
N GLU B 588 14.80 -4.19 -0.33
CA GLU B 588 15.64 -5.34 -0.56
C GLU B 588 16.36 -5.23 -1.90
N ARG B 589 15.72 -4.64 -2.91
CA ARG B 589 16.38 -4.51 -4.20
C ARG B 589 17.54 -3.54 -4.14
N ASP B 590 17.47 -2.53 -3.27
CA ASP B 590 18.56 -1.58 -3.18
C ASP B 590 19.75 -2.18 -2.46
N GLU B 591 19.50 -2.99 -1.43
CA GLU B 591 20.59 -3.70 -0.79
C GLU B 591 21.14 -4.78 -1.70
N LEU B 592 20.30 -5.38 -2.55
CA LEU B 592 20.80 -6.31 -3.54
C LEU B 592 21.48 -5.60 -4.70
N TRP B 593 21.23 -4.32 -4.90
CA TRP B 593 21.97 -3.64 -5.94
C TRP B 593 23.37 -3.32 -5.48
N ARG B 594 23.58 -3.09 -4.18
CA ARG B 594 24.94 -2.99 -3.70
C ARG B 594 25.66 -4.32 -3.67
N ALA B 595 24.95 -5.44 -3.83
CA ALA B 595 25.64 -6.71 -3.94
C ALA B 595 26.39 -6.81 -5.26
N GLN B 596 25.69 -6.57 -6.38
CA GLN B 596 26.27 -6.86 -7.67
C GLN B 596 27.40 -5.91 -8.06
N ILE B 597 27.47 -4.73 -7.45
CA ILE B 597 28.58 -3.84 -7.77
C ILE B 597 29.87 -4.37 -7.16
N VAL B 598 29.78 -4.87 -5.93
CA VAL B 598 30.93 -5.53 -5.32
C VAL B 598 31.25 -6.80 -6.08
N ALA B 599 30.22 -7.51 -6.52
CA ALA B 599 30.41 -8.69 -7.36
C ALA B 599 30.95 -8.34 -8.73
N THR B 600 30.81 -7.08 -9.16
CA THR B 600 31.48 -6.68 -10.38
C THR B 600 32.89 -6.20 -10.10
N THR B 601 33.07 -5.53 -8.97
CA THR B 601 34.37 -4.95 -8.63
C THR B 601 35.40 -6.04 -8.34
N VAL B 602 35.05 -7.00 -7.49
CA VAL B 602 35.97 -8.06 -7.12
C VAL B 602 36.25 -8.97 -8.31
N MET B 603 35.23 -9.19 -9.15
CA MET B 603 35.44 -9.94 -10.38
C MET B 603 36.36 -9.18 -11.33
N LEU B 604 36.33 -7.87 -11.28
CA LEU B 604 37.13 -7.08 -12.19
C LEU B 604 38.61 -7.10 -11.78
N GLU B 605 38.87 -6.90 -10.48
CA GLU B 605 40.26 -6.84 -10.00
C GLU B 605 40.97 -8.18 -10.15
N ARG B 606 40.24 -9.28 -9.93
CA ARG B 606 40.86 -10.59 -10.02
C ARG B 606 41.21 -10.95 -11.46
N LYS B 607 40.42 -10.48 -12.42
CA LYS B 607 40.74 -10.74 -13.82
C LYS B 607 41.74 -9.74 -14.39
N LEU B 608 41.84 -8.54 -13.82
CA LEU B 608 42.71 -7.61 -14.54
C LEU B 608 44.09 -7.56 -13.88
N PRO B 609 45.14 -7.47 -14.70
CA PRO B 609 46.50 -7.59 -14.17
C PRO B 609 47.01 -6.30 -13.55
N ARG B 610 48.29 -6.33 -13.19
CA ARG B 610 48.98 -5.18 -12.64
C ARG B 610 49.46 -4.29 -13.79
N CYS B 611 50.31 -3.30 -13.46
CA CYS B 611 50.74 -2.18 -14.31
C CYS B 611 49.57 -1.45 -14.97
N LEU B 612 48.41 -1.52 -14.33
CA LEU B 612 47.11 -1.02 -14.72
C LEU B 612 46.26 -1.41 -13.53
N TRP B 613 45.17 -0.66 -13.26
CA TRP B 613 44.34 -0.80 -12.06
C TRP B 613 45.23 -0.72 -10.83
N PRO B 614 45.71 0.46 -10.45
CA PRO B 614 46.56 0.54 -9.26
C PRO B 614 45.76 0.25 -8.01
N ARG B 615 46.30 -0.66 -7.20
CA ARG B 615 45.60 -1.18 -6.04
C ARG B 615 45.40 -0.07 -5.02
N SER B 616 44.18 0.04 -4.50
CA SER B 616 43.73 1.25 -3.83
C SER B 616 44.35 1.42 -2.45
N GLY B 617 43.90 2.45 -1.76
CA GLY B 617 44.50 2.83 -0.51
C GLY B 617 45.72 3.70 -0.74
N ILE B 618 46.49 3.89 0.33
CA ILE B 618 47.74 4.62 0.27
C ILE B 618 48.82 3.74 0.90
N CYS B 619 49.94 3.60 0.19
CA CYS B 619 51.01 2.71 0.61
C CYS B 619 51.70 3.23 1.86
N GLY B 620 52.49 2.35 2.48
CA GLY B 620 53.29 2.70 3.63
C GLY B 620 54.75 2.88 3.25
N ARG B 621 55.62 2.69 4.25
CA ARG B 621 57.09 2.63 4.17
C ARG B 621 57.73 3.98 3.89
N GLU B 622 56.93 4.97 3.50
CA GLU B 622 57.44 6.30 3.22
C GLU B 622 57.22 7.25 4.38
N TYR B 623 56.36 6.88 5.32
CA TYR B 623 55.90 7.80 6.34
C TYR B 623 56.17 7.30 7.74
N GLY B 624 56.84 6.16 7.90
CA GLY B 624 57.11 5.60 9.20
C GLY B 624 56.02 4.70 9.73
N LEU B 625 55.03 4.39 8.91
CA LEU B 625 53.92 3.54 9.37
C LEU B 625 54.31 2.07 9.32
N GLY B 626 54.65 1.58 8.13
CA GLY B 626 54.99 0.19 7.96
C GLY B 626 54.81 -0.25 6.53
N ASP B 627 54.49 -1.53 6.34
CA ASP B 627 54.36 -2.07 5.00
C ASP B 627 52.91 -2.24 4.57
N ARG B 628 52.00 -2.43 5.51
CA ARG B 628 50.60 -2.54 5.17
C ARG B 628 50.05 -1.17 4.77
N TRP B 629 49.09 -1.20 3.86
CA TRP B 629 48.63 0.06 3.27
C TRP B 629 47.56 0.66 4.15
N PHE B 630 46.99 1.79 3.72
CA PHE B 630 46.03 2.51 4.54
C PHE B 630 45.07 3.32 3.67
N LEU B 631 43.91 3.62 4.23
CA LEU B 631 43.05 4.68 3.75
C LEU B 631 42.52 5.46 4.94
N ARG B 632 41.99 6.63 4.66
CA ARG B 632 41.46 7.51 5.70
C ARG B 632 40.12 8.07 5.28
N VAL B 633 39.35 8.47 6.29
CA VAL B 633 38.05 9.10 6.09
C VAL B 633 37.96 10.26 7.06
N GLU B 634 37.63 11.45 6.55
CA GLU B 634 37.38 12.62 7.36
C GLU B 634 35.88 12.88 7.37
N ASP B 635 35.35 13.23 8.54
CA ASP B 635 33.90 13.42 8.68
C ASP B 635 33.64 14.38 9.84
N ARG B 636 32.36 14.47 10.21
CA ARG B 636 31.92 15.33 11.30
C ARG B 636 31.16 14.48 12.32
N GLN B 637 31.46 14.70 13.60
CA GLN B 637 30.68 14.05 14.65
C GLN B 637 29.26 14.59 14.70
N ASP B 638 29.12 15.92 14.63
CA ASP B 638 27.86 16.66 14.76
C ASP B 638 27.12 16.35 16.07
N SER C 28 41.15 12.27 -8.79
CA SER C 28 42.56 12.41 -8.44
C SER C 28 42.82 13.74 -7.75
N TRP C 29 41.78 14.58 -7.68
CA TRP C 29 41.92 15.91 -7.10
C TRP C 29 42.06 15.84 -5.59
N ALA C 30 41.14 15.14 -4.93
CA ALA C 30 41.19 15.04 -3.47
C ALA C 30 42.33 14.13 -2.99
N GLN C 31 42.94 13.37 -3.90
CA GLN C 31 44.11 12.57 -3.56
C GLN C 31 45.27 13.45 -3.13
N SER C 32 45.41 14.62 -3.75
CA SER C 32 46.50 15.53 -3.39
C SER C 32 46.34 16.10 -1.99
N ARG C 33 45.12 16.12 -1.47
CA ARG C 33 44.91 16.52 -0.09
C ARG C 33 45.52 15.52 0.86
N ASP C 34 45.08 14.28 0.79
CA ASP C 34 45.47 13.29 1.79
C ASP C 34 46.86 12.75 1.53
N GLU C 35 47.40 12.94 0.32
CA GLU C 35 48.81 12.67 0.08
C GLU C 35 49.67 13.58 0.94
N GLN C 36 49.33 14.87 0.97
CA GLN C 36 50.06 15.81 1.82
C GLN C 36 49.71 15.59 3.29
N ASN C 37 48.54 15.04 3.57
CA ASN C 37 48.05 15.08 4.94
C ASN C 37 48.72 14.00 5.80
N LEU C 38 48.98 12.83 5.22
CA LEU C 38 49.85 11.88 5.90
C LEU C 38 51.27 12.41 5.94
N LEU C 39 51.70 13.08 4.86
CA LEU C 39 53.02 13.68 4.78
C LEU C 39 53.22 14.78 5.81
N GLN C 40 52.14 15.44 6.22
CA GLN C 40 52.20 16.38 7.33
C GLN C 40 52.65 15.69 8.60
N GLN C 41 52.09 14.50 8.86
CA GLN C 41 52.41 13.77 10.08
C GLN C 41 53.84 13.25 10.07
N LYS C 42 54.43 13.08 8.87
CA LYS C 42 55.80 12.61 8.78
C LYS C 42 56.77 13.59 9.41
N ARG C 43 56.53 14.89 9.22
CA ARG C 43 57.41 15.90 9.80
C ARG C 43 57.31 15.91 11.32
N ILE C 44 56.17 15.51 11.88
CA ILE C 44 56.10 15.27 13.30
C ILE C 44 56.99 14.10 13.70
N TRP C 45 56.88 12.98 12.99
CA TRP C 45 57.74 11.84 13.26
C TRP C 45 59.19 12.13 12.89
N GLU C 46 59.43 13.06 11.97
CA GLU C 46 60.79 13.42 11.61
C GLU C 46 61.41 14.39 12.60
N SER C 47 60.62 15.25 13.21
CA SER C 47 61.31 16.24 14.01
C SER C 47 61.16 15.97 15.49
N PRO C 48 62.19 16.25 16.30
CA PRO C 48 62.05 16.07 17.74
C PRO C 48 61.21 17.16 18.39
N LEU C 49 61.17 18.36 17.82
CA LEU C 49 60.35 19.43 18.36
C LEU C 49 58.87 19.14 18.20
N LEU C 50 58.47 18.72 17.00
CA LEU C 50 57.05 18.59 16.68
C LEU C 50 56.46 17.37 17.35
N LEU C 51 57.23 16.29 17.45
CA LEU C 51 56.75 15.10 18.15
C LEU C 51 56.63 15.37 19.64
N ALA C 52 57.56 16.16 20.18
CA ALA C 52 57.40 16.62 21.53
C ALA C 52 56.31 17.68 21.64
N ALA C 53 55.96 18.31 20.53
CA ALA C 53 54.87 19.28 20.56
C ALA C 53 53.50 18.62 20.61
N LYS C 54 53.33 17.46 19.99
CA LYS C 54 52.01 16.82 19.99
C LYS C 54 51.65 16.33 21.38
N ASP C 55 52.63 15.83 22.11
CA ASP C 55 52.40 15.45 23.49
C ASP C 55 52.68 16.65 24.39
N ASN C 56 52.23 16.55 25.65
CA ASN C 56 52.59 17.53 26.67
C ASN C 56 53.94 17.12 27.26
N ASP C 57 54.98 17.34 26.47
CA ASP C 57 56.33 16.96 26.84
C ASP C 57 57.08 18.15 27.43
N VAL C 58 56.49 18.70 28.49
CA VAL C 58 56.98 19.93 29.11
C VAL C 58 58.35 19.72 29.73
N GLN C 59 58.64 18.50 30.21
CA GLN C 59 60.00 18.20 30.65
C GLN C 59 60.94 18.12 29.46
N ALA C 60 60.47 17.52 28.37
CA ALA C 60 61.28 17.47 27.17
C ALA C 60 61.39 18.84 26.53
N LEU C 61 60.29 19.61 26.52
CA LEU C 61 60.34 20.98 26.03
C LEU C 61 61.18 21.89 26.92
N ASN C 62 61.38 21.53 28.18
CA ASN C 62 62.18 22.37 29.06
C ASN C 62 63.63 22.37 28.63
N LYS C 63 64.17 21.21 28.25
CA LYS C 63 65.55 21.13 27.80
C LYS C 63 65.71 21.27 26.30
N LEU C 64 64.60 21.31 25.56
CA LEU C 64 64.69 21.32 24.11
C LEU C 64 65.19 22.66 23.59
N LEU C 65 64.99 23.73 24.35
CA LEU C 65 65.45 25.04 23.97
C LEU C 65 66.34 25.69 25.02
N LYS C 66 66.52 25.05 26.18
CA LYS C 66 67.43 25.58 27.18
C LYS C 66 68.84 25.01 27.07
N TYR C 67 68.96 23.73 26.73
CA TYR C 67 70.27 23.12 26.57
C TYR C 67 71.03 23.69 25.38
N GLU C 68 70.31 24.15 24.36
CA GLU C 68 70.93 24.79 23.22
C GLU C 68 69.92 25.74 22.59
N ASP C 69 70.41 26.58 21.69
CA ASP C 69 69.55 27.52 20.97
C ASP C 69 69.12 26.86 19.66
N CYS C 70 68.24 25.87 19.79
CA CYS C 70 67.63 25.26 18.63
C CYS C 70 66.65 26.23 17.98
N LYS C 71 66.56 26.15 16.66
CA LYS C 71 65.71 27.05 15.90
C LYS C 71 64.25 26.69 16.06
N VAL C 72 63.39 27.66 15.77
CA VAL C 72 61.97 27.53 16.03
C VAL C 72 61.14 27.44 14.76
N HIS C 73 61.52 28.16 13.71
CA HIS C 73 60.68 28.36 12.54
C HIS C 73 60.68 27.19 11.57
N GLN C 74 61.08 26.00 12.01
CA GLN C 74 61.00 24.79 11.19
C GLN C 74 59.53 24.49 10.95
N ARG C 75 59.08 24.72 9.72
CA ARG C 75 57.68 24.54 9.42
C ARG C 75 57.35 23.07 9.21
N GLY C 76 56.05 22.80 9.16
CA GLY C 76 55.56 21.48 8.82
C GLY C 76 55.64 21.24 7.33
N ALA C 77 55.10 20.09 6.91
CA ALA C 77 55.04 19.78 5.48
C ALA C 77 54.10 20.74 4.75
N MET C 78 53.05 21.18 5.45
CA MET C 78 52.21 22.27 4.96
C MET C 78 52.28 23.49 5.87
N GLY C 79 53.46 23.81 6.39
CA GLY C 79 53.72 25.11 6.96
C GLY C 79 53.10 25.38 8.31
N GLU C 80 53.56 24.71 9.35
CA GLU C 80 53.05 24.91 10.69
C GLU C 80 54.09 25.52 11.60
N THR C 81 53.65 25.86 12.80
CA THR C 81 54.54 26.01 13.94
C THR C 81 54.10 25.00 14.98
N ALA C 82 54.93 24.85 16.01
CA ALA C 82 54.54 24.01 17.13
C ALA C 82 53.39 24.64 17.91
N LEU C 83 53.28 25.97 17.84
CA LEU C 83 52.14 26.65 18.42
C LEU C 83 50.84 26.25 17.74
N HIS C 84 50.89 26.08 16.41
CA HIS C 84 49.73 25.56 15.69
C HIS C 84 49.40 24.15 16.11
N ILE C 85 50.43 23.33 16.29
CA ILE C 85 50.22 21.94 16.66
C ILE C 85 49.71 21.84 18.08
N ALA C 86 50.29 22.64 18.98
CA ALA C 86 49.80 22.69 20.36
C ALA C 86 48.38 23.21 20.43
N ALA C 87 48.03 24.10 19.49
CA ALA C 87 46.64 24.49 19.36
C ALA C 87 45.81 23.34 18.80
N LEU C 88 46.36 22.62 17.81
CA LEU C 88 45.55 21.62 17.13
C LEU C 88 45.35 20.41 18.02
N TYR C 89 46.42 19.92 18.64
CA TYR C 89 46.28 18.86 19.63
C TYR C 89 46.19 19.42 21.04
N ASP C 90 45.28 20.39 21.21
CA ASP C 90 44.73 20.96 22.45
C ASP C 90 45.68 21.01 23.66
N ASN C 91 46.89 21.48 23.43
CA ASN C 91 47.91 21.47 24.47
C ASN C 91 48.25 22.92 24.79
N LEU C 92 47.64 23.43 25.85
CA LEU C 92 47.94 24.80 26.25
C LEU C 92 49.30 24.88 26.94
N GLU C 93 49.69 23.80 27.63
CA GLU C 93 50.80 23.86 28.58
C GLU C 93 52.12 24.07 27.87
N ALA C 94 52.36 23.31 26.80
CA ALA C 94 53.57 23.53 26.01
C ALA C 94 53.50 24.85 25.26
N ALA C 95 52.29 25.24 24.85
CA ALA C 95 52.10 26.55 24.23
C ALA C 95 52.40 27.66 25.22
N MET C 96 52.08 27.45 26.51
CA MET C 96 52.50 28.38 27.54
C MET C 96 54.02 28.41 27.64
N VAL C 97 54.66 27.25 27.53
CA VAL C 97 56.12 27.23 27.50
C VAL C 97 56.61 27.82 26.18
N LEU C 98 55.85 27.62 25.10
CA LEU C 98 56.22 28.21 23.82
C LEU C 98 56.08 29.73 23.87
N MET C 99 55.14 30.24 24.66
CA MET C 99 55.09 31.68 24.89
C MET C 99 56.30 32.15 25.67
N GLU C 100 56.73 31.37 26.65
CA GLU C 100 57.91 31.74 27.43
C GLU C 100 59.18 31.61 26.62
N ALA C 101 59.22 30.66 25.69
CA ALA C 101 60.42 30.47 24.87
C ALA C 101 60.53 31.53 23.80
N ALA C 102 59.51 31.68 22.98
CA ALA C 102 59.53 32.64 21.88
C ALA C 102 58.11 33.16 21.69
N PRO C 103 57.79 34.32 22.23
CA PRO C 103 56.47 34.92 22.01
C PRO C 103 56.40 35.76 20.75
N GLU C 104 56.75 35.17 19.61
CA GLU C 104 56.68 35.86 18.33
C GLU C 104 55.96 35.03 17.28
N LEU C 105 55.53 33.83 17.61
CA LEU C 105 54.99 32.91 16.61
C LEU C 105 53.55 33.24 16.26
N VAL C 106 52.90 34.06 17.07
CA VAL C 106 51.47 34.32 16.91
C VAL C 106 51.23 35.12 15.64
N PHE C 107 52.15 36.02 15.32
CA PHE C 107 52.04 36.85 14.13
C PHE C 107 52.15 36.05 12.85
N GLU C 108 52.84 34.92 12.87
CA GLU C 108 53.05 34.14 11.66
C GLU C 108 51.85 33.26 11.40
N PRO C 109 51.20 33.39 10.26
CA PRO C 109 50.09 32.49 9.94
C PRO C 109 50.61 31.24 9.27
N MET C 110 49.71 30.35 8.87
CA MET C 110 50.12 29.28 7.99
C MET C 110 50.15 29.79 6.56
N THR C 111 50.77 29.00 5.66
CA THR C 111 51.21 29.58 4.40
C THR C 111 50.93 28.79 3.14
N SER C 112 50.41 27.57 3.20
CA SER C 112 50.45 26.71 2.01
C SER C 112 49.07 26.26 1.58
N GLU C 113 48.37 27.13 0.86
CA GLU C 113 47.44 26.79 -0.22
C GLU C 113 46.16 26.08 0.20
N LEU C 114 46.13 25.50 1.36
CA LEU C 114 44.90 24.92 1.88
C LEU C 114 44.51 25.56 3.20
N TYR C 115 45.39 25.52 4.18
CA TYR C 115 45.27 26.29 5.39
C TYR C 115 46.16 27.50 5.14
N GLU C 116 45.65 28.46 4.39
CA GLU C 116 46.42 29.64 4.03
C GLU C 116 45.97 30.81 4.89
N GLY C 117 46.92 31.36 5.66
CA GLY C 117 46.64 32.51 6.49
C GLY C 117 46.08 32.18 7.85
N GLN C 118 45.73 30.94 8.13
CA GLN C 118 45.14 30.61 9.42
C GLN C 118 46.20 30.66 10.51
N THR C 119 45.91 31.40 11.57
CA THR C 119 46.81 31.47 12.71
C THR C 119 46.17 30.80 13.92
N ALA C 120 46.97 30.70 14.99
CA ALA C 120 46.64 29.91 16.17
C ALA C 120 45.44 30.46 16.93
N LEU C 121 45.07 31.71 16.69
CA LEU C 121 43.87 32.24 17.30
C LEU C 121 42.63 31.54 16.78
N HIS C 122 42.67 31.09 15.52
CA HIS C 122 41.50 30.41 14.94
C HIS C 122 41.25 29.06 15.59
N ILE C 123 42.31 28.31 15.83
CA ILE C 123 42.16 26.90 16.15
C ILE C 123 41.64 26.72 17.57
N ALA C 124 42.11 27.56 18.50
CA ALA C 124 41.57 27.53 19.86
C ALA C 124 40.11 27.94 19.89
N VAL C 125 39.70 28.78 18.94
CA VAL C 125 38.28 29.08 18.78
C VAL C 125 37.52 27.88 18.26
N VAL C 126 38.10 27.16 17.30
CA VAL C 126 37.48 25.94 16.80
C VAL C 126 37.42 24.89 17.91
N ASN C 127 38.39 24.90 18.81
CA ASN C 127 38.34 24.00 19.95
C ASN C 127 37.47 24.52 21.07
N GLN C 128 36.76 25.64 20.84
CA GLN C 128 35.62 26.14 21.60
C GLN C 128 35.96 26.72 22.97
N ASN C 129 37.18 26.47 23.44
CA ASN C 129 37.92 27.18 24.47
C ASN C 129 39.24 26.46 24.55
N MET C 130 40.29 27.18 24.95
CA MET C 130 41.48 26.54 25.48
C MET C 130 41.99 27.26 26.71
N ASN C 131 41.24 28.24 27.21
CA ASN C 131 41.73 29.25 28.18
C ASN C 131 43.00 29.90 27.65
N LEU C 132 43.01 30.13 26.34
CA LEU C 132 44.18 30.55 25.60
C LEU C 132 43.90 31.79 24.79
N VAL C 133 42.65 32.04 24.42
CA VAL C 133 42.23 33.37 24.01
C VAL C 133 42.40 34.35 25.16
N ARG C 134 42.34 33.88 26.41
CA ARG C 134 42.80 34.69 27.52
C ARG C 134 44.30 34.96 27.44
N ALA C 135 45.06 34.04 26.84
CA ALA C 135 46.51 34.17 26.76
C ALA C 135 46.98 34.75 25.44
N LEU C 136 46.37 34.37 24.31
CA LEU C 136 46.80 34.89 23.02
C LEU C 136 46.50 36.37 22.88
N LEU C 137 45.32 36.78 23.33
CA LEU C 137 44.97 38.20 23.29
C LEU C 137 45.82 39.00 24.26
N ALA C 138 46.21 38.39 25.37
CA ALA C 138 47.18 39.00 26.27
C ALA C 138 48.53 39.15 25.60
N ARG C 139 48.88 38.24 24.70
CA ARG C 139 50.06 38.39 23.87
C ARG C 139 49.75 39.09 22.55
N ARG C 140 48.68 39.90 22.53
CA ARG C 140 48.26 40.71 21.38
C ARG C 140 47.96 39.85 20.15
N ALA C 141 46.93 39.02 20.28
CA ALA C 141 46.50 38.19 19.16
C ALA C 141 45.91 39.06 18.05
N SER C 142 46.44 38.90 16.84
CA SER C 142 45.90 39.62 15.70
C SER C 142 44.56 39.02 15.31
N VAL C 143 43.52 39.84 15.32
CA VAL C 143 42.17 39.34 15.15
C VAL C 143 41.78 39.30 13.67
N SER C 144 42.03 40.37 12.94
CA SER C 144 41.43 40.56 11.63
C SER C 144 42.11 39.78 10.53
N ALA C 145 42.90 38.75 10.84
CA ALA C 145 43.51 37.93 9.82
C ALA C 145 42.46 37.13 9.07
N ARG C 146 42.73 36.88 7.80
CA ARG C 146 41.76 36.28 6.89
C ARG C 146 42.30 34.95 6.40
N ALA C 147 41.82 33.85 7.01
CA ALA C 147 42.23 32.51 6.63
C ALA C 147 41.53 32.12 5.33
N THR C 148 42.02 32.66 4.22
CA THR C 148 41.35 32.56 2.94
C THR C 148 41.80 31.35 2.12
N GLY C 149 42.37 30.33 2.77
CA GLY C 149 42.75 29.14 2.05
C GLY C 149 41.54 28.37 1.54
N THR C 150 41.78 27.52 0.54
CA THR C 150 40.68 26.83 -0.10
C THR C 150 40.17 25.62 0.69
N ALA C 151 40.67 25.41 1.90
CA ALA C 151 40.03 24.50 2.83
C ALA C 151 38.92 25.16 3.62
N PHE C 152 38.42 26.31 3.15
CA PHE C 152 37.36 27.01 3.81
C PHE C 152 36.31 27.57 2.87
N ARG C 153 36.55 27.52 1.57
CA ARG C 153 35.59 28.06 0.63
C ARG C 153 34.38 27.14 0.54
N ARG C 154 33.21 27.75 0.36
CA ARG C 154 31.95 27.01 0.37
C ARG C 154 31.87 26.12 -0.85
N SER C 155 32.03 24.84 -0.64
CA SER C 155 32.09 23.86 -1.70
C SER C 155 31.82 22.50 -1.09
N PRO C 156 31.24 21.54 -1.82
CA PRO C 156 31.15 20.19 -1.29
C PRO C 156 32.48 19.47 -1.19
N CYS C 157 33.54 20.01 -1.76
CA CYS C 157 34.87 19.43 -1.55
C CYS C 157 35.30 19.58 -0.10
N ASN C 158 35.01 20.72 0.51
CA ASN C 158 35.10 20.84 1.96
C ASN C 158 33.86 20.21 2.58
N LEU C 159 34.03 19.68 3.76
CA LEU C 159 32.91 19.12 4.51
C LEU C 159 32.21 20.16 5.36
N ILE C 160 32.70 21.39 5.34
CA ILE C 160 32.34 22.40 6.33
C ILE C 160 32.16 23.74 5.63
N TYR C 161 31.73 24.72 6.42
CA TYR C 161 31.84 26.13 6.02
C TYR C 161 31.77 26.95 7.29
N PHE C 162 32.67 27.90 7.44
CA PHE C 162 32.74 28.65 8.68
C PHE C 162 33.05 30.13 8.52
N GLY C 163 33.13 30.64 7.31
CA GLY C 163 33.57 32.00 7.17
C GLY C 163 35.08 32.11 7.30
N GLU C 164 35.56 33.35 7.43
CA GLU C 164 36.98 33.64 7.27
C GLU C 164 37.56 34.46 8.40
N HIS C 165 36.88 34.56 9.53
CA HIS C 165 37.30 35.46 10.58
C HIS C 165 37.04 34.78 11.91
N PRO C 166 37.81 35.11 12.96
CA PRO C 166 37.61 34.41 14.23
C PRO C 166 36.27 34.71 14.87
N LEU C 167 35.72 35.89 14.62
CA LEU C 167 34.36 36.16 15.06
C LEU C 167 33.36 35.32 14.31
N SER C 168 33.65 34.99 13.06
CA SER C 168 32.76 34.12 12.31
C SER C 168 32.82 32.69 12.81
N PHE C 169 33.98 32.25 13.32
CA PHE C 169 34.10 30.86 13.72
C PHE C 169 33.30 30.59 14.99
N ALA C 170 33.51 31.40 16.02
CA ALA C 170 32.96 31.11 17.35
C ALA C 170 31.44 31.17 17.37
N ALA C 171 30.84 31.89 16.44
CA ALA C 171 29.39 31.87 16.32
C ALA C 171 28.91 30.51 15.83
N CYS C 172 29.66 29.87 14.95
CA CYS C 172 29.23 28.61 14.37
C CYS C 172 29.27 27.47 15.38
N VAL C 173 30.08 27.59 16.42
CA VAL C 173 30.12 26.61 17.49
C VAL C 173 29.57 27.16 18.78
N ASN C 174 29.14 28.43 18.79
CA ASN C 174 28.24 28.99 19.80
C ASN C 174 28.86 29.08 21.18
N SER C 175 30.19 29.17 21.26
CA SER C 175 30.87 29.37 22.54
C SER C 175 30.67 30.82 22.94
N GLU C 176 29.53 31.07 23.56
CA GLU C 176 28.98 32.42 23.71
C GLU C 176 29.84 33.29 24.61
N GLU C 177 30.38 32.72 25.69
CA GLU C 177 31.22 33.47 26.60
C GLU C 177 32.51 33.93 25.93
N ILE C 178 33.02 33.11 25.01
CA ILE C 178 34.25 33.44 24.30
C ILE C 178 33.99 34.59 23.33
N VAL C 179 32.78 34.64 22.76
CA VAL C 179 32.44 35.64 21.76
C VAL C 179 32.48 37.05 22.33
N ARG C 180 31.94 37.23 23.54
CA ARG C 180 31.96 38.54 24.18
C ARG C 180 33.37 39.01 24.48
N LEU C 181 34.21 38.10 24.98
CA LEU C 181 35.61 38.42 25.19
C LEU C 181 36.32 38.64 23.86
N LEU C 182 35.86 37.97 22.81
CA LEU C 182 36.42 38.23 21.48
C LEU C 182 35.98 39.59 20.97
N ILE C 183 34.75 39.99 21.25
CA ILE C 183 34.28 41.31 20.86
C ILE C 183 35.00 42.38 21.67
N GLU C 184 35.21 42.11 22.96
CA GLU C 184 35.69 43.11 23.92
C GLU C 184 37.07 43.65 23.55
N HIS C 185 37.91 42.82 22.95
CA HIS C 185 39.19 43.28 22.47
C HIS C 185 39.14 43.69 21.00
N GLY C 186 37.99 44.13 20.52
CA GLY C 186 37.93 44.84 19.26
C GLY C 186 37.63 43.99 18.04
N ALA C 187 36.68 43.06 18.17
CA ALA C 187 36.22 42.37 16.98
C ALA C 187 35.35 43.28 16.15
N ASP C 188 35.34 43.04 14.84
CA ASP C 188 34.50 43.80 13.93
C ASP C 188 33.38 42.93 13.40
N ILE C 189 32.15 43.43 13.51
CA ILE C 189 31.00 42.68 13.04
C ILE C 189 30.95 42.69 11.53
N ARG C 190 31.34 43.80 10.91
CA ARG C 190 31.06 44.08 9.52
C ARG C 190 32.08 43.49 8.55
N ALA C 191 32.80 42.46 8.97
CA ALA C 191 33.78 41.83 8.09
C ALA C 191 33.06 41.08 6.98
N GLN C 192 33.68 41.06 5.81
CA GLN C 192 33.13 40.36 4.66
C GLN C 192 34.23 39.57 3.97
N ASP C 193 33.82 38.59 3.17
CA ASP C 193 34.76 37.71 2.49
C ASP C 193 34.88 38.06 1.02
N SER C 194 35.55 37.17 0.29
CA SER C 194 35.55 37.23 -1.18
C SER C 194 34.15 37.05 -1.74
N LEU C 195 33.30 36.30 -1.07
CA LEU C 195 31.91 36.17 -1.51
C LEU C 195 31.04 37.33 -1.06
N GLY C 196 31.60 38.28 -0.30
CA GLY C 196 30.84 39.41 0.19
C GLY C 196 30.00 39.14 1.41
N ASN C 197 29.92 37.90 1.86
CA ASN C 197 29.05 37.55 2.98
C ASN C 197 29.65 38.03 4.29
N THR C 198 28.78 38.49 5.18
CA THR C 198 29.20 38.80 6.53
C THR C 198 28.73 37.70 7.46
N VAL C 199 28.98 37.91 8.75
CA VAL C 199 28.74 36.91 9.78
C VAL C 199 27.27 36.57 9.90
N LEU C 200 26.38 37.51 9.56
CA LEU C 200 24.97 37.19 9.61
C LEU C 200 24.54 36.31 8.46
N HIS C 201 25.29 36.30 7.37
CA HIS C 201 25.01 35.31 6.33
C HIS C 201 25.45 33.93 6.78
N ILE C 202 26.41 33.87 7.68
CA ILE C 202 27.02 32.58 8.00
C ILE C 202 26.10 31.75 8.88
N LEU C 203 25.43 32.40 9.83
CA LEU C 203 24.54 31.72 10.76
C LEU C 203 23.36 31.10 10.05
N ILE C 204 23.00 31.63 8.89
CA ILE C 204 21.99 30.98 8.06
C ILE C 204 22.50 29.64 7.58
N LEU C 205 23.77 29.54 7.25
CA LEU C 205 24.28 28.38 6.53
C LEU C 205 24.64 27.21 7.43
N GLN C 206 24.61 27.37 8.73
CA GLN C 206 24.95 26.24 9.58
C GLN C 206 23.81 25.23 9.61
N PRO C 207 24.12 23.95 9.74
CA PRO C 207 23.07 22.92 9.71
C PRO C 207 22.45 22.59 11.06
N ASN C 208 22.93 23.19 12.14
CA ASN C 208 22.32 23.02 13.46
C ASN C 208 21.42 24.23 13.67
N LYS C 209 20.14 24.07 13.30
CA LYS C 209 19.29 25.22 13.00
C LYS C 209 18.93 26.01 14.25
N THR C 210 18.19 25.39 15.15
CA THR C 210 17.65 26.14 16.29
C THR C 210 18.71 26.42 17.34
N PHE C 211 19.80 25.67 17.33
CA PHE C 211 20.86 25.94 18.29
C PHE C 211 21.65 27.18 17.94
N ALA C 212 21.60 27.60 16.68
CA ALA C 212 22.26 28.81 16.25
C ALA C 212 21.32 30.00 16.17
N CYS C 213 20.04 29.81 16.47
CA CYS C 213 19.09 30.89 16.29
C CYS C 213 19.27 31.96 17.36
N GLN C 214 19.51 31.56 18.59
CA GLN C 214 19.74 32.52 19.65
C GLN C 214 21.09 33.22 19.51
N MET C 215 22.00 32.64 18.73
CA MET C 215 23.24 33.32 18.42
C MET C 215 22.99 34.55 17.57
N TYR C 216 22.03 34.44 16.64
CA TYR C 216 21.69 35.55 15.75
C TYR C 216 21.10 36.70 16.53
N ASN C 217 20.39 36.40 17.62
CA ASN C 217 19.85 37.47 18.45
C ASN C 217 20.94 38.18 19.21
N LEU C 218 22.04 37.49 19.51
CA LEU C 218 23.08 38.08 20.33
C LEU C 218 23.87 39.13 19.57
N LEU C 219 24.16 38.88 18.30
CA LEU C 219 25.00 39.79 17.54
C LEU C 219 24.26 41.08 17.21
N LEU C 220 22.95 41.02 17.05
CA LEU C 220 22.19 42.24 16.82
C LEU C 220 22.13 43.10 18.06
N SER C 221 22.25 42.50 19.24
CA SER C 221 22.37 43.29 20.45
C SER C 221 23.68 44.06 20.49
N TYR C 222 24.72 43.56 19.86
CA TYR C 222 25.98 44.29 19.77
C TYR C 222 26.06 45.15 18.52
N ASP C 223 24.94 45.44 17.89
CA ASP C 223 24.88 46.46 16.86
C ASP C 223 24.67 47.77 17.60
N ARG C 224 25.77 48.52 17.79
CA ARG C 224 25.69 49.79 18.49
C ARG C 224 24.98 50.84 17.65
N HIS C 225 25.45 51.04 16.42
CA HIS C 225 24.85 52.01 15.52
C HIS C 225 24.94 51.49 14.09
N GLY C 226 24.16 52.11 13.21
CA GLY C 226 24.50 52.06 11.81
C GLY C 226 25.82 52.76 11.56
N ASP C 227 26.61 52.19 10.64
CA ASP C 227 27.93 52.74 10.34
C ASP C 227 27.79 54.13 9.75
N HIS C 228 27.21 54.22 8.58
CA HIS C 228 26.72 55.48 8.06
C HIS C 228 25.32 55.37 7.49
N LEU C 229 25.02 54.26 6.81
CA LEU C 229 23.75 54.14 6.10
C LEU C 229 22.89 53.01 6.65
N GLN C 230 23.38 51.80 6.67
CA GLN C 230 22.46 50.74 7.01
C GLN C 230 22.79 50.19 8.39
N PRO C 231 21.78 49.70 9.13
CA PRO C 231 22.01 49.17 10.48
C PRO C 231 22.37 47.70 10.50
N LEU C 232 23.40 47.33 9.73
CA LEU C 232 24.15 46.07 9.85
C LEU C 232 23.37 44.82 9.47
N ASP C 233 22.09 44.96 9.17
CA ASP C 233 21.27 43.86 8.70
C ASP C 233 20.86 44.03 7.26
N LEU C 234 21.01 45.23 6.72
CA LEU C 234 20.54 45.53 5.38
C LEU C 234 21.61 45.33 4.34
N VAL C 235 22.73 44.71 4.70
CA VAL C 235 23.87 44.67 3.79
C VAL C 235 23.77 43.43 2.91
N PRO C 236 23.95 43.55 1.60
CA PRO C 236 23.94 42.37 0.74
C PRO C 236 25.32 41.76 0.63
N ASN C 237 25.46 40.69 -0.16
CA ASN C 237 26.74 40.09 -0.44
C ASN C 237 27.22 40.52 -1.82
N HIS C 238 28.29 39.89 -2.30
CA HIS C 238 28.70 40.08 -3.68
C HIS C 238 27.71 39.49 -4.67
N GLN C 239 26.86 38.57 -4.24
CA GLN C 239 25.73 38.15 -5.06
C GLN C 239 24.58 39.15 -4.95
N GLY C 240 24.55 39.92 -3.87
CA GLY C 240 23.59 41.01 -3.76
C GLY C 240 22.34 40.62 -3.02
N LEU C 241 22.49 39.95 -1.88
CA LEU C 241 21.35 39.43 -1.13
C LEU C 241 21.46 39.77 0.34
N THR C 242 20.40 40.35 0.88
CA THR C 242 20.28 40.55 2.31
C THR C 242 20.15 39.18 3.00
N PRO C 243 20.55 39.07 4.27
CA PRO C 243 20.46 37.77 4.95
C PRO C 243 19.05 37.25 5.14
N PHE C 244 18.03 38.10 5.07
CA PHE C 244 16.67 37.59 5.04
C PHE C 244 16.43 36.80 3.77
N LYS C 245 16.81 37.35 2.63
CA LYS C 245 16.55 36.69 1.37
C LYS C 245 17.42 35.45 1.20
N LEU C 246 18.59 35.43 1.82
CA LEU C 246 19.43 34.24 1.77
C LEU C 246 18.81 33.09 2.53
N ALA C 247 18.10 33.39 3.61
CA ALA C 247 17.35 32.36 4.31
C ALA C 247 16.25 31.79 3.45
N GLY C 248 15.68 32.61 2.57
CA GLY C 248 14.76 32.09 1.60
C GLY C 248 15.42 31.26 0.53
N VAL C 249 16.70 31.48 0.28
CA VAL C 249 17.39 30.69 -0.73
C VAL C 249 17.68 29.30 -0.21
N GLU C 250 18.23 29.20 0.99
CA GLU C 250 18.57 27.89 1.52
C GLU C 250 17.39 27.22 2.22
N GLY C 251 16.35 27.97 2.53
CA GLY C 251 15.16 27.35 3.09
C GLY C 251 15.27 26.95 4.54
N ASN C 252 15.98 27.74 5.35
CA ASN C 252 15.97 27.50 6.77
C ASN C 252 14.61 27.87 7.34
N THR C 253 13.74 26.87 7.44
CA THR C 253 12.34 27.10 7.77
C THR C 253 12.19 27.66 9.18
N VAL C 254 13.00 27.16 10.12
CA VAL C 254 12.92 27.66 11.49
C VAL C 254 13.51 29.05 11.58
N MET C 255 14.61 29.29 10.88
CA MET C 255 15.27 30.59 10.96
C MET C 255 14.45 31.66 10.26
N PHE C 256 13.72 31.28 9.22
CA PHE C 256 12.87 32.21 8.50
C PHE C 256 11.78 32.76 9.39
N GLN C 257 11.22 31.89 10.23
CA GLN C 257 10.17 32.31 11.14
C GLN C 257 10.71 33.22 12.22
N HIS C 258 11.97 33.06 12.59
CA HIS C 258 12.53 33.98 13.57
C HIS C 258 12.84 35.34 12.96
N LEU C 259 13.25 35.39 11.71
CA LEU C 259 13.52 36.69 11.11
C LEU C 259 12.28 37.41 10.62
N MET C 260 11.11 36.78 10.72
CA MET C 260 9.88 37.46 10.35
C MET C 260 9.39 38.39 11.46
N GLN C 261 9.79 38.12 12.70
CA GLN C 261 9.18 38.72 13.87
C GLN C 261 9.40 40.23 13.98
N LYS C 262 10.37 40.79 13.28
CA LYS C 262 10.50 42.23 13.24
C LYS C 262 9.88 42.82 12.00
N ARG C 263 9.40 41.99 11.07
CA ARG C 263 8.74 42.51 9.88
C ARG C 263 7.25 42.75 10.13
N LYS C 264 6.61 41.86 10.87
CA LYS C 264 5.18 41.94 11.08
C LYS C 264 4.85 43.04 12.08
N HIS C 265 3.55 43.31 12.20
CA HIS C 265 3.09 44.39 13.06
C HIS C 265 1.67 44.05 13.48
N THR C 266 1.50 43.61 14.73
CA THR C 266 0.17 43.27 15.23
C THR C 266 -0.65 44.53 15.43
N GLN C 267 -1.96 44.39 15.24
CA GLN C 267 -2.80 45.57 15.14
C GLN C 267 -3.86 45.66 16.22
N TRP C 268 -4.70 44.63 16.36
CA TRP C 268 -5.68 44.59 17.44
C TRP C 268 -6.13 43.16 17.67
N THR C 269 -6.35 42.83 18.93
CA THR C 269 -6.76 41.50 19.35
C THR C 269 -8.14 41.58 19.99
N TYR C 270 -8.99 40.61 19.67
CA TYR C 270 -10.39 40.63 20.08
C TYR C 270 -10.75 39.24 20.58
N GLY C 271 -10.48 38.98 21.86
CA GLY C 271 -10.67 37.67 22.42
C GLY C 271 -9.76 36.66 21.76
N PRO C 272 -10.35 35.73 21.01
CA PRO C 272 -9.56 34.81 20.18
C PRO C 272 -9.18 35.38 18.83
N LEU C 273 -9.61 36.59 18.49
CA LEU C 273 -9.29 37.17 17.19
C LEU C 273 -7.91 37.80 17.23
N THR C 274 -7.18 37.63 16.15
CA THR C 274 -5.86 38.23 16.01
C THR C 274 -5.78 38.88 14.65
N SER C 275 -5.45 40.17 14.64
CA SER C 275 -5.37 40.96 13.43
C SER C 275 -3.95 41.51 13.34
N THR C 276 -3.16 41.00 12.41
CA THR C 276 -1.78 41.42 12.26
C THR C 276 -1.52 41.91 10.85
N LEU C 277 -0.51 42.76 10.73
CA LEU C 277 -0.16 43.40 9.47
C LEU C 277 1.25 42.94 9.09
N TYR C 278 1.35 42.07 8.08
CA TYR C 278 2.67 41.70 7.65
C TYR C 278 3.30 42.81 6.81
N ASP C 279 4.61 42.70 6.62
CA ASP C 279 5.38 43.81 6.08
C ASP C 279 5.15 44.00 4.59
N LEU C 280 5.56 43.02 3.78
CA LEU C 280 5.48 43.05 2.32
C LEU C 280 6.21 44.26 1.74
N THR C 281 7.52 44.22 1.86
CA THR C 281 8.32 45.03 0.94
C THR C 281 9.52 44.29 0.39
N GLU C 282 9.88 43.16 0.97
CA GLU C 282 11.02 42.38 0.51
C GLU C 282 10.61 41.20 -0.34
N ILE C 283 9.32 40.98 -0.51
CA ILE C 283 8.82 39.71 -1.00
C ILE C 283 7.89 39.88 -2.20
N ASP C 284 8.09 40.93 -2.99
CA ASP C 284 7.32 41.12 -4.21
C ASP C 284 8.13 41.94 -5.19
N SER C 285 7.86 41.72 -6.48
CA SER C 285 8.62 42.32 -7.57
C SER C 285 8.48 43.85 -7.60
N SER C 286 9.57 44.54 -7.25
CA SER C 286 9.62 45.99 -7.17
C SER C 286 10.49 46.62 -8.24
N GLY C 287 10.42 46.15 -9.49
CA GLY C 287 11.44 46.53 -10.44
C GLY C 287 12.47 45.44 -10.60
N ASP C 288 13.55 45.53 -9.82
CA ASP C 288 14.70 44.63 -9.83
C ASP C 288 14.36 43.14 -9.83
N GLU C 289 15.26 42.34 -10.39
CA GLU C 289 15.05 40.92 -10.64
C GLU C 289 15.21 40.05 -9.40
N GLN C 290 15.43 40.63 -8.24
CA GLN C 290 15.80 39.87 -7.07
C GLN C 290 14.85 40.14 -5.92
N SER C 291 13.55 40.06 -6.16
CA SER C 291 12.60 40.41 -5.12
C SER C 291 12.60 39.45 -3.93
N LEU C 292 11.86 38.34 -4.03
CA LEU C 292 12.18 37.12 -3.29
C LEU C 292 11.67 35.92 -4.07
N LEU C 293 10.61 36.13 -4.83
CA LEU C 293 9.87 35.00 -5.36
C LEU C 293 10.46 34.46 -6.64
N GLU C 294 11.21 35.28 -7.37
CA GLU C 294 11.96 34.75 -8.50
C GLU C 294 13.03 33.78 -8.04
N LEU C 295 13.55 34.01 -6.84
CA LEU C 295 14.66 33.22 -6.32
C LEU C 295 14.22 31.83 -5.94
N ILE C 296 12.97 31.69 -5.48
CA ILE C 296 12.49 30.39 -5.06
C ILE C 296 12.25 29.49 -6.26
N ILE C 297 11.82 30.07 -7.37
CA ILE C 297 11.60 29.26 -8.56
C ILE C 297 12.93 28.96 -9.24
N THR C 298 13.83 29.93 -9.30
CA THR C 298 15.07 29.74 -10.04
C THR C 298 16.08 28.87 -9.30
N THR C 299 15.89 28.61 -8.01
CA THR C 299 16.81 27.72 -7.34
C THR C 299 16.42 26.27 -7.61
N LYS C 300 17.27 25.35 -7.17
CA LYS C 300 17.06 23.94 -7.44
C LYS C 300 16.84 23.11 -6.18
N LYS C 301 17.11 23.67 -5.01
CA LYS C 301 17.05 22.89 -3.78
C LYS C 301 15.61 22.57 -3.42
N ARG C 302 15.33 21.28 -3.26
CA ARG C 302 13.99 20.83 -2.91
C ARG C 302 13.60 21.24 -1.49
N GLU C 303 14.58 21.46 -0.62
CA GLU C 303 14.27 21.82 0.76
C GLU C 303 13.67 23.22 0.85
N ALA C 304 14.11 24.13 -0.01
CA ALA C 304 13.69 25.52 0.10
C ALA C 304 12.30 25.78 -0.46
N ARG C 305 11.77 24.89 -1.29
CA ARG C 305 10.42 25.08 -1.82
C ARG C 305 9.35 24.92 -0.74
N GLN C 306 9.69 24.37 0.41
CA GLN C 306 8.80 24.35 1.55
C GLN C 306 8.73 25.67 2.29
N ILE C 307 9.28 26.74 1.75
CA ILE C 307 9.04 28.07 2.33
C ILE C 307 7.64 28.56 2.00
N LEU C 308 6.96 27.93 1.04
CA LEU C 308 5.67 28.37 0.56
C LEU C 308 4.52 28.01 1.47
N ASP C 309 4.78 27.57 2.70
CA ASP C 309 3.73 27.29 3.64
C ASP C 309 3.85 28.09 4.92
N GLN C 310 4.79 29.02 5.00
CA GLN C 310 4.76 29.96 6.10
C GLN C 310 3.66 30.99 5.88
N THR C 311 3.39 31.79 6.90
CA THR C 311 2.18 32.60 6.92
C THR C 311 2.13 33.72 5.88
N PRO C 312 3.08 34.66 5.77
CA PRO C 312 2.79 35.84 4.96
C PRO C 312 2.90 35.61 3.47
N VAL C 313 3.44 34.48 3.04
CA VAL C 313 3.70 34.22 1.64
C VAL C 313 2.58 33.41 0.99
N LYS C 314 2.16 32.35 1.68
CA LYS C 314 1.12 31.46 1.14
C LYS C 314 -0.20 32.17 0.98
N GLU C 315 -0.54 33.07 1.91
CA GLU C 315 -1.73 33.88 1.74
C GLU C 315 -1.58 34.87 0.59
N LEU C 316 -0.38 35.42 0.44
CA LEU C 316 -0.13 36.40 -0.63
C LEU C 316 -0.27 35.77 -2.00
N VAL C 317 0.36 34.61 -2.20
CA VAL C 317 0.36 34.00 -3.52
C VAL C 317 -1.02 33.44 -3.84
N SER C 318 -1.78 33.02 -2.83
CA SER C 318 -3.11 32.54 -3.10
C SER C 318 -4.05 33.70 -3.40
N LEU C 319 -3.82 34.85 -2.78
CA LEU C 319 -4.60 36.03 -3.10
C LEU C 319 -4.31 36.49 -4.51
N LYS C 320 -3.03 36.55 -4.89
CA LYS C 320 -2.66 37.07 -6.18
C LYS C 320 -3.03 36.10 -7.31
N TRP C 321 -3.11 34.82 -7.02
CA TRP C 321 -3.56 33.91 -8.06
C TRP C 321 -5.06 33.95 -8.23
N LYS C 322 -5.80 34.09 -7.15
CA LYS C 322 -7.25 34.07 -7.24
C LYS C 322 -7.77 35.38 -7.83
N ARG C 323 -7.54 36.49 -7.14
CA ARG C 323 -7.88 37.78 -7.69
C ARG C 323 -6.84 38.12 -8.76
N TYR C 324 -7.32 38.32 -9.99
CA TYR C 324 -6.63 38.85 -11.16
C TYR C 324 -5.63 37.87 -11.78
N GLY C 325 -5.30 36.77 -11.11
CA GLY C 325 -4.24 35.93 -11.61
C GLY C 325 -4.73 34.82 -12.52
N ARG C 326 -5.65 34.03 -11.98
CA ARG C 326 -6.27 32.95 -12.76
C ARG C 326 -6.97 33.40 -14.04
N PRO C 327 -7.84 34.42 -14.07
CA PRO C 327 -8.56 34.67 -15.33
C PRO C 327 -7.70 35.26 -16.42
N TYR C 328 -6.61 35.96 -16.09
CA TYR C 328 -5.69 36.37 -17.13
C TYR C 328 -4.96 35.19 -17.74
N PHE C 329 -4.75 34.12 -16.97
CA PHE C 329 -4.10 32.96 -17.53
C PHE C 329 -5.03 32.18 -18.45
N CYS C 330 -6.30 32.06 -18.07
CA CYS C 330 -7.22 31.29 -18.87
C CYS C 330 -7.58 32.04 -20.15
N MET C 331 -7.79 33.35 -20.05
CA MET C 331 -8.04 34.15 -21.25
C MET C 331 -6.81 34.25 -22.12
N LEU C 332 -5.62 34.07 -21.55
CA LEU C 332 -4.46 33.82 -22.39
C LEU C 332 -4.60 32.47 -23.07
N GLY C 333 -5.09 31.47 -22.35
CA GLY C 333 -5.19 30.13 -22.91
C GLY C 333 -6.26 30.02 -23.98
N ALA C 334 -7.31 30.83 -23.86
CA ALA C 334 -8.39 30.77 -24.84
C ALA C 334 -7.95 31.30 -26.18
N ILE C 335 -7.00 32.24 -26.20
CA ILE C 335 -6.45 32.73 -27.45
C ILE C 335 -5.67 31.62 -28.15
N TYR C 336 -4.86 30.89 -27.39
CA TYR C 336 -4.02 29.86 -27.96
C TYR C 336 -4.84 28.68 -28.46
N LEU C 337 -5.98 28.40 -27.84
CA LEU C 337 -6.82 27.31 -28.31
C LEU C 337 -7.41 27.64 -29.66
N LEU C 338 -7.85 28.89 -29.86
CA LEU C 338 -8.29 29.33 -31.18
C LEU C 338 -7.13 29.46 -32.15
N TYR C 339 -5.90 29.62 -31.66
CA TYR C 339 -4.75 29.67 -32.55
C TYR C 339 -4.53 28.33 -33.23
N ILE C 340 -4.64 27.24 -32.46
CA ILE C 340 -4.35 25.93 -33.01
C ILE C 340 -5.49 25.48 -33.91
N ILE C 341 -6.73 25.82 -33.55
CA ILE C 341 -7.88 25.57 -34.41
C ILE C 341 -7.73 26.30 -35.72
N CYS C 342 -7.29 27.57 -35.66
CA CYS C 342 -7.02 28.29 -36.89
C CYS C 342 -5.75 27.79 -37.57
N PHE C 343 -4.92 27.03 -36.86
CA PHE C 343 -3.81 26.38 -37.52
C PHE C 343 -4.24 25.08 -38.17
N THR C 344 -4.99 24.25 -37.43
CA THR C 344 -5.24 22.90 -37.92
C THR C 344 -6.29 22.90 -39.03
N MET C 345 -7.18 23.89 -39.05
CA MET C 345 -8.08 24.00 -40.19
C MET C 345 -7.31 24.49 -41.42
N CYS C 346 -6.36 25.38 -41.20
CA CYS C 346 -5.43 25.76 -42.27
C CYS C 346 -4.48 24.62 -42.58
N CYS C 347 -4.30 23.68 -41.66
CA CYS C 347 -3.51 22.51 -41.97
C CYS C 347 -4.29 21.54 -42.85
N ILE C 348 -5.54 21.25 -42.50
CA ILE C 348 -6.28 20.21 -43.21
C ILE C 348 -6.75 20.66 -44.58
N TYR C 349 -6.95 21.94 -44.80
CA TYR C 349 -7.16 22.45 -46.15
C TYR C 349 -5.78 22.76 -46.71
N ARG C 350 -5.51 22.28 -47.91
CA ARG C 350 -4.14 22.37 -48.39
C ARG C 350 -4.20 22.29 -49.89
N PRO C 351 -3.41 23.08 -50.63
CA PRO C 351 -3.56 23.08 -52.09
C PRO C 351 -3.04 21.84 -52.75
N LEU C 352 -3.85 20.78 -52.71
CA LEU C 352 -3.56 19.55 -53.39
C LEU C 352 -3.91 19.66 -54.87
N LYS C 353 -3.63 18.60 -55.60
CA LYS C 353 -4.00 18.49 -57.01
C LYS C 353 -4.06 17.01 -57.34
N PRO C 354 -4.81 16.62 -58.37
CA PRO C 354 -4.76 15.22 -58.80
C PRO C 354 -3.38 14.89 -59.36
N ARG C 355 -3.09 13.59 -59.34
CA ARG C 355 -1.78 13.08 -59.74
C ARG C 355 -1.61 13.25 -61.24
N THR C 356 -0.90 14.30 -61.63
CA THR C 356 -0.70 14.62 -63.04
C THR C 356 0.74 14.35 -63.44
N ASN C 357 0.92 13.95 -64.70
CA ASN C 357 2.19 13.82 -65.40
C ASN C 357 3.12 12.76 -64.81
N ASN C 358 2.64 11.98 -63.85
CA ASN C 358 3.46 11.00 -63.14
C ASN C 358 2.57 9.81 -62.84
N ARG C 359 2.76 8.72 -63.58
CA ARG C 359 1.98 7.53 -63.35
C ARG C 359 2.52 6.78 -62.13
N THR C 360 1.93 5.61 -61.86
CA THR C 360 2.48 4.71 -60.84
C THR C 360 3.43 3.72 -61.50
N SER C 361 4.36 4.28 -62.27
CA SER C 361 5.36 3.53 -63.02
C SER C 361 6.29 2.72 -62.11
N PRO C 362 6.71 3.20 -60.91
CA PRO C 362 7.18 2.22 -59.93
C PRO C 362 6.02 1.42 -59.39
N ARG C 363 5.91 0.16 -59.82
CA ARG C 363 4.73 -0.63 -59.48
C ARG C 363 4.88 -1.18 -58.06
N ASP C 364 3.80 -1.03 -57.27
CA ASP C 364 3.71 -1.45 -55.87
C ASP C 364 4.72 -0.71 -55.00
N ASN C 365 5.12 0.47 -55.47
CA ASN C 365 6.01 1.34 -54.71
C ASN C 365 5.41 2.70 -54.43
N THR C 366 4.73 3.31 -55.41
CA THR C 366 4.05 4.58 -55.19
C THR C 366 2.56 4.31 -55.21
N LEU C 367 1.94 4.36 -54.03
CA LEU C 367 0.49 4.38 -53.94
C LEU C 367 0.15 5.78 -53.46
N LEU C 368 0.11 6.72 -54.40
CA LEU C 368 -0.06 8.12 -54.11
C LEU C 368 -0.95 8.73 -55.18
N GLN C 369 -1.58 9.87 -54.86
CA GLN C 369 -2.46 10.51 -55.82
C GLN C 369 -2.35 12.02 -55.89
N GLN C 370 -1.45 12.68 -55.16
CA GLN C 370 -1.59 14.13 -55.09
C GLN C 370 -0.45 14.90 -55.74
N LYS C 371 0.77 14.84 -55.19
CA LYS C 371 1.92 15.64 -55.64
C LYS C 371 1.54 17.12 -55.77
N LEU C 372 1.33 17.74 -54.61
CA LEU C 372 0.55 18.97 -54.41
C LEU C 372 1.01 20.14 -55.29
N LEU C 373 0.13 21.15 -55.37
CA LEU C 373 0.27 22.31 -56.24
C LEU C 373 1.45 23.19 -55.84
N GLN C 374 1.70 24.20 -56.67
CA GLN C 374 2.86 25.08 -56.48
C GLN C 374 2.47 26.53 -56.22
N GLU C 375 1.76 27.17 -57.13
CA GLU C 375 1.42 28.59 -57.00
C GLU C 375 0.00 28.86 -57.46
N ALA C 376 -0.91 27.94 -57.19
CA ALA C 376 -2.29 28.08 -57.66
C ALA C 376 -3.18 28.44 -56.47
N TYR C 377 -3.36 29.75 -56.27
CA TYR C 377 -4.31 30.24 -55.27
C TYR C 377 -5.50 30.96 -55.90
N MET C 378 -5.72 30.77 -57.19
CA MET C 378 -6.73 31.55 -57.92
C MET C 378 -8.13 31.03 -57.60
N THR C 379 -8.58 31.35 -56.39
CA THR C 379 -9.88 30.95 -55.85
C THR C 379 -10.17 31.86 -54.65
N PRO C 380 -11.37 32.46 -54.57
CA PRO C 380 -11.69 33.29 -53.39
C PRO C 380 -11.84 32.50 -52.11
N LYS C 381 -12.08 31.20 -52.19
CA LYS C 381 -12.06 30.36 -50.99
C LYS C 381 -10.65 30.25 -50.43
N ASP C 382 -9.64 30.37 -51.28
CA ASP C 382 -8.26 30.34 -50.80
C ASP C 382 -7.91 31.57 -49.99
N ASP C 383 -8.61 32.68 -50.21
CA ASP C 383 -8.39 33.88 -49.41
C ASP C 383 -8.78 33.64 -47.96
N ILE C 384 -9.80 32.81 -47.74
CA ILE C 384 -10.16 32.38 -46.40
C ILE C 384 -9.02 31.58 -45.80
N ARG C 385 -8.38 30.73 -46.60
CA ARG C 385 -7.19 30.05 -46.12
C ARG C 385 -6.04 31.02 -46.01
N LEU C 386 -6.00 32.03 -46.88
CA LEU C 386 -4.93 33.03 -46.83
C LEU C 386 -5.03 33.87 -45.57
N VAL C 387 -6.22 33.97 -44.98
CA VAL C 387 -6.36 34.49 -43.63
C VAL C 387 -5.57 33.62 -42.66
N GLY C 388 -5.92 32.34 -42.58
CA GLY C 388 -5.41 31.49 -41.52
C GLY C 388 -3.93 31.20 -41.60
N GLU C 389 -3.40 31.09 -42.82
CA GLU C 389 -1.96 30.98 -43.00
C GLU C 389 -1.26 32.25 -42.53
N LEU C 390 -1.86 33.41 -42.81
CA LEU C 390 -1.29 34.65 -42.30
C LEU C 390 -1.51 34.77 -40.81
N VAL C 391 -2.58 34.17 -40.28
CA VAL C 391 -2.85 34.22 -38.85
C VAL C 391 -1.77 33.46 -38.09
N THR C 392 -1.47 32.24 -38.52
CA THR C 392 -0.54 31.43 -37.74
C THR C 392 0.90 31.87 -37.89
N VAL C 393 1.24 32.56 -38.97
CA VAL C 393 2.66 32.83 -39.18
C VAL C 393 3.08 34.05 -38.37
N ILE C 394 2.16 34.97 -38.11
CA ILE C 394 2.50 36.16 -37.36
C ILE C 394 2.65 35.83 -35.88
N GLY C 395 1.77 34.97 -35.37
CA GLY C 395 1.88 34.56 -33.98
C GLY C 395 3.10 33.73 -33.71
N ALA C 396 3.64 33.06 -34.74
CA ALA C 396 4.88 32.33 -34.58
C ALA C 396 6.03 33.29 -34.30
N ILE C 397 6.02 34.46 -34.94
CA ILE C 397 7.02 35.49 -34.64
C ILE C 397 6.79 36.03 -33.24
N ILE C 398 5.54 36.09 -32.79
CA ILE C 398 5.23 36.57 -31.46
C ILE C 398 5.78 35.62 -30.40
N ILE C 399 5.65 34.32 -30.64
CA ILE C 399 6.16 33.32 -29.70
C ILE C 399 7.68 33.38 -29.63
N LEU C 400 8.32 33.60 -30.77
CA LEU C 400 9.77 33.72 -30.78
C LEU C 400 10.25 34.96 -30.05
N LEU C 401 9.64 36.11 -30.33
CA LEU C 401 10.10 37.36 -29.77
C LEU C 401 9.54 37.63 -28.37
N VAL C 402 8.97 36.63 -27.71
CA VAL C 402 8.53 36.82 -26.33
C VAL C 402 9.27 35.88 -25.38
N GLU C 403 9.86 34.80 -25.87
CA GLU C 403 10.47 33.84 -24.95
C GLU C 403 11.92 33.58 -25.34
N VAL C 404 12.24 33.70 -26.61
CA VAL C 404 13.64 33.66 -27.02
C VAL C 404 13.97 34.99 -27.72
N PRO C 405 14.20 36.05 -26.94
CA PRO C 405 14.46 37.36 -27.55
C PRO C 405 15.87 37.48 -28.09
N ASP C 406 16.75 36.54 -27.76
CA ASP C 406 18.17 36.66 -28.07
C ASP C 406 18.47 36.07 -29.44
N ILE C 407 17.71 36.52 -30.43
CA ILE C 407 17.90 36.09 -31.82
C ILE C 407 18.45 37.22 -32.68
N PHE C 408 18.32 38.48 -32.24
CA PHE C 408 18.96 39.60 -32.93
C PHE C 408 20.48 39.54 -32.81
N ARG C 409 20.99 38.88 -31.77
CA ARG C 409 22.41 38.58 -31.67
C ARG C 409 22.87 37.59 -32.73
N MET C 410 21.97 36.71 -33.18
CA MET C 410 22.22 35.66 -34.16
C MET C 410 23.32 34.72 -33.68
N GLY C 411 23.05 34.06 -32.56
CA GLY C 411 23.98 33.10 -31.99
C GLY C 411 23.49 31.67 -32.05
N VAL C 412 24.20 30.82 -32.76
CA VAL C 412 23.79 29.42 -32.88
C VAL C 412 24.13 28.65 -31.60
N THR C 413 25.29 28.90 -31.01
CA THR C 413 25.68 28.26 -29.76
C THR C 413 24.91 28.81 -28.56
N ARG C 414 24.17 29.90 -28.73
CA ARG C 414 23.26 30.40 -27.71
C ARG C 414 22.12 29.42 -27.44
N PHE C 415 21.79 28.56 -28.42
CA PHE C 415 20.70 27.61 -28.28
C PHE C 415 21.00 26.55 -27.22
N PHE C 416 22.28 26.27 -26.97
CA PHE C 416 22.64 25.36 -25.89
C PHE C 416 22.34 25.96 -24.52
N GLY C 417 22.46 27.28 -24.40
CA GLY C 417 22.04 27.98 -23.21
C GLY C 417 20.57 28.29 -23.12
N GLN C 418 19.75 27.64 -23.96
CA GLN C 418 18.31 27.82 -23.97
C GLN C 418 17.55 26.53 -23.79
N THR C 419 18.24 25.39 -23.86
CA THR C 419 17.61 24.07 -23.72
C THR C 419 17.36 23.74 -22.26
N ILE C 420 18.43 23.60 -21.46
CA ILE C 420 18.23 23.28 -20.06
C ILE C 420 17.83 24.51 -19.27
N LEU C 421 18.24 25.69 -19.73
CA LEU C 421 17.77 26.94 -19.12
C LEU C 421 16.38 27.17 -19.68
N GLY C 422 15.37 26.82 -18.88
CA GLY C 422 13.98 26.84 -19.31
C GLY C 422 13.35 25.50 -19.02
N GLY C 423 12.03 25.51 -18.83
CA GLY C 423 11.30 24.31 -18.50
C GLY C 423 11.09 23.42 -19.70
N PRO C 424 10.50 22.25 -19.45
CA PRO C 424 10.23 21.31 -20.56
C PRO C 424 9.18 21.81 -21.52
N PHE C 425 8.21 22.56 -21.04
CA PHE C 425 7.28 23.24 -21.93
C PHE C 425 7.85 24.53 -22.49
N HIS C 426 8.98 25.00 -21.97
CA HIS C 426 9.71 26.07 -22.62
C HIS C 426 10.61 25.57 -23.72
N VAL C 427 10.41 24.34 -24.18
CA VAL C 427 11.19 23.77 -25.27
C VAL C 427 10.32 23.48 -26.48
N LEU C 428 9.15 22.88 -26.25
CA LEU C 428 8.27 22.47 -27.34
C LEU C 428 7.77 23.67 -28.14
N ILE C 429 7.31 24.70 -27.44
CA ILE C 429 6.70 25.82 -28.13
C ILE C 429 7.74 26.62 -28.90
N ILE C 430 9.01 26.55 -28.48
CA ILE C 430 10.08 27.05 -29.33
C ILE C 430 10.21 26.18 -30.57
N THR C 431 10.20 24.87 -30.41
CA THR C 431 10.26 23.99 -31.57
C THR C 431 8.96 23.98 -32.35
N TYR C 432 7.87 24.45 -31.73
CA TYR C 432 6.66 24.69 -32.50
C TYR C 432 6.88 25.80 -33.51
N ALA C 433 7.75 26.76 -33.19
CA ALA C 433 7.93 27.89 -34.08
C ALA C 433 8.71 27.52 -35.32
N PHE C 434 9.77 26.72 -35.17
CA PHE C 434 10.66 26.40 -36.29
C PHE C 434 9.93 25.65 -37.38
N MET C 435 9.03 24.74 -37.00
CA MET C 435 8.26 24.00 -37.99
C MET C 435 7.31 24.93 -38.74
N VAL C 436 6.74 25.89 -38.02
CA VAL C 436 5.91 26.88 -38.70
C VAL C 436 6.79 27.84 -39.49
N LEU C 437 8.05 27.99 -39.10
CA LEU C 437 8.94 28.75 -39.97
C LEU C 437 9.27 27.99 -41.24
N VAL C 438 9.32 26.66 -41.18
CA VAL C 438 9.68 25.89 -42.37
C VAL C 438 8.55 25.96 -43.41
N THR C 439 7.30 25.88 -42.97
CA THR C 439 6.20 26.00 -43.91
C THR C 439 6.04 27.41 -44.44
N MET C 440 6.66 28.41 -43.80
CA MET C 440 6.86 29.67 -44.46
C MET C 440 8.04 29.59 -45.43
N VAL C 441 9.10 28.88 -45.05
CA VAL C 441 10.27 28.75 -45.91
C VAL C 441 9.98 27.87 -47.11
N MET C 442 9.34 26.73 -46.88
CA MET C 442 9.20 25.72 -47.92
C MET C 442 8.26 26.17 -49.02
N ARG C 443 7.13 26.76 -48.64
CA ARG C 443 6.07 27.06 -49.61
C ARG C 443 6.43 28.22 -50.52
N LEU C 444 7.44 29.02 -50.18
CA LEU C 444 7.99 29.94 -51.15
C LEU C 444 9.02 29.25 -52.04
N ILE C 445 9.72 28.26 -51.51
CA ILE C 445 10.70 27.54 -52.29
C ILE C 445 10.03 26.45 -53.13
N SER C 446 8.99 25.83 -52.57
CA SER C 446 8.17 24.79 -53.22
C SER C 446 9.01 23.58 -53.62
N ALA C 447 9.54 22.90 -52.62
CA ALA C 447 10.19 21.63 -52.84
C ALA C 447 9.22 20.50 -52.51
N SER C 448 9.71 19.26 -52.56
CA SER C 448 8.84 18.10 -52.49
C SER C 448 8.39 17.81 -51.06
N GLY C 449 9.36 17.69 -50.15
CA GLY C 449 9.06 17.34 -48.77
C GLY C 449 8.29 18.40 -48.04
N GLU C 450 7.01 18.16 -47.83
CA GLU C 450 6.17 19.19 -47.27
C GLU C 450 5.39 18.73 -46.05
N VAL C 451 4.92 17.48 -46.02
CA VAL C 451 4.09 17.03 -44.92
C VAL C 451 4.92 16.71 -43.68
N VAL C 452 6.22 16.51 -43.84
CA VAL C 452 7.06 16.13 -42.71
C VAL C 452 7.23 17.26 -41.68
N PRO C 453 7.57 18.49 -42.06
CA PRO C 453 7.64 19.52 -41.02
C PRO C 453 6.27 19.91 -40.53
N MET C 454 5.27 19.78 -41.40
CA MET C 454 3.89 20.02 -41.01
C MET C 454 3.43 18.98 -39.99
N SER C 455 4.00 17.78 -40.04
CA SER C 455 3.60 16.72 -39.13
C SER C 455 3.98 17.04 -37.70
N PHE C 456 5.23 17.42 -37.47
CA PHE C 456 5.63 17.84 -36.15
C PHE C 456 4.93 19.14 -35.76
N ALA C 457 4.65 19.99 -36.75
CA ALA C 457 3.94 21.24 -36.49
C ALA C 457 2.53 21.02 -36.01
N LEU C 458 1.95 19.85 -36.28
CA LEU C 458 0.58 19.60 -35.92
C LEU C 458 0.45 18.83 -34.62
N VAL C 459 1.39 17.94 -34.32
CA VAL C 459 1.27 17.13 -33.13
C VAL C 459 1.95 17.77 -31.93
N LEU C 460 3.02 18.54 -32.14
CA LEU C 460 3.59 19.28 -31.02
C LEU C 460 2.71 20.44 -30.62
N GLY C 461 1.87 20.92 -31.54
CA GLY C 461 0.96 21.98 -31.20
C GLY C 461 -0.08 21.55 -30.19
N TRP C 462 -0.81 20.48 -30.49
CA TRP C 462 -1.90 20.06 -29.60
C TRP C 462 -1.39 19.53 -28.29
N CYS C 463 -0.22 18.88 -28.29
CA CYS C 463 0.35 18.39 -27.04
C CYS C 463 0.74 19.53 -26.12
N ASN C 464 0.97 20.71 -26.67
CA ASN C 464 1.40 21.84 -25.88
C ASN C 464 0.28 22.40 -25.01
N VAL C 465 -0.99 22.02 -25.23
CA VAL C 465 -2.07 22.67 -24.49
C VAL C 465 -2.12 22.20 -23.04
N MET C 466 -1.37 21.15 -22.69
CA MET C 466 -1.21 20.78 -21.30
C MET C 466 -0.44 21.81 -20.50
N TYR C 467 0.34 22.66 -21.17
CA TYR C 467 0.95 23.80 -20.50
C TYR C 467 -0.09 24.72 -19.90
N PHE C 468 -1.28 24.78 -20.49
CA PHE C 468 -2.40 25.49 -19.90
C PHE C 468 -3.22 24.62 -18.98
N ALA C 469 -2.92 23.33 -18.90
CA ALA C 469 -3.55 22.48 -17.90
C ALA C 469 -2.78 22.47 -16.59
N ARG C 470 -1.90 23.45 -16.37
CA ARG C 470 -1.26 23.59 -15.07
C ARG C 470 -2.29 23.87 -14.00
N GLY C 471 -2.98 24.98 -14.11
CA GLY C 471 -4.02 25.25 -13.17
C GLY C 471 -5.36 24.79 -13.70
N PHE C 472 -6.22 25.78 -13.94
CA PHE C 472 -7.52 25.73 -14.60
C PHE C 472 -8.60 25.05 -13.76
N GLN C 473 -8.18 24.23 -12.79
CA GLN C 473 -8.96 23.68 -11.70
C GLN C 473 -7.94 22.89 -10.90
N MET C 474 -8.38 22.10 -9.94
CA MET C 474 -7.48 21.17 -9.26
C MET C 474 -7.25 19.90 -10.09
N LEU C 475 -7.71 19.86 -11.32
CA LEU C 475 -7.51 18.70 -12.20
C LEU C 475 -6.26 18.86 -13.05
N GLY C 476 -5.19 19.25 -12.39
CA GLY C 476 -3.91 19.53 -13.01
C GLY C 476 -2.63 19.20 -12.26
N PRO C 477 -2.67 18.72 -11.01
CA PRO C 477 -1.58 17.89 -10.52
C PRO C 477 -1.61 16.45 -11.02
N PHE C 478 -2.45 16.14 -12.00
CA PHE C 478 -2.21 14.98 -12.83
C PHE C 478 -1.06 15.23 -13.79
N THR C 479 -0.91 16.46 -14.27
CA THR C 479 0.10 16.73 -15.28
C THR C 479 1.48 16.83 -14.66
N ILE C 480 1.57 17.19 -13.39
CA ILE C 480 2.86 17.14 -12.73
C ILE C 480 3.26 15.69 -12.46
N MET C 481 2.31 14.76 -12.45
CA MET C 481 2.65 13.37 -12.25
C MET C 481 3.21 12.76 -13.52
N ILE C 482 2.59 13.05 -14.66
CA ILE C 482 3.07 12.50 -15.92
C ILE C 482 4.40 13.11 -16.33
N GLN C 483 4.71 14.32 -15.83
CA GLN C 483 6.05 14.87 -16.00
C GLN C 483 7.09 14.05 -15.26
N LYS C 484 6.79 13.67 -14.02
CA LYS C 484 7.76 12.92 -13.23
C LYS C 484 7.91 11.50 -13.74
N MET C 485 6.95 10.99 -14.48
CA MET C 485 7.03 9.63 -14.97
C MET C 485 7.72 9.51 -16.30
N ILE C 486 7.56 10.50 -17.19
CA ILE C 486 8.14 10.36 -18.53
C ILE C 486 9.65 10.54 -18.48
N PHE C 487 10.16 11.26 -17.50
CA PHE C 487 11.59 11.29 -17.25
C PHE C 487 11.91 10.22 -16.23
N GLY C 488 12.81 9.33 -16.58
CA GLY C 488 13.08 8.23 -15.70
C GLY C 488 12.21 7.03 -15.99
N ASP C 489 11.08 6.94 -15.29
CA ASP C 489 10.35 5.70 -15.08
C ASP C 489 9.64 5.15 -16.32
N LEU C 490 9.73 5.82 -17.47
CA LEU C 490 9.53 5.14 -18.73
C LEU C 490 10.78 5.14 -19.58
N MET C 491 11.64 6.15 -19.43
CA MET C 491 12.92 6.15 -20.11
C MET C 491 13.84 5.05 -19.60
N ARG C 492 13.68 4.64 -18.34
CA ARG C 492 14.36 3.46 -17.82
C ARG C 492 13.69 2.17 -18.27
N PHE C 493 12.54 2.26 -18.91
CA PHE C 493 11.93 1.13 -19.56
C PHE C 493 12.15 1.13 -21.05
N CYS C 494 12.35 2.31 -21.64
CA CYS C 494 12.47 2.40 -23.10
C CYS C 494 13.77 1.81 -23.58
N TRP C 495 14.82 1.82 -22.75
CA TRP C 495 16.05 1.12 -23.11
C TRP C 495 15.86 -0.38 -23.12
N LEU C 496 15.34 -0.93 -22.04
CA LEU C 496 15.26 -2.38 -21.90
C LEU C 496 14.22 -3.01 -22.80
N MET C 497 13.32 -2.23 -23.37
CA MET C 497 12.51 -2.72 -24.48
C MET C 497 13.39 -2.94 -25.70
N ALA C 498 14.24 -1.97 -26.03
CA ALA C 498 15.12 -2.09 -27.18
C ALA C 498 16.23 -3.10 -26.94
N VAL C 499 16.51 -3.43 -25.68
CA VAL C 499 17.40 -4.54 -25.37
C VAL C 499 16.83 -5.84 -25.90
N VAL C 500 15.59 -6.14 -25.52
CA VAL C 500 15.02 -7.44 -25.85
C VAL C 500 14.61 -7.49 -27.29
N ILE C 501 14.00 -6.41 -27.77
CA ILE C 501 13.26 -6.51 -29.02
C ILE C 501 14.19 -6.47 -30.22
N LEU C 502 15.41 -5.98 -30.04
CA LEU C 502 16.34 -6.01 -31.14
C LEU C 502 16.88 -7.41 -31.36
N GLY C 503 16.76 -8.27 -30.36
CA GLY C 503 17.10 -9.66 -30.54
C GLY C 503 16.08 -10.39 -31.38
N PHE C 504 14.84 -10.41 -30.88
CA PHE C 504 13.81 -11.25 -31.47
C PHE C 504 13.48 -10.82 -32.89
N ALA C 505 13.57 -9.52 -33.17
CA ALA C 505 13.22 -9.03 -34.49
C ALA C 505 14.21 -9.51 -35.53
N SER C 506 15.48 -9.52 -35.18
CA SER C 506 16.43 -10.15 -36.07
C SER C 506 16.25 -11.65 -36.05
N ALA C 507 15.87 -12.21 -34.90
CA ALA C 507 15.63 -13.64 -34.81
C ALA C 507 14.41 -14.05 -35.62
N PHE C 508 13.42 -13.18 -35.70
CA PHE C 508 12.33 -13.43 -36.63
C PHE C 508 12.81 -13.25 -38.06
N TYR C 509 13.69 -12.27 -38.29
CA TYR C 509 14.13 -11.94 -39.64
C TYR C 509 14.92 -13.08 -40.26
N ILE C 510 15.69 -13.78 -39.44
CA ILE C 510 16.31 -15.01 -39.90
C ILE C 510 15.25 -16.07 -40.14
N ILE C 511 14.31 -16.20 -39.22
CA ILE C 511 13.47 -17.39 -39.23
C ILE C 511 12.41 -17.33 -40.29
N PHE C 512 12.18 -16.16 -40.89
CA PHE C 512 11.33 -16.07 -42.07
C PHE C 512 12.12 -15.67 -43.29
N GLN C 513 13.45 -15.76 -43.24
CA GLN C 513 14.25 -15.36 -44.40
C GLN C 513 14.01 -16.29 -45.58
N THR C 514 13.66 -17.54 -45.32
CA THR C 514 13.39 -18.49 -46.38
C THR C 514 11.92 -18.57 -46.75
N GLU C 515 11.14 -17.55 -46.44
CA GLU C 515 9.68 -17.65 -46.52
C GLU C 515 9.13 -16.70 -47.59
N ASP C 516 8.01 -17.12 -48.20
CA ASP C 516 7.31 -16.27 -49.15
C ASP C 516 6.80 -15.00 -48.48
N PRO C 517 6.87 -13.86 -49.15
CA PRO C 517 6.37 -12.63 -48.55
C PRO C 517 4.87 -12.44 -48.68
N GLU C 518 4.25 -12.96 -49.75
CA GLU C 518 2.85 -12.66 -50.02
C GLU C 518 1.90 -13.31 -49.02
N GLU C 519 2.36 -14.27 -48.24
CA GLU C 519 1.70 -14.70 -47.01
C GLU C 519 2.65 -14.38 -45.87
N LEU C 520 2.13 -13.72 -44.85
CA LEU C 520 2.91 -13.19 -43.72
C LEU C 520 4.05 -12.29 -44.20
N GLY C 521 3.65 -11.16 -44.74
CA GLY C 521 4.60 -10.11 -45.06
C GLY C 521 4.94 -9.24 -43.88
N HIS C 522 5.13 -9.84 -42.71
CA HIS C 522 5.51 -9.08 -41.53
C HIS C 522 6.99 -8.76 -41.58
N PHE C 523 7.80 -9.71 -42.00
CA PHE C 523 9.24 -9.64 -41.76
C PHE C 523 10.02 -9.77 -43.05
N TYR C 524 9.45 -9.28 -44.15
CA TYR C 524 10.07 -9.49 -45.45
C TYR C 524 11.30 -8.63 -45.68
N ASP C 525 11.50 -7.60 -44.86
CA ASP C 525 12.73 -6.82 -44.89
C ASP C 525 12.94 -6.19 -43.53
N TYR C 526 14.21 -6.09 -43.13
CA TYR C 526 14.56 -5.69 -41.77
C TYR C 526 14.08 -4.31 -41.31
N PRO C 527 14.06 -3.24 -42.14
CA PRO C 527 13.55 -1.98 -41.59
C PRO C 527 12.08 -2.00 -41.22
N MET C 528 11.27 -2.82 -41.88
CA MET C 528 9.90 -2.96 -41.41
C MET C 528 9.78 -4.08 -40.40
N ALA C 529 10.65 -5.08 -40.49
CA ALA C 529 10.65 -6.17 -39.52
C ALA C 529 11.08 -5.69 -38.15
N LEU C 530 11.91 -4.67 -38.09
CA LEU C 530 12.19 -4.02 -36.83
C LEU C 530 10.95 -3.29 -36.32
N PHE C 531 10.16 -2.74 -37.22
CA PHE C 531 8.96 -2.04 -36.80
C PHE C 531 7.89 -2.98 -36.31
N SER C 532 7.65 -4.06 -37.05
CA SER C 532 6.51 -4.90 -36.74
C SER C 532 6.70 -5.70 -35.47
N THR C 533 7.93 -6.04 -35.10
CA THR C 533 8.11 -6.69 -33.83
C THR C 533 7.90 -5.71 -32.69
N PHE C 534 8.19 -4.43 -32.91
CA PHE C 534 7.75 -3.41 -31.98
C PHE C 534 6.25 -3.27 -31.97
N GLU C 535 5.58 -3.68 -33.05
CA GLU C 535 4.13 -3.65 -33.02
C GLU C 535 3.54 -4.81 -32.23
N LEU C 536 4.31 -5.89 -32.01
CA LEU C 536 3.82 -6.98 -31.18
C LEU C 536 4.20 -6.87 -29.72
N PHE C 537 5.11 -5.96 -29.38
CA PHE C 537 5.48 -5.85 -27.97
C PHE C 537 4.40 -5.16 -27.18
N LEU C 538 3.64 -4.27 -27.80
CA LEU C 538 2.58 -3.56 -27.13
C LEU C 538 1.22 -4.13 -27.48
N THR C 539 1.20 -5.37 -27.98
CA THR C 539 0.04 -6.19 -28.28
C THR C 539 -0.89 -5.55 -29.28
N ILE C 540 -0.42 -4.59 -30.07
CA ILE C 540 -1.32 -3.85 -30.93
C ILE C 540 -1.71 -4.68 -32.14
N ILE C 541 -0.74 -5.21 -32.85
CA ILE C 541 -1.06 -6.07 -34.00
C ILE C 541 -1.37 -7.46 -33.47
N ASP C 542 -1.99 -8.31 -34.30
CA ASP C 542 -2.61 -9.54 -33.85
C ASP C 542 -1.64 -10.67 -33.55
N GLY C 543 -0.42 -10.63 -34.06
CA GLY C 543 0.47 -11.75 -33.91
C GLY C 543 0.23 -12.71 -35.04
N PRO C 544 1.24 -12.93 -35.87
CA PRO C 544 1.00 -13.51 -37.19
C PRO C 544 0.65 -14.98 -37.14
N ALA C 545 -0.23 -15.36 -38.04
CA ALA C 545 -0.60 -16.74 -38.28
C ALA C 545 -1.26 -16.80 -39.64
N ASN C 546 -0.99 -17.86 -40.38
CA ASN C 546 -1.70 -18.07 -41.63
C ASN C 546 -2.81 -19.10 -41.46
N TYR C 547 -2.48 -20.24 -40.84
CA TYR C 547 -3.38 -21.37 -40.58
C TYR C 547 -3.93 -21.99 -41.85
N ASN C 548 -3.30 -21.73 -42.98
CA ASN C 548 -3.71 -22.28 -44.25
C ASN C 548 -2.61 -23.11 -44.87
N VAL C 549 -1.41 -22.56 -44.94
CA VAL C 549 -0.21 -23.31 -45.30
C VAL C 549 0.65 -23.34 -44.04
N ASP C 550 1.63 -24.21 -44.02
CA ASP C 550 2.32 -24.59 -42.80
C ASP C 550 3.57 -23.76 -42.60
N LEU C 551 3.58 -22.95 -41.54
CA LEU C 551 4.68 -22.06 -41.22
C LEU C 551 5.94 -22.86 -40.83
N PRO C 552 7.12 -22.22 -40.84
CA PRO C 552 8.34 -22.95 -40.45
C PRO C 552 8.34 -23.39 -39.00
N PHE C 553 8.83 -24.61 -38.78
CA PHE C 553 8.64 -25.37 -37.56
C PHE C 553 9.52 -24.92 -36.40
N MET C 554 10.24 -23.83 -36.55
CA MET C 554 10.94 -23.24 -35.43
C MET C 554 10.29 -21.93 -35.01
N TYR C 555 9.38 -21.41 -35.83
CA TYR C 555 8.67 -20.18 -35.49
C TYR C 555 7.85 -20.33 -34.22
N SER C 556 7.00 -21.36 -34.17
CA SER C 556 6.07 -21.53 -33.06
C SER C 556 6.78 -21.74 -31.73
N ILE C 557 8.00 -22.28 -31.76
CA ILE C 557 8.78 -22.39 -30.54
C ILE C 557 9.23 -21.01 -30.08
N THR C 558 9.92 -20.28 -30.95
CA THR C 558 10.51 -19.03 -30.50
C THR C 558 9.48 -17.93 -30.32
N TYR C 559 8.33 -18.04 -30.97
CA TYR C 559 7.34 -16.98 -30.81
C TYR C 559 6.62 -17.11 -29.48
N ALA C 560 6.40 -18.33 -29.03
CA ALA C 560 5.82 -18.53 -27.70
C ALA C 560 6.80 -18.13 -26.62
N ALA C 561 8.10 -18.27 -26.91
CA ALA C 561 9.11 -17.72 -26.02
C ALA C 561 9.01 -16.22 -25.95
N PHE C 562 8.57 -15.59 -27.04
CA PHE C 562 8.49 -14.14 -27.05
C PHE C 562 7.35 -13.63 -26.19
N ALA C 563 6.19 -14.28 -26.25
CA ALA C 563 5.02 -13.72 -25.59
C ALA C 563 5.11 -13.85 -24.08
N ILE C 564 5.83 -14.85 -23.58
CA ILE C 564 6.02 -14.97 -22.14
C ILE C 564 6.89 -13.83 -21.63
N ILE C 565 7.98 -13.55 -22.34
CA ILE C 565 8.89 -12.51 -21.89
C ILE C 565 8.28 -11.14 -22.09
N ALA C 566 7.61 -10.94 -23.20
CA ALA C 566 7.15 -9.59 -23.52
C ALA C 566 5.85 -9.24 -22.82
N THR C 567 4.75 -9.88 -23.21
CA THR C 567 3.43 -9.38 -22.84
C THR C 567 2.85 -10.09 -21.64
N LEU C 568 3.67 -10.77 -20.86
CA LEU C 568 3.21 -11.28 -19.59
C LEU C 568 4.20 -11.02 -18.47
N LEU C 569 5.48 -10.86 -18.79
CA LEU C 569 6.51 -10.53 -17.82
C LEU C 569 6.89 -9.05 -17.86
N MET C 570 7.22 -8.53 -19.05
CA MET C 570 7.80 -7.21 -19.11
C MET C 570 6.75 -6.13 -18.93
N LEU C 571 5.70 -6.15 -19.74
CA LEU C 571 4.71 -5.08 -19.74
C LEU C 571 3.88 -5.09 -18.47
N ASN C 572 3.52 -6.27 -17.98
CA ASN C 572 2.76 -6.34 -16.74
C ASN C 572 3.62 -6.04 -15.52
N LEU C 573 4.94 -6.03 -15.66
CA LEU C 573 5.75 -5.53 -14.57
C LEU C 573 5.56 -4.03 -14.44
N LEU C 574 5.33 -3.37 -15.56
CA LEU C 574 5.41 -1.92 -15.60
C LEU C 574 4.25 -1.26 -14.88
N ILE C 575 3.07 -1.89 -14.92
CA ILE C 575 1.92 -1.39 -14.18
C ILE C 575 2.20 -1.46 -12.68
N ALA C 576 2.77 -2.57 -12.23
CA ALA C 576 3.22 -2.65 -10.84
C ALA C 576 4.42 -1.75 -10.59
N MET C 577 5.18 -1.41 -11.62
CA MET C 577 6.31 -0.53 -11.40
C MET C 577 5.85 0.88 -11.09
N MET C 578 4.74 1.31 -11.70
CA MET C 578 4.14 2.58 -11.30
C MET C 578 3.53 2.47 -9.91
N GLY C 579 3.22 1.25 -9.47
CA GLY C 579 2.51 1.00 -8.24
C GLY C 579 3.22 1.47 -7.00
N ASP C 580 4.54 1.46 -7.00
CA ASP C 580 5.22 2.13 -5.89
C ASP C 580 5.48 3.58 -6.21
N THR C 581 5.67 3.95 -7.47
CA THR C 581 5.93 5.35 -7.77
C THR C 581 4.62 6.07 -8.08
N HIS C 582 3.65 5.88 -7.20
CA HIS C 582 2.43 6.68 -7.25
C HIS C 582 1.94 7.05 -5.87
N TRP C 583 2.39 6.38 -4.82
CA TRP C 583 2.12 6.79 -3.46
C TRP C 583 3.40 7.09 -2.70
N ARG C 584 4.56 6.77 -3.27
CA ARG C 584 5.80 7.25 -2.70
C ARG C 584 5.97 8.74 -2.99
N VAL C 585 5.33 9.23 -4.04
CA VAL C 585 5.39 10.63 -4.43
C VAL C 585 4.02 11.26 -4.20
N ALA C 586 3.30 10.76 -3.19
CA ALA C 586 1.90 11.12 -2.99
C ALA C 586 1.75 12.59 -2.62
N HIS C 587 2.35 13.00 -1.52
CA HIS C 587 2.35 14.40 -1.14
C HIS C 587 3.57 15.14 -1.65
N GLU C 588 4.21 14.61 -2.68
CA GLU C 588 5.19 15.40 -3.42
C GLU C 588 4.55 16.09 -4.62
N ARG C 589 3.56 15.46 -5.24
CA ARG C 589 2.93 16.09 -6.39
C ARG C 589 2.13 17.31 -5.98
N ASP C 590 1.57 17.30 -4.77
CA ASP C 590 0.79 18.44 -4.33
C ASP C 590 1.68 19.61 -3.97
N GLU C 591 2.85 19.34 -3.37
CA GLU C 591 3.79 20.41 -3.14
C GLU C 591 4.42 20.88 -4.44
N LEU C 592 4.58 19.99 -5.42
CA LEU C 592 5.01 20.43 -6.74
C LEU C 592 3.91 21.13 -7.51
N TRP C 593 2.66 20.92 -7.14
CA TRP C 593 1.63 21.69 -7.83
C TRP C 593 1.59 23.12 -7.34
N ARG C 594 1.94 23.36 -6.07
CA ARG C 594 2.10 24.73 -5.64
C ARG C 594 3.35 25.38 -6.21
N ALA C 595 4.27 24.62 -6.79
CA ALA C 595 5.40 25.23 -7.46
C ALA C 595 4.97 25.94 -8.72
N GLN C 596 4.25 25.23 -9.61
CA GLN C 596 3.98 25.79 -10.92
C GLN C 596 3.00 26.95 -10.92
N ILE C 597 2.20 27.09 -9.88
CA ILE C 597 1.30 28.24 -9.85
C ILE C 597 2.09 29.50 -9.57
N VAL C 598 3.06 29.43 -8.66
CA VAL C 598 3.96 30.54 -8.42
C VAL C 598 4.80 30.79 -9.66
N ALA C 599 5.21 29.71 -10.32
CA ALA C 599 5.93 29.82 -11.58
C ALA C 599 5.06 30.35 -12.69
N THR C 600 3.75 30.27 -12.56
CA THR C 600 2.90 30.93 -13.53
C THR C 600 2.62 32.37 -13.12
N THR C 601 2.50 32.61 -11.81
CA THR C 601 2.17 33.95 -11.33
C THR C 601 3.32 34.92 -11.56
N VAL C 602 4.53 34.54 -11.18
CA VAL C 602 5.69 35.41 -11.33
C VAL C 602 6.02 35.61 -12.79
N MET C 603 5.83 34.58 -13.61
CA MET C 603 6.00 34.72 -15.04
C MET C 603 4.95 35.66 -15.63
N LEU C 604 3.76 35.69 -15.02
CA LEU C 604 2.71 36.53 -15.55
C LEU C 604 2.96 37.99 -15.25
N GLU C 605 3.34 38.31 -14.01
CA GLU C 605 3.54 39.69 -13.59
C GLU C 605 4.71 40.33 -14.32
N ARG C 606 5.78 39.56 -14.56
CA ARG C 606 6.95 40.10 -15.21
C ARG C 606 6.68 40.40 -16.68
N LYS C 607 5.82 39.62 -17.32
CA LYS C 607 5.48 39.89 -18.71
C LYS C 607 4.37 40.93 -18.85
N LEU C 608 3.54 41.11 -17.84
CA LEU C 608 2.43 42.02 -18.13
C LEU C 608 2.70 43.40 -17.57
N PRO C 609 2.31 44.45 -18.32
CA PRO C 609 2.70 45.80 -17.94
C PRO C 609 1.83 46.40 -16.85
N ARG C 610 2.05 47.69 -16.59
CA ARG C 610 1.26 48.44 -15.64
C ARG C 610 -0.01 48.93 -16.33
N CYS C 611 -0.73 49.85 -15.65
CA CYS C 611 -2.10 50.33 -15.96
C CYS C 611 -3.08 49.18 -16.21
N LEU C 612 -2.77 48.03 -15.62
CA LEU C 612 -3.46 46.75 -15.71
C LEU C 612 -2.64 45.91 -14.75
N TRP C 613 -3.24 44.86 -14.15
CA TRP C 613 -2.64 44.06 -13.09
C TRP C 613 -2.16 44.97 -11.97
N PRO C 614 -3.05 45.51 -11.15
CA PRO C 614 -2.60 46.39 -10.07
C PRO C 614 -1.83 45.60 -9.03
N ARG C 615 -0.65 46.11 -8.70
CA ARG C 615 0.28 45.40 -7.84
C ARG C 615 -0.30 45.29 -6.43
N SER C 616 -0.23 44.09 -5.87
CA SER C 616 -1.06 43.70 -4.74
C SER C 616 -0.60 44.36 -3.45
N GLY C 617 -1.27 43.99 -2.37
CA GLY C 617 -1.06 44.63 -1.11
C GLY C 617 -1.90 45.89 -0.99
N ILE C 618 -1.59 46.68 0.03
CA ILE C 618 -2.22 47.98 0.24
C ILE C 618 -1.12 49.02 0.39
N CYS C 619 -1.24 50.11 -0.35
CA CYS C 619 -0.22 51.14 -0.40
C CYS C 619 -0.15 51.89 0.94
N GLY C 620 0.94 52.63 1.10
CA GLY C 620 1.15 53.49 2.24
C GLY C 620 0.88 54.94 1.92
N ARG C 621 1.51 55.82 2.71
CA ARG C 621 1.60 57.28 2.56
C ARG C 621 0.27 57.99 2.84
N GLU C 622 -0.82 57.23 2.94
CA GLU C 622 -2.12 57.81 3.23
C GLU C 622 -2.50 57.66 4.68
N TYR C 623 -1.81 56.79 5.40
CA TYR C 623 -2.22 56.40 6.74
C TYR C 623 -1.17 56.68 7.80
N GLY C 624 -0.05 57.29 7.43
CA GLY C 624 1.02 57.56 8.37
C GLY C 624 2.01 56.43 8.51
N LEU C 625 1.91 55.40 7.68
CA LEU C 625 2.83 54.27 7.78
C LEU C 625 4.16 54.58 7.10
N GLY C 626 4.11 54.87 5.80
CA GLY C 626 5.31 55.13 5.06
C GLY C 626 5.10 54.90 3.57
N ASP C 627 6.16 54.51 2.88
CA ASP C 627 6.08 54.32 1.44
C ASP C 627 6.00 52.86 1.04
N ARG C 628 6.54 51.96 1.86
CA ARG C 628 6.44 50.55 1.55
C ARG C 628 5.01 50.06 1.79
N TRP C 629 4.60 49.09 0.99
CA TRP C 629 3.21 48.68 1.00
C TRP C 629 3.00 47.66 2.10
N PHE C 630 1.77 47.15 2.20
CA PHE C 630 1.41 46.23 3.28
C PHE C 630 0.28 45.31 2.87
N LEU C 631 0.20 44.17 3.56
CA LEU C 631 -1.01 43.36 3.59
C LEU C 631 -1.23 42.90 5.02
N ARG C 632 -2.43 42.42 5.29
CA ARG C 632 -2.81 41.97 6.62
C ARG C 632 -3.54 40.65 6.53
N VAL C 633 -3.52 39.92 7.63
CA VAL C 633 -4.21 38.65 7.77
C VAL C 633 -4.87 38.64 9.15
N GLU C 634 -6.16 38.36 9.20
CA GLU C 634 -6.90 38.19 10.43
C GLU C 634 -7.18 36.71 10.62
N ASP C 635 -7.03 36.21 11.84
CA ASP C 635 -7.20 34.79 12.11
C ASP C 635 -7.60 34.59 13.56
N ARG C 636 -7.57 33.33 14.00
CA ARG C 636 -7.90 32.96 15.36
C ARG C 636 -6.75 32.18 15.96
N GLN C 637 -6.39 32.50 17.20
CA GLN C 637 -5.39 31.72 17.91
C GLN C 637 -5.90 30.33 18.24
N ASP C 638 -7.14 30.26 18.74
CA ASP C 638 -7.81 29.04 19.22
C ASP C 638 -7.01 28.31 20.30
N SER D 28 -13.09 41.61 -4.43
CA SER D 28 -13.01 43.03 -4.11
C SER D 28 -13.92 43.36 -2.93
N TRP D 29 -14.69 42.37 -2.49
CA TRP D 29 -15.65 42.58 -1.40
C TRP D 29 -14.96 42.75 -0.07
N ALA D 30 -14.08 41.80 0.29
CA ALA D 30 -13.36 41.88 1.56
C ALA D 30 -12.30 42.97 1.56
N GLN D 31 -11.97 43.53 0.39
CA GLN D 31 -11.05 44.66 0.32
C GLN D 31 -11.62 45.87 1.05
N SER D 32 -12.95 46.07 0.97
CA SER D 32 -13.58 47.20 1.64
C SER D 32 -13.51 47.10 3.15
N ARG D 33 -13.36 45.89 3.68
CA ARG D 33 -13.16 45.71 5.11
C ARG D 33 -11.82 46.30 5.53
N ASP D 34 -10.74 45.79 4.96
CA ASP D 34 -9.42 46.14 5.43
C ASP D 34 -8.99 47.51 4.93
N GLU D 35 -9.63 48.02 3.89
CA GLU D 35 -9.44 49.42 3.51
C GLU D 35 -9.88 50.35 4.64
N GLN D 36 -11.04 50.07 5.22
CA GLN D 36 -11.50 50.86 6.35
C GLN D 36 -10.70 50.53 7.61
N ASN D 37 -10.14 49.34 7.68
CA ASN D 37 -9.61 48.87 8.95
C ASN D 37 -8.25 49.49 9.25
N LEU D 38 -7.43 49.69 8.23
CA LEU D 38 -6.25 50.53 8.42
C LEU D 38 -6.65 51.98 8.62
N LEU D 39 -7.69 52.41 7.91
CA LEU D 39 -8.22 53.76 8.04
C LEU D 39 -8.78 54.03 9.42
N GLN D 40 -9.25 52.99 10.11
CA GLN D 40 -9.64 53.12 11.52
C GLN D 40 -8.46 53.56 12.36
N GLN D 41 -7.30 52.94 12.12
CA GLN D 41 -6.11 53.25 12.91
C GLN D 41 -5.58 54.65 12.63
N LYS D 42 -5.92 55.20 11.46
CA LYS D 42 -5.47 56.55 11.12
C LYS D 42 -6.06 57.58 12.07
N ARG D 43 -7.32 57.40 12.45
CA ARG D 43 -7.96 58.35 13.37
C ARG D 43 -7.34 58.28 14.76
N ILE D 44 -6.79 57.12 15.13
CA ILE D 44 -5.97 57.06 16.33
C ILE D 44 -4.72 57.90 16.16
N TRP D 45 -4.01 57.71 15.06
CA TRP D 45 -2.83 58.53 14.79
C TRP D 45 -3.18 59.98 14.52
N GLU D 46 -4.40 60.25 14.07
CA GLU D 46 -4.82 61.63 13.84
C GLU D 46 -5.27 62.31 15.13
N SER D 47 -5.83 61.57 16.08
CA SER D 47 -6.37 62.33 17.19
C SER D 47 -5.50 62.19 18.42
N PRO D 48 -5.38 63.24 19.23
CA PRO D 48 -4.62 63.11 20.48
C PRO D 48 -5.35 62.35 21.54
N LEU D 49 -6.69 62.36 21.52
CA LEU D 49 -7.47 61.61 22.50
C LEU D 49 -7.33 60.11 22.29
N LEU D 50 -7.46 59.67 21.04
CA LEU D 50 -7.53 58.25 20.74
C LEU D 50 -6.17 57.59 20.86
N LEU D 51 -5.11 58.31 20.48
CA LEU D 51 -3.77 57.78 20.63
C LEU D 51 -3.39 57.71 22.09
N ALA D 52 -3.84 58.68 22.89
CA ALA D 52 -3.70 58.58 24.32
C ALA D 52 -4.65 57.54 24.90
N ALA D 53 -5.71 57.19 24.16
CA ALA D 53 -6.61 56.16 24.64
C ALA D 53 -6.05 54.77 24.46
N LYS D 54 -5.26 54.52 23.41
CA LYS D 54 -4.74 53.18 23.19
C LYS D 54 -3.73 52.81 24.26
N ASP D 55 -2.93 53.78 24.69
CA ASP D 55 -2.01 53.55 25.79
C ASP D 55 -2.71 53.90 27.10
N ASN D 56 -2.12 53.47 28.21
CA ASN D 56 -2.55 53.90 29.54
C ASN D 56 -1.89 55.24 29.85
N ASP D 57 -2.38 56.27 29.18
CA ASP D 57 -1.82 57.61 29.32
C ASP D 57 -2.63 58.43 30.32
N VAL D 58 -2.71 57.88 31.53
CA VAL D 58 -3.54 58.45 32.59
C VAL D 58 -3.03 59.82 33.02
N GLN D 59 -1.72 60.06 32.93
CA GLN D 59 -1.22 61.40 33.16
C GLN D 59 -1.60 62.32 32.01
N ALA D 60 -1.54 61.80 30.79
CA ALA D 60 -1.96 62.59 29.64
C ALA D 60 -3.47 62.76 29.63
N LEU D 61 -4.21 61.70 29.98
CA LEU D 61 -5.66 61.81 30.11
C LEU D 61 -6.08 62.70 31.27
N ASN D 62 -5.20 62.91 32.25
CA ASN D 62 -5.57 63.76 33.37
C ASN D 62 -5.70 65.21 32.93
N LYS D 63 -4.80 65.67 32.07
CA LYS D 63 -4.85 67.04 31.59
C LYS D 63 -5.60 67.18 30.29
N LEU D 64 -6.00 66.07 29.67
CA LEU D 64 -6.62 66.13 28.35
C LEU D 64 -8.02 66.69 28.42
N LEU D 65 -8.67 66.56 29.57
CA LEU D 65 -10.01 67.08 29.75
C LEU D 65 -10.13 68.01 30.95
N LYS D 66 -9.05 68.19 31.72
CA LYS D 66 -9.07 69.13 32.83
C LYS D 66 -8.55 70.51 32.44
N TYR D 67 -7.52 70.55 31.58
CA TYR D 67 -6.98 71.83 31.13
C TYR D 67 -7.97 72.60 30.26
N GLU D 68 -8.85 71.88 29.56
CA GLU D 68 -9.89 72.52 28.77
C GLU D 68 -11.05 71.55 28.63
N ASP D 69 -12.17 72.06 28.14
CA ASP D 69 -13.36 71.24 27.91
C ASP D 69 -13.32 70.75 26.46
N CYS D 70 -12.40 69.83 26.21
CA CYS D 70 -12.36 69.17 24.91
C CYS D 70 -13.54 68.22 24.77
N LYS D 71 -14.03 68.10 23.54
CA LYS D 71 -15.20 67.30 23.25
C LYS D 71 -14.87 65.82 23.30
N VAL D 72 -15.90 65.00 23.48
CA VAL D 72 -15.74 63.58 23.72
C VAL D 72 -16.21 62.74 22.55
N HIS D 73 -17.29 63.13 21.89
CA HIS D 73 -18.00 62.27 20.94
C HIS D 73 -17.33 62.20 19.57
N GLN D 74 -16.06 62.55 19.45
CA GLN D 74 -15.30 62.39 18.22
C GLN D 74 -15.19 60.91 17.92
N ARG D 75 -15.94 60.46 16.91
CA ARG D 75 -15.95 59.03 16.62
C ARG D 75 -14.72 58.63 15.82
N GLY D 76 -14.55 57.32 15.72
CA GLY D 76 -13.51 56.75 14.87
C GLY D 76 -13.92 56.80 13.41
N ALA D 77 -13.08 56.20 12.57
CA ALA D 77 -13.40 56.10 11.15
C ALA D 77 -14.60 55.19 10.93
N MET D 78 -14.75 54.18 11.78
CA MET D 78 -15.97 53.39 11.82
C MET D 78 -16.70 53.53 13.16
N GLY D 79 -16.72 54.74 13.72
CA GLY D 79 -17.66 55.08 14.77
C GLY D 79 -17.36 54.48 16.13
N GLU D 80 -16.30 54.94 16.78
CA GLU D 80 -15.93 54.45 18.10
C GLU D 80 -16.06 55.54 19.14
N THR D 81 -15.89 55.15 20.39
CA THR D 81 -15.51 56.05 21.46
C THR D 81 -14.17 55.59 21.99
N ALA D 82 -13.57 56.43 22.83
CA ALA D 82 -12.36 56.01 23.52
C ALA D 82 -12.64 54.91 24.52
N LEU D 83 -13.88 54.86 25.02
CA LEU D 83 -14.30 53.76 25.88
C LEU D 83 -14.27 52.44 25.13
N HIS D 84 -14.68 52.45 23.86
CA HIS D 84 -14.56 51.26 23.02
C HIS D 84 -13.11 50.87 22.83
N ILE D 85 -12.25 51.86 22.62
CA ILE D 85 -10.84 51.58 22.38
C ILE D 85 -10.17 51.09 23.65
N ALA D 86 -10.50 51.73 24.78
CA ALA D 86 -9.99 51.27 26.07
C ALA D 86 -10.49 49.88 26.40
N ALA D 87 -11.69 49.55 25.94
CA ALA D 87 -12.16 48.18 26.02
C ALA D 87 -11.39 47.29 25.06
N LEU D 88 -11.13 47.77 23.85
CA LEU D 88 -10.54 46.91 22.85
C LEU D 88 -9.06 46.67 23.15
N TYR D 89 -8.33 47.72 23.47
CA TYR D 89 -6.95 47.55 23.93
C TYR D 89 -6.87 47.51 25.44
N ASP D 90 -7.71 46.66 26.05
CA ASP D 90 -7.73 46.15 27.43
C ASP D 90 -7.25 47.12 28.51
N ASN D 91 -7.70 48.35 28.45
CA ASN D 91 -7.23 49.40 29.35
C ASN D 91 -8.39 49.80 30.24
N LEU D 92 -8.44 49.24 31.44
CA LEU D 92 -9.50 49.62 32.36
C LEU D 92 -9.23 50.99 32.97
N GLU D 93 -7.95 51.34 33.14
CA GLU D 93 -7.57 52.46 33.98
C GLU D 93 -8.00 53.79 33.37
N ALA D 94 -7.76 53.96 32.08
CA ALA D 94 -8.24 55.16 31.40
C ALA D 94 -9.75 55.15 31.29
N ALA D 95 -10.33 53.96 31.11
CA ALA D 95 -11.77 53.83 31.11
C ALA D 95 -12.36 54.19 32.47
N MET D 96 -11.64 53.88 33.55
CA MET D 96 -12.04 54.37 34.87
C MET D 96 -11.96 55.90 34.92
N VAL D 97 -10.94 56.47 34.30
CA VAL D 97 -10.87 57.93 34.21
C VAL D 97 -11.93 58.42 33.24
N LEU D 98 -12.24 57.64 32.20
CA LEU D 98 -13.30 58.02 31.28
C LEU D 98 -14.66 57.95 31.96
N MET D 99 -14.83 57.05 32.93
CA MET D 99 -16.04 57.08 33.74
C MET D 99 -16.10 58.32 34.61
N GLU D 100 -14.95 58.73 35.15
CA GLU D 100 -14.92 59.94 35.97
C GLU D 100 -15.10 61.19 35.13
N ALA D 101 -14.62 61.16 33.89
CA ALA D 101 -14.74 62.33 33.02
C ALA D 101 -16.16 62.48 32.49
N ALA D 102 -16.67 61.45 31.84
CA ALA D 102 -18.01 61.50 31.26
C ALA D 102 -18.61 60.12 31.33
N PRO D 103 -19.45 59.86 32.33
CA PRO D 103 -20.13 58.57 32.44
C PRO D 103 -21.43 58.51 31.64
N GLU D 104 -21.36 58.81 30.35
CA GLU D 104 -22.52 58.75 29.48
C GLU D 104 -22.24 57.98 28.20
N LEU D 105 -21.02 57.49 28.01
CA LEU D 105 -20.63 56.89 26.75
C LEU D 105 -21.13 55.47 26.61
N VAL D 106 -21.56 54.86 27.72
CA VAL D 106 -21.92 53.46 27.73
C VAL D 106 -23.19 53.24 26.93
N PHE D 107 -24.11 54.20 26.98
CA PHE D 107 -25.36 54.10 26.25
C PHE D 107 -25.16 54.15 24.74
N GLU D 108 -24.11 54.79 24.27
CA GLU D 108 -23.90 54.93 22.84
C GLU D 108 -23.25 53.68 22.28
N PRO D 109 -23.87 53.02 21.33
CA PRO D 109 -23.23 51.86 20.70
C PRO D 109 -22.36 52.31 19.54
N MET D 110 -21.75 51.36 18.85
CA MET D 110 -21.13 51.70 17.58
C MET D 110 -22.20 51.74 16.49
N THR D 111 -21.83 52.29 15.33
CA THR D 111 -22.87 52.74 14.41
C THR D 111 -22.69 52.40 12.95
N SER D 112 -21.58 51.82 12.51
CA SER D 112 -21.30 51.81 11.08
C SER D 112 -21.13 50.39 10.54
N GLU D 113 -22.24 49.72 10.28
CA GLU D 113 -22.43 48.76 9.19
C GLU D 113 -21.65 47.45 9.31
N LEU D 114 -20.65 47.41 10.13
CA LEU D 114 -19.94 46.16 10.41
C LEU D 114 -19.99 45.83 11.88
N TYR D 115 -19.51 46.73 12.73
CA TYR D 115 -19.70 46.66 14.16
C TYR D 115 -20.88 47.61 14.39
N GLU D 116 -22.08 47.13 14.13
CA GLU D 116 -23.27 47.96 14.27
C GLU D 116 -23.98 47.59 15.56
N GLY D 117 -24.13 48.56 16.45
CA GLY D 117 -24.82 48.36 17.69
C GLY D 117 -23.99 47.81 18.82
N GLN D 118 -22.75 47.41 18.56
CA GLN D 118 -21.95 46.81 19.62
C GLN D 118 -21.49 47.89 20.59
N THR D 119 -21.73 47.67 21.88
CA THR D 119 -21.27 48.58 22.90
C THR D 119 -20.18 47.94 23.75
N ALA D 120 -19.61 48.75 24.64
CA ALA D 120 -18.42 48.39 25.39
C ALA D 120 -18.64 47.25 26.37
N LEU D 121 -19.90 46.94 26.68
CA LEU D 121 -20.16 45.77 27.50
C LEU D 121 -19.79 44.49 26.77
N HIS D 122 -19.91 44.47 25.45
CA HIS D 122 -19.58 43.28 24.68
C HIS D 122 -18.10 42.97 24.72
N ILE D 123 -17.27 43.99 24.58
CA ILE D 123 -15.86 43.77 24.29
C ILE D 123 -15.13 43.27 25.52
N ALA D 124 -15.47 43.79 26.69
CA ALA D 124 -14.90 43.29 27.94
C ALA D 124 -15.32 41.85 28.18
N VAL D 125 -16.49 41.46 27.69
CA VAL D 125 -16.90 40.06 27.73
C VAL D 125 -16.04 39.23 26.78
N VAL D 126 -15.77 39.76 25.59
CA VAL D 126 -14.89 39.07 24.65
C VAL D 126 -13.48 38.97 25.20
N ASN D 127 -13.08 39.95 26.01
CA ASN D 127 -11.79 39.89 26.65
C ASN D 127 -11.83 39.06 27.94
N GLN D 128 -12.95 38.40 28.21
CA GLN D 128 -13.14 37.30 29.15
C GLN D 128 -13.07 37.69 30.63
N ASN D 129 -12.60 38.90 30.90
CA ASN D 129 -12.80 39.70 32.11
C ASN D 129 -12.05 40.99 31.83
N MET D 130 -12.49 42.07 32.46
CA MET D 130 -11.66 43.24 32.63
C MET D 130 -11.77 43.81 34.02
N ASN D 131 -12.48 43.12 34.93
CA ASN D 131 -12.96 43.67 36.20
C ASN D 131 -13.73 44.96 35.94
N LEU D 132 -14.48 44.96 34.86
CA LEU D 132 -15.14 46.14 34.32
C LEU D 132 -16.62 45.91 34.10
N VAL D 133 -17.04 44.66 33.92
CA VAL D 133 -18.42 44.31 34.11
C VAL D 133 -18.83 44.55 35.56
N ARG D 134 -17.89 44.48 36.50
CA ARG D 134 -18.14 45.00 37.85
C ARG D 134 -18.36 46.51 37.82
N ALA D 135 -17.74 47.21 36.87
CA ALA D 135 -17.84 48.66 36.79
C ALA D 135 -18.91 49.14 35.82
N LEU D 136 -19.06 48.49 34.67
CA LEU D 136 -20.05 48.92 33.69
C LEU D 136 -21.47 48.70 34.18
N LEU D 137 -21.70 47.55 34.82
CA LEU D 137 -23.01 47.27 35.38
C LEU D 137 -23.30 48.17 36.56
N ALA D 138 -22.26 48.56 37.31
CA ALA D 138 -22.41 49.57 38.35
C ALA D 138 -22.77 50.91 37.75
N ARG D 139 -22.30 51.19 36.54
CA ARG D 139 -22.74 52.37 35.79
C ARG D 139 -23.95 52.07 34.91
N ARG D 140 -24.73 51.05 35.26
CA ARG D 140 -25.96 50.65 34.58
C ARG D 140 -25.71 50.29 33.12
N ALA D 141 -24.94 49.21 32.93
CA ALA D 141 -24.68 48.72 31.57
C ALA D 141 -25.95 48.16 30.96
N SER D 142 -26.30 48.66 29.77
CA SER D 142 -27.45 48.14 29.06
C SER D 142 -27.12 46.76 28.50
N VAL D 143 -27.90 45.76 28.90
CA VAL D 143 -27.57 44.39 28.57
C VAL D 143 -28.16 43.97 27.24
N SER D 144 -29.43 44.26 27.01
CA SER D 144 -30.18 43.66 25.92
C SER D 144 -29.90 44.27 24.56
N ALA D 145 -28.82 45.01 24.39
CA ALA D 145 -28.47 45.56 23.10
C ALA D 145 -28.10 44.46 22.12
N ARG D 146 -28.40 44.69 20.85
CA ARG D 146 -28.27 43.68 19.81
C ARG D 146 -27.24 44.15 18.80
N ALA D 147 -26.02 43.63 18.91
CA ALA D 147 -24.93 43.96 17.98
C ALA D 147 -25.16 43.21 16.67
N THR D 148 -26.09 43.71 15.87
CA THR D 148 -26.55 43.02 14.68
C THR D 148 -25.79 43.40 13.42
N GLY D 149 -24.58 43.92 13.57
CA GLY D 149 -23.77 44.22 12.40
C GLY D 149 -23.34 42.98 11.66
N THR D 150 -22.98 43.15 10.38
CA THR D 150 -22.67 42.01 9.55
C THR D 150 -21.26 41.45 9.79
N ALA D 151 -20.55 41.96 10.77
CA ALA D 151 -19.35 41.29 11.27
C ALA D 151 -19.66 40.23 12.30
N PHE D 152 -20.91 39.78 12.38
CA PHE D 152 -21.32 38.76 13.31
C PHE D 152 -22.25 37.73 12.72
N ARG D 153 -22.75 37.95 11.51
CA ARG D 153 -23.68 37.00 10.93
C ARG D 153 -22.92 35.74 10.51
N ARG D 154 -23.59 34.61 10.64
CA ARG D 154 -22.97 33.31 10.38
C ARG D 154 -22.68 33.16 8.90
N SER D 155 -21.42 33.27 8.56
CA SER D 155 -20.98 33.25 7.18
C SER D 155 -19.49 32.93 7.18
N PRO D 156 -18.96 32.29 6.14
CA PRO D 156 -17.50 32.13 6.04
C PRO D 156 -16.75 33.43 5.79
N CYS D 157 -17.45 34.52 5.46
CA CYS D 157 -16.79 35.81 5.37
C CYS D 157 -16.31 36.28 6.73
N ASN D 158 -17.09 36.05 7.77
CA ASN D 158 -16.58 36.17 9.12
C ASN D 158 -15.81 34.92 9.47
N LEU D 159 -14.80 35.07 10.32
CA LEU D 159 -14.05 33.94 10.81
C LEU D 159 -14.65 33.32 12.04
N ILE D 160 -15.76 33.86 12.53
CA ILE D 160 -16.27 33.57 13.85
C ILE D 160 -17.78 33.45 13.78
N TYR D 161 -18.37 33.08 14.92
CA TYR D 161 -19.80 33.25 15.15
C TYR D 161 -20.01 33.25 16.65
N PHE D 162 -20.79 34.20 17.15
CA PHE D 162 -20.94 34.32 18.59
C PHE D 162 -22.34 34.70 19.04
N GLY D 163 -23.30 34.80 18.16
CA GLY D 163 -24.59 35.30 18.58
C GLY D 163 -24.57 36.81 18.69
N GLU D 164 -25.62 37.35 19.31
CA GLU D 164 -25.90 38.78 19.22
C GLU D 164 -26.15 39.43 20.58
N HIS D 165 -25.79 38.76 21.67
CA HIS D 165 -26.15 39.25 22.99
C HIS D 165 -24.98 38.98 23.92
N PRO D 166 -24.81 39.78 24.98
CA PRO D 166 -23.66 39.57 25.86
C PRO D 166 -23.71 38.26 26.60
N LEU D 167 -24.90 37.76 26.89
CA LEU D 167 -25.02 36.43 27.45
C LEU D 167 -24.60 35.37 26.46
N SER D 168 -24.82 35.62 25.17
CA SER D 168 -24.38 34.69 24.16
C SER D 168 -22.87 34.68 24.02
N PHE D 169 -22.22 35.83 24.26
CA PHE D 169 -20.77 35.88 24.03
C PHE D 169 -20.03 35.09 25.10
N ALA D 170 -20.32 35.36 26.37
CA ALA D 170 -19.53 34.82 27.47
C ALA D 170 -19.62 33.31 27.57
N ALA D 171 -20.70 32.72 27.06
CA ALA D 171 -20.79 31.28 26.98
C ALA D 171 -19.77 30.72 26.00
N CYS D 172 -19.54 31.42 24.90
CA CYS D 172 -18.65 30.91 23.86
C CYS D 172 -17.20 30.91 24.29
N VAL D 173 -16.84 31.75 25.26
CA VAL D 173 -15.50 31.76 25.82
C VAL D 173 -15.48 31.26 27.25
N ASN D 174 -16.64 30.89 27.80
CA ASN D 174 -16.75 30.04 28.99
C ASN D 174 -16.23 30.70 30.25
N SER D 175 -16.24 32.02 30.31
CA SER D 175 -15.85 32.73 31.53
C SER D 175 -17.01 32.62 32.51
N GLU D 176 -17.02 31.49 33.22
CA GLU D 176 -18.20 31.02 33.93
C GLU D 176 -18.59 31.93 35.08
N GLU D 177 -17.59 32.46 35.81
CA GLU D 177 -17.87 33.35 36.92
C GLU D 177 -18.52 34.65 36.46
N ILE D 178 -18.13 35.12 35.26
CA ILE D 178 -18.69 36.33 34.71
C ILE D 178 -20.15 36.13 34.31
N VAL D 179 -20.47 34.91 33.87
CA VAL D 179 -21.81 34.59 33.38
C VAL D 179 -22.84 34.72 34.49
N ARG D 180 -22.52 34.21 35.68
CA ARG D 180 -23.44 34.30 36.81
C ARG D 180 -23.69 35.75 37.23
N LEU D 181 -22.62 36.54 37.27
CA LEU D 181 -22.77 37.97 37.54
C LEU D 181 -23.49 38.67 36.40
N LEU D 182 -23.35 38.15 35.18
CA LEU D 182 -24.12 38.70 34.08
C LEU D 182 -25.59 38.33 34.19
N ILE D 183 -25.87 37.11 34.66
CA ILE D 183 -27.25 36.71 34.88
C ILE D 183 -27.86 37.49 36.03
N GLU D 184 -27.07 37.72 37.08
CA GLU D 184 -27.55 38.26 38.34
C GLU D 184 -28.15 39.65 38.19
N HIS D 185 -27.62 40.44 37.27
CA HIS D 185 -28.19 41.73 36.97
C HIS D 185 -29.17 41.68 35.81
N GLY D 186 -29.83 40.55 35.60
CA GLY D 186 -31.00 40.50 34.76
C GLY D 186 -30.75 40.13 33.31
N ALA D 187 -29.89 39.15 33.07
CA ALA D 187 -29.76 38.63 31.72
C ALA D 187 -30.98 37.79 31.37
N ASP D 188 -31.31 37.74 30.10
CA ASP D 188 -32.42 36.93 29.61
C ASP D 188 -31.90 35.76 28.81
N ILE D 189 -32.34 34.56 29.17
CA ILE D 189 -31.90 33.36 28.46
C ILE D 189 -32.56 33.28 27.10
N ARG D 190 -33.80 33.72 27.00
CA ARG D 190 -34.66 33.43 25.86
C ARG D 190 -34.48 34.40 24.70
N ALA D 191 -33.34 35.08 24.61
CA ALA D 191 -33.11 36.01 23.52
C ALA D 191 -32.91 35.24 22.22
N GLN D 192 -33.36 35.83 21.12
CA GLN D 192 -33.24 35.23 19.81
C GLN D 192 -32.76 36.28 18.81
N ASP D 193 -32.23 35.81 17.69
CA ASP D 193 -31.68 36.68 16.67
C ASP D 193 -32.61 36.80 15.48
N SER D 194 -32.08 37.40 14.42
CA SER D 194 -32.74 37.39 13.12
C SER D 194 -32.88 35.97 12.58
N LEU D 195 -31.94 35.09 12.91
CA LEU D 195 -32.07 33.70 12.51
C LEU D 195 -32.97 32.90 13.43
N GLY D 196 -33.48 33.51 14.49
CA GLY D 196 -34.33 32.83 15.44
C GLY D 196 -33.61 31.99 16.46
N ASN D 197 -32.30 31.85 16.35
CA ASN D 197 -31.54 30.99 17.25
C ASN D 197 -31.41 31.62 18.63
N THR D 198 -31.49 30.80 19.66
CA THR D 198 -31.18 31.25 21.00
C THR D 198 -29.82 30.74 21.41
N VAL D 199 -29.46 31.04 22.66
CA VAL D 199 -28.13 30.76 23.18
C VAL D 199 -27.82 29.27 23.21
N LEU D 200 -28.85 28.44 23.31
CA LEU D 200 -28.60 27.01 23.28
C LEU D 200 -28.30 26.52 21.88
N HIS D 201 -28.72 27.25 20.85
CA HIS D 201 -28.26 26.90 19.52
C HIS D 201 -26.81 27.27 19.33
N ILE D 202 -26.32 28.25 20.09
CA ILE D 202 -25.01 28.80 19.83
C ILE D 202 -23.93 27.85 20.30
N LEU D 203 -24.14 27.24 21.47
CA LEU D 203 -23.16 26.34 22.05
C LEU D 203 -22.94 25.10 21.19
N ILE D 204 -23.93 24.74 20.37
CA ILE D 204 -23.73 23.70 19.38
C ILE D 204 -22.69 24.13 18.36
N LEU D 205 -22.69 25.39 17.99
CA LEU D 205 -21.92 25.82 16.83
C LEU D 205 -20.47 26.14 17.13
N GLN D 206 -20.07 26.14 18.39
CA GLN D 206 -18.68 26.44 18.68
C GLN D 206 -17.79 25.25 18.33
N PRO D 207 -16.56 25.50 17.89
CA PRO D 207 -15.68 24.39 17.47
C PRO D 207 -14.84 23.78 18.58
N ASN D 208 -14.90 24.32 19.80
CA ASN D 208 -14.23 23.72 20.95
C ASN D 208 -15.27 22.89 21.67
N LYS D 209 -15.33 21.60 21.33
CA LYS D 209 -16.53 20.80 21.56
C LYS D 209 -16.74 20.50 23.03
N THR D 210 -15.83 19.74 23.63
CA THR D 210 -16.06 19.27 24.99
C THR D 210 -15.82 20.35 26.02
N PHE D 211 -15.11 21.41 25.66
CA PHE D 211 -14.90 22.49 26.61
C PHE D 211 -16.15 23.33 26.78
N ALA D 212 -17.06 23.29 25.81
CA ALA D 212 -18.31 24.00 25.90
C ALA D 212 -19.46 23.12 26.36
N CYS D 213 -19.21 21.84 26.60
CA CYS D 213 -20.30 20.94 26.93
C CYS D 213 -20.83 21.18 28.33
N GLN D 214 -19.92 21.43 29.28
CA GLN D 214 -20.35 21.74 30.64
C GLN D 214 -20.99 23.10 30.74
N MET D 215 -20.75 23.97 29.77
CA MET D 215 -21.46 25.24 29.72
C MET D 215 -22.94 25.03 29.47
N TYR D 216 -23.27 24.06 28.61
CA TYR D 216 -24.65 23.75 28.29
C TYR D 216 -25.40 23.23 29.50
N ASN D 217 -24.70 22.53 30.39
CA ASN D 217 -25.34 22.06 31.60
C ASN D 217 -25.62 23.20 32.56
N LEU D 218 -24.82 24.27 32.50
CA LEU D 218 -24.98 25.36 33.45
C LEU D 218 -26.22 26.18 33.17
N LEU D 219 -26.50 26.43 31.90
CA LEU D 219 -27.62 27.31 31.56
C LEU D 219 -28.97 26.63 31.83
N LEU D 220 -29.03 25.31 31.70
CA LEU D 220 -30.26 24.61 32.03
C LEU D 220 -30.52 24.61 33.52
N SER D 221 -29.47 24.72 34.33
CA SER D 221 -29.67 24.90 35.76
C SER D 221 -30.31 26.25 36.08
N TYR D 222 -30.08 27.26 35.25
CA TYR D 222 -30.73 28.55 35.43
C TYR D 222 -32.04 28.65 34.66
N ASP D 223 -32.60 27.53 34.24
CA ASP D 223 -33.97 27.50 33.73
C ASP D 223 -34.86 27.38 34.97
N ARG D 224 -35.42 28.51 35.41
CA ARG D 224 -36.27 28.51 36.58
C ARG D 224 -37.61 27.84 36.28
N HIS D 225 -38.29 28.30 35.23
CA HIS D 225 -39.56 27.73 34.85
C HIS D 225 -39.69 27.77 33.33
N GLY D 226 -40.65 27.01 32.81
CA GLY D 226 -41.18 27.31 31.50
C GLY D 226 -41.87 28.67 31.53
N ASP D 227 -41.71 29.41 30.43
CA ASP D 227 -42.28 30.75 30.34
C ASP D 227 -43.79 30.68 30.38
N HIS D 228 -44.38 30.09 29.38
CA HIS D 228 -45.77 29.64 29.45
C HIS D 228 -45.95 28.23 28.94
N LEU D 229 -45.25 27.86 27.87
CA LEU D 229 -45.48 26.57 27.23
C LEU D 229 -44.27 25.67 27.28
N GLN D 230 -43.14 26.10 26.77
CA GLN D 230 -42.07 25.14 26.67
C GLN D 230 -40.97 25.45 27.68
N PRO D 231 -40.27 24.44 28.18
CA PRO D 231 -39.22 24.66 29.19
C PRO D 231 -37.85 24.95 28.57
N LEU D 232 -37.80 25.95 27.68
CA LEU D 232 -36.58 26.64 27.24
C LEU D 232 -35.63 25.79 26.40
N ASP D 233 -35.94 24.51 26.23
CA ASP D 233 -35.17 23.62 25.38
C ASP D 233 -35.95 23.21 24.15
N LEU D 234 -37.25 23.41 24.16
CA LEU D 234 -38.10 22.93 23.10
C LEU D 234 -38.33 23.98 22.02
N VAL D 235 -37.57 25.06 22.05
CA VAL D 235 -37.86 26.19 21.16
C VAL D 235 -37.10 26.01 19.85
N PRO D 236 -37.76 26.17 18.71
CA PRO D 236 -37.06 26.09 17.44
C PRO D 236 -36.49 27.43 17.03
N ASN D 237 -35.85 27.49 15.87
CA ASN D 237 -35.37 28.75 15.31
C ASN D 237 -36.32 29.23 14.22
N HIS D 238 -35.90 30.25 13.47
CA HIS D 238 -36.65 30.65 12.28
C HIS D 238 -36.57 29.61 11.18
N GLN D 239 -35.57 28.72 11.22
CA GLN D 239 -35.59 27.56 10.34
C GLN D 239 -36.49 26.47 10.89
N GLY D 240 -36.75 26.48 12.20
CA GLY D 240 -37.72 25.59 12.79
C GLY D 240 -37.10 24.32 13.35
N LEU D 241 -36.02 24.46 14.10
CA LEU D 241 -35.27 23.31 14.59
C LEU D 241 -34.95 23.47 16.07
N THR D 242 -35.30 22.45 16.84
CA THR D 242 -34.87 22.38 18.23
C THR D 242 -33.36 22.18 18.29
N PRO D 243 -32.71 22.59 19.39
CA PRO D 243 -31.25 22.45 19.46
C PRO D 243 -30.75 21.02 19.47
N PHE D 244 -31.58 20.05 19.79
CA PHE D 244 -31.19 18.67 19.61
C PHE D 244 -31.01 18.36 18.13
N LYS D 245 -31.98 18.76 17.31
CA LYS D 245 -31.91 18.44 15.90
C LYS D 245 -30.83 19.23 15.20
N LEU D 246 -30.50 20.42 15.71
CA LEU D 246 -29.42 21.20 15.13
C LEU D 246 -28.08 20.53 15.36
N ALA D 247 -27.92 19.85 16.49
CA ALA D 247 -26.72 19.06 16.74
C ALA D 247 -26.61 17.92 15.75
N GLY D 248 -27.74 17.38 15.33
CA GLY D 248 -27.71 16.42 14.25
C GLY D 248 -27.39 17.02 12.91
N VAL D 249 -27.64 18.30 12.74
CA VAL D 249 -27.33 18.93 11.46
C VAL D 249 -25.83 19.15 11.33
N GLU D 250 -25.22 19.73 12.36
CA GLU D 250 -23.78 20.01 12.28
C GLU D 250 -22.94 18.81 12.67
N GLY D 251 -23.52 17.81 13.31
CA GLY D 251 -22.77 16.61 13.60
C GLY D 251 -21.81 16.73 14.75
N ASN D 252 -22.15 17.49 15.79
CA ASN D 252 -21.33 17.49 16.99
C ASN D 252 -21.48 16.16 17.71
N THR D 253 -20.57 15.23 17.41
CA THR D 253 -20.69 13.86 17.86
C THR D 253 -20.61 13.76 19.38
N VAL D 254 -19.74 14.57 19.99
CA VAL D 254 -19.62 14.53 21.43
C VAL D 254 -20.83 15.19 22.08
N MET D 255 -21.29 16.30 21.51
CA MET D 255 -22.40 17.01 22.10
C MET D 255 -23.70 16.24 21.95
N PHE D 256 -23.82 15.48 20.86
CA PHE D 256 -25.01 14.66 20.63
C PHE D 256 -25.16 13.60 21.70
N GLN D 257 -24.05 13.02 22.14
CA GLN D 257 -24.09 12.01 23.17
C GLN D 257 -24.44 12.62 24.51
N HIS D 258 -24.09 13.88 24.74
CA HIS D 258 -24.51 14.50 25.99
C HIS D 258 -25.98 14.86 25.99
N LEU D 259 -26.53 15.26 24.85
CA LEU D 259 -27.95 15.58 24.86
C LEU D 259 -28.85 14.36 24.75
N MET D 260 -28.29 13.17 24.63
CA MET D 260 -29.11 11.97 24.62
C MET D 260 -29.50 11.54 26.02
N GLN D 261 -28.72 11.95 27.03
CA GLN D 261 -28.79 11.38 28.37
C GLN D 261 -30.10 11.68 29.08
N LYS D 262 -30.88 12.68 28.65
CA LYS D 262 -32.19 12.87 29.21
C LYS D 262 -33.28 12.26 28.36
N ARG D 263 -32.94 11.73 27.19
CA ARG D 263 -33.93 11.06 26.35
C ARG D 263 -34.10 9.60 26.73
N LYS D 264 -33.00 8.92 27.05
CA LYS D 264 -33.04 7.50 27.32
C LYS D 264 -33.63 7.24 28.71
N HIS D 265 -33.87 5.97 28.98
CA HIS D 265 -34.51 5.58 30.23
C HIS D 265 -34.09 4.14 30.52
N THR D 266 -33.16 3.99 31.47
CA THR D 266 -32.69 2.65 31.82
C THR D 266 -33.78 1.89 32.57
N GLN D 267 -33.79 0.57 32.39
CA GLN D 267 -34.94 -0.21 32.82
C GLN D 267 -34.60 -1.24 33.87
N TRP D 268 -33.65 -2.12 33.61
CA TRP D 268 -33.20 -3.09 34.61
C TRP D 268 -31.82 -3.62 34.23
N THR D 269 -31.00 -3.82 35.25
CA THR D 269 -29.63 -4.30 35.09
C THR D 269 -29.49 -5.65 35.75
N TYR D 270 -28.78 -6.57 35.08
CA TYR D 270 -28.68 -7.96 35.51
C TYR D 270 -27.21 -8.37 35.40
N GLY D 271 -26.43 -8.09 36.44
CA GLY D 271 -25.02 -8.33 36.43
C GLY D 271 -24.34 -7.49 35.36
N PRO D 272 -23.83 -8.14 34.32
CA PRO D 272 -23.32 -7.41 33.15
C PRO D 272 -24.40 -7.02 32.13
N LEU D 273 -25.65 -7.41 32.35
CA LEU D 273 -26.69 -7.07 31.41
C LEU D 273 -27.19 -5.67 31.66
N THR D 274 -27.48 -4.96 30.57
CA THR D 274 -28.03 -3.61 30.65
C THR D 274 -29.19 -3.52 29.69
N SER D 275 -30.34 -3.13 30.21
CA SER D 275 -31.57 -3.03 29.43
C SER D 275 -32.05 -1.58 29.53
N THR D 276 -31.95 -0.84 28.44
CA THR D 276 -32.34 0.56 28.44
C THR D 276 -33.37 0.81 27.34
N LEU D 277 -34.15 1.86 27.55
CA LEU D 277 -35.25 2.23 26.67
C LEU D 277 -34.94 3.59 26.08
N TYR D 278 -34.57 3.63 24.80
CA TYR D 278 -34.37 4.94 24.20
C TYR D 278 -35.69 5.59 23.89
N ASP D 279 -35.62 6.90 23.62
CA ASP D 279 -36.83 7.71 23.57
C ASP D 279 -37.63 7.47 22.30
N LEU D 280 -37.07 7.82 21.13
CA LEU D 280 -37.71 7.70 19.83
C LEU D 280 -39.03 8.49 19.78
N THR D 281 -38.89 9.81 19.82
CA THR D 281 -39.98 10.62 19.30
C THR D 281 -39.49 11.77 18.45
N GLU D 282 -38.21 12.09 18.48
CA GLU D 282 -37.65 13.18 17.70
C GLU D 282 -36.95 12.70 16.45
N ILE D 283 -36.88 11.39 16.24
CA ILE D 283 -35.94 10.82 15.30
C ILE D 283 -36.64 9.89 14.31
N ASP D 284 -37.91 10.13 14.04
CA ASP D 284 -38.62 9.34 13.03
C ASP D 284 -39.76 10.17 12.45
N SER D 285 -40.10 9.87 11.20
CA SER D 285 -41.08 10.64 10.44
C SER D 285 -42.47 10.58 11.05
N SER D 286 -42.91 11.71 11.61
CA SER D 286 -44.20 11.82 12.29
C SER D 286 -45.18 12.71 11.54
N GLY D 287 -45.28 12.59 10.22
CA GLY D 287 -45.99 13.62 9.49
C GLY D 287 -45.03 14.58 8.83
N ASP D 288 -44.74 15.68 9.54
CA ASP D 288 -43.88 16.79 9.11
C ASP D 288 -42.53 16.38 8.51
N GLU D 289 -42.02 17.23 7.63
CA GLU D 289 -40.84 16.93 6.82
C GLU D 289 -39.53 17.08 7.58
N GLN D 290 -39.56 17.35 8.87
CA GLN D 290 -38.36 17.70 9.60
C GLN D 290 -38.16 16.78 10.80
N SER D 291 -38.24 15.46 10.58
CA SER D 291 -38.17 14.56 11.71
C SER D 291 -36.79 14.54 12.38
N LEU D 292 -35.86 13.74 11.86
CA LEU D 292 -34.43 14.00 12.01
C LEU D 292 -33.68 13.43 10.83
N LEU D 293 -34.23 12.37 10.25
CA LEU D 293 -33.46 11.55 9.33
C LEU D 293 -33.48 12.10 7.93
N GLU D 294 -34.50 12.88 7.57
CA GLU D 294 -34.47 13.59 6.29
C GLU D 294 -33.36 14.61 6.27
N LEU D 295 -33.04 15.16 7.45
CA LEU D 295 -32.08 16.24 7.54
C LEU D 295 -30.66 15.73 7.32
N ILE D 296 -30.39 14.49 7.72
CA ILE D 296 -29.05 13.95 7.57
C ILE D 296 -28.76 13.65 6.12
N ILE D 297 -29.76 13.22 5.37
CA ILE D 297 -29.53 12.94 3.97
C ILE D 297 -29.49 14.24 3.17
N THR D 298 -30.37 15.19 3.49
CA THR D 298 -30.45 16.40 2.69
C THR D 298 -29.32 17.39 2.97
N THR D 299 -28.55 17.21 4.04
CA THR D 299 -27.42 18.09 4.24
C THR D 299 -26.24 17.62 3.40
N LYS D 300 -25.19 18.43 3.37
CA LYS D 300 -24.02 18.15 2.56
C LYS D 300 -22.76 17.91 3.36
N LYS D 301 -22.75 18.23 4.65
CA LYS D 301 -21.54 18.15 5.44
C LYS D 301 -21.15 16.71 5.68
N ARG D 302 -19.92 16.36 5.30
CA ARG D 302 -19.42 15.01 5.48
C ARG D 302 -19.21 14.67 6.95
N GLU D 303 -19.01 15.68 7.81
CA GLU D 303 -18.78 15.40 9.22
C GLU D 303 -20.03 14.88 9.90
N ALA D 304 -21.20 15.34 9.49
CA ALA D 304 -22.43 15.00 10.19
C ALA D 304 -22.95 13.61 9.85
N ARG D 305 -22.51 13.02 8.73
CA ARG D 305 -22.95 11.67 8.39
C ARG D 305 -22.40 10.62 9.32
N GLN D 306 -21.41 10.95 10.13
CA GLN D 306 -20.94 10.07 11.19
C GLN D 306 -21.82 10.09 12.42
N ILE D 307 -23.02 10.68 12.35
CA ILE D 307 -23.98 10.52 13.44
C ILE D 307 -24.62 9.13 13.40
N LEU D 308 -24.48 8.41 12.29
CA LEU D 308 -25.13 7.13 12.08
C LEU D 308 -24.45 5.99 12.80
N ASP D 309 -23.54 6.25 13.72
CA ASP D 309 -22.92 5.19 14.50
C ASP D 309 -23.11 5.38 16.00
N GLN D 310 -23.89 6.36 16.42
CA GLN D 310 -24.29 6.40 17.81
C GLN D 310 -25.36 5.36 18.08
N THR D 311 -25.65 5.14 19.36
CA THR D 311 -26.43 3.97 19.75
C THR D 311 -27.89 3.96 19.28
N PRO D 312 -28.74 4.96 19.55
CA PRO D 312 -30.17 4.71 19.32
C PRO D 312 -30.59 4.79 17.85
N VAL D 313 -29.71 5.26 16.98
CA VAL D 313 -30.06 5.48 15.58
C VAL D 313 -29.63 4.31 14.70
N LYS D 314 -28.40 3.85 14.88
CA LYS D 314 -27.85 2.76 14.08
C LYS D 314 -28.63 1.46 14.27
N GLU D 315 -29.07 1.20 15.50
CA GLU D 315 -29.91 0.04 15.73
C GLU D 315 -31.28 0.22 15.10
N LEU D 316 -31.81 1.45 15.14
CA LEU D 316 -33.12 1.73 14.58
C LEU D 316 -33.13 1.54 13.07
N VAL D 317 -32.14 2.10 12.38
CA VAL D 317 -32.14 2.04 10.94
C VAL D 317 -31.83 0.63 10.46
N SER D 318 -31.05 -0.12 11.22
CA SER D 318 -30.77 -1.50 10.83
C SER D 318 -31.99 -2.37 11.07
N LEU D 319 -32.76 -2.07 12.11
CA LEU D 319 -34.00 -2.80 12.34
C LEU D 319 -35.00 -2.51 11.24
N LYS D 320 -35.15 -1.24 10.88
CA LYS D 320 -36.16 -0.87 9.90
C LYS D 320 -35.77 -1.30 8.50
N TRP D 321 -34.49 -1.45 8.22
CA TRP D 321 -34.11 -1.95 6.91
C TRP D 321 -34.28 -3.46 6.83
N LYS D 322 -33.98 -4.17 7.91
CA LYS D 322 -34.06 -5.62 7.87
C LYS D 322 -35.51 -6.08 7.89
N ARG D 323 -36.21 -5.78 8.98
CA ARG D 323 -37.64 -6.06 9.02
C ARG D 323 -38.36 -5.04 8.16
N TYR D 324 -39.06 -5.52 7.15
CA TYR D 324 -40.00 -4.82 6.28
C TYR D 324 -39.35 -3.89 5.27
N GLY D 325 -38.06 -3.60 5.41
CA GLY D 325 -37.46 -2.59 4.57
C GLY D 325 -36.86 -3.15 3.29
N ARG D 326 -35.94 -4.10 3.48
CA ARG D 326 -35.32 -4.79 2.35
C ARG D 326 -36.28 -5.49 1.40
N PRO D 327 -37.27 -6.30 1.83
CA PRO D 327 -38.04 -7.03 0.82
C PRO D 327 -39.00 -6.16 0.04
N TYR D 328 -39.45 -5.04 0.60
CA TYR D 328 -40.23 -4.11 -0.21
C TYR D 328 -39.39 -3.45 -1.28
N PHE D 329 -38.09 -3.29 -1.04
CA PHE D 329 -37.23 -2.71 -2.05
C PHE D 329 -36.95 -3.69 -3.17
N CYS D 330 -36.73 -4.95 -2.84
CA CYS D 330 -36.41 -5.93 -3.86
C CYS D 330 -37.64 -6.28 -4.70
N MET D 331 -38.79 -6.41 -4.05
CA MET D 331 -40.02 -6.64 -4.79
C MET D 331 -40.44 -5.42 -5.58
N LEU D 332 -40.00 -4.23 -5.19
CA LEU D 332 -40.07 -3.10 -6.09
C LEU D 332 -39.14 -3.32 -7.27
N GLY D 333 -37.95 -3.85 -7.02
CA GLY D 333 -36.98 -4.03 -8.08
C GLY D 333 -37.36 -5.13 -9.05
N ALA D 334 -38.08 -6.14 -8.58
CA ALA D 334 -38.48 -7.23 -9.45
C ALA D 334 -39.52 -6.78 -10.46
N ILE D 335 -40.34 -5.79 -10.12
CA ILE D 335 -41.28 -5.24 -11.08
C ILE D 335 -40.54 -4.53 -12.19
N TYR D 336 -39.53 -3.75 -11.84
CA TYR D 336 -38.79 -2.97 -12.82
C TYR D 336 -37.97 -3.84 -13.75
N LEU D 337 -37.50 -4.99 -13.24
CA LEU D 337 -36.75 -5.88 -14.11
C LEU D 337 -37.64 -6.49 -15.18
N LEU D 338 -38.86 -6.86 -14.81
CA LEU D 338 -39.82 -7.30 -15.81
C LEU D 338 -40.32 -6.16 -16.67
N TYR D 339 -40.20 -4.92 -16.21
CA TYR D 339 -40.59 -3.78 -17.04
C TYR D 339 -39.63 -3.64 -18.22
N ILE D 340 -38.34 -3.79 -17.98
CA ILE D 340 -37.36 -3.58 -19.03
C ILE D 340 -37.39 -4.75 -20.00
N ILE D 341 -37.58 -5.96 -19.48
CA ILE D 341 -37.76 -7.15 -20.33
C ILE D 341 -38.98 -6.98 -21.22
N CYS D 342 -40.07 -6.47 -20.65
CA CYS D 342 -41.24 -6.18 -21.47
C CYS D 342 -41.02 -4.96 -22.34
N PHE D 343 -40.00 -4.16 -22.05
CA PHE D 343 -39.64 -3.09 -22.96
C PHE D 343 -38.74 -3.59 -24.08
N THR D 344 -37.72 -4.37 -23.73
CA THR D 344 -36.72 -4.70 -24.73
C THR D 344 -37.21 -5.76 -25.70
N MET D 345 -38.16 -6.61 -25.27
CA MET D 345 -38.77 -7.51 -26.22
C MET D 345 -39.69 -6.75 -27.15
N CYS D 346 -40.38 -5.74 -26.63
CA CYS D 346 -41.13 -4.82 -27.47
C CYS D 346 -40.19 -3.93 -28.27
N CYS D 347 -38.95 -3.79 -27.83
CA CYS D 347 -37.99 -3.06 -28.63
C CYS D 347 -37.50 -3.90 -29.81
N ILE D 348 -37.14 -5.16 -29.56
CA ILE D 348 -36.53 -5.96 -30.62
C ILE D 348 -37.53 -6.44 -31.66
N TYR D 349 -38.80 -6.57 -31.31
CA TYR D 349 -39.82 -6.77 -32.32
C TYR D 349 -40.29 -5.41 -32.75
N ARG D 350 -40.35 -5.17 -34.05
CA ARG D 350 -40.58 -3.81 -34.49
C ARG D 350 -41.14 -3.89 -35.89
N PRO D 351 -42.13 -3.08 -36.25
CA PRO D 351 -42.75 -3.27 -37.57
C PRO D 351 -41.88 -2.81 -38.73
N LEU D 352 -40.94 -3.67 -39.09
CA LEU D 352 -40.08 -3.45 -40.24
C LEU D 352 -40.83 -3.83 -41.51
N LYS D 353 -40.16 -3.61 -42.64
CA LYS D 353 -40.66 -4.01 -43.94
C LYS D 353 -39.47 -4.15 -44.86
N PRO D 354 -39.57 -4.93 -45.93
CA PRO D 354 -38.48 -4.95 -46.91
C PRO D 354 -38.36 -3.62 -47.60
N ARG D 355 -37.17 -3.38 -48.15
CA ARG D 355 -36.82 -2.11 -48.76
C ARG D 355 -37.61 -1.96 -50.06
N THR D 356 -38.70 -1.21 -50.01
CA THR D 356 -39.55 -1.01 -51.16
C THR D 356 -39.42 0.41 -51.68
N ASN D 357 -39.60 0.54 -53.01
CA ASN D 357 -39.71 1.80 -53.74
C ASN D 357 -38.47 2.68 -53.68
N ASN D 358 -37.37 2.17 -53.13
CA ASN D 358 -36.16 2.96 -52.92
C ASN D 358 -34.99 2.02 -53.11
N ARG D 359 -34.30 2.14 -54.24
CA ARG D 359 -33.15 1.30 -54.50
C ARG D 359 -31.95 1.82 -53.73
N THR D 360 -30.79 1.19 -53.94
CA THR D 360 -29.53 1.70 -53.43
C THR D 360 -28.87 2.59 -54.47
N SER D 361 -29.66 3.54 -54.96
CA SER D 361 -29.26 4.49 -56.00
C SER D 361 -28.11 5.40 -55.55
N PRO D 362 -28.01 5.85 -54.27
CA PRO D 362 -26.70 6.29 -53.80
C PRO D 362 -25.80 5.10 -53.61
N ARG D 363 -24.84 4.92 -54.52
CA ARG D 363 -24.03 3.72 -54.49
C ARG D 363 -22.93 3.85 -53.45
N ASP D 364 -22.78 2.79 -52.64
CA ASP D 364 -21.81 2.71 -51.54
C ASP D 364 -22.08 3.77 -50.47
N ASN D 365 -23.33 4.22 -50.40
CA ASN D 365 -23.76 5.17 -49.40
C ASN D 365 -24.91 4.63 -48.55
N THR D 366 -25.90 3.98 -49.16
CA THR D 366 -26.98 3.37 -48.41
C THR D 366 -26.79 1.86 -48.47
N LEU D 367 -26.37 1.27 -47.37
CA LEU D 367 -26.41 -0.18 -47.23
C LEU D 367 -27.48 -0.44 -46.18
N LEU D 368 -28.73 -0.45 -46.65
CA LEU D 368 -29.90 -0.55 -45.79
C LEU D 368 -30.93 -1.42 -46.48
N GLN D 369 -31.85 -1.98 -45.68
CA GLN D 369 -32.86 -2.85 -46.26
C GLN D 369 -34.27 -2.67 -45.69
N GLN D 370 -34.53 -1.73 -44.79
CA GLN D 370 -35.82 -1.79 -44.13
C GLN D 370 -36.74 -0.62 -44.43
N LYS D 371 -36.41 0.60 -44.00
CA LYS D 371 -37.28 1.78 -44.11
C LYS D 371 -38.69 1.48 -43.60
N LEU D 372 -38.77 1.31 -42.28
CA LEU D 372 -39.84 0.60 -41.56
C LEU D 372 -41.26 1.11 -41.87
N LEU D 373 -42.23 0.27 -41.50
CA LEU D 373 -43.65 0.45 -41.81
C LEU D 373 -44.23 1.69 -41.12
N GLN D 374 -45.49 1.98 -41.46
CA GLN D 374 -46.16 3.17 -40.97
C GLN D 374 -47.38 2.87 -40.11
N GLU D 375 -48.37 2.17 -40.64
CA GLU D 375 -49.61 1.91 -39.91
C GLU D 375 -50.10 0.50 -40.17
N ALA D 376 -49.20 -0.46 -40.27
CA ALA D 376 -49.58 -1.83 -40.59
C ALA D 376 -49.44 -2.68 -39.33
N TYR D 377 -50.54 -2.80 -38.59
CA TYR D 377 -50.61 -3.70 -37.44
C TYR D 377 -51.56 -4.86 -37.67
N MET D 378 -51.95 -5.12 -38.92
CA MET D 378 -53.00 -6.10 -39.20
C MET D 378 -52.44 -7.52 -39.09
N THR D 379 -52.24 -7.93 -37.84
CA THR D 379 -51.71 -9.24 -37.46
C THR D 379 -52.04 -9.47 -35.99
N PRO D 380 -52.60 -10.64 -35.62
CA PRO D 380 -52.87 -10.89 -34.20
C PRO D 380 -51.62 -11.05 -33.35
N LYS D 381 -50.48 -11.37 -33.96
CA LYS D 381 -49.22 -11.36 -33.23
C LYS D 381 -48.83 -9.95 -32.81
N ASP D 382 -49.26 -8.94 -33.57
CA ASP D 382 -48.97 -7.57 -33.21
C ASP D 382 -49.73 -7.14 -31.96
N ASP D 383 -50.87 -7.79 -31.68
CA ASP D 383 -51.61 -7.49 -30.45
C ASP D 383 -50.80 -7.87 -29.23
N ILE D 384 -49.99 -8.93 -29.33
CA ILE D 384 -49.06 -9.28 -28.28
C ILE D 384 -48.03 -8.17 -28.11
N ARG D 385 -47.57 -7.60 -29.22
CA ARG D 385 -46.70 -6.43 -29.12
C ARG D 385 -47.50 -5.22 -28.65
N LEU D 386 -48.78 -5.16 -29.02
CA LEU D 386 -49.61 -4.03 -28.59
C LEU D 386 -49.85 -4.07 -27.09
N VAL D 387 -49.76 -5.25 -26.48
CA VAL D 387 -49.66 -5.33 -25.03
C VAL D 387 -48.44 -4.57 -24.55
N GLY D 388 -47.26 -4.98 -25.00
CA GLY D 388 -46.02 -4.51 -24.41
C GLY D 388 -45.74 -3.04 -24.65
N GLU D 389 -46.13 -2.54 -25.83
CA GLU D 389 -46.05 -1.11 -26.09
C GLU D 389 -46.97 -0.35 -25.16
N LEU D 390 -48.17 -0.89 -24.90
CA LEU D 390 -49.05 -0.24 -23.94
C LEU D 390 -48.54 -0.43 -22.52
N VAL D 391 -47.82 -1.52 -22.26
CA VAL D 391 -47.27 -1.75 -20.93
C VAL D 391 -46.23 -0.71 -20.59
N THR D 392 -45.28 -0.48 -21.51
CA THR D 392 -44.19 0.42 -21.18
C THR D 392 -44.59 1.88 -21.18
N VAL D 393 -45.66 2.25 -21.89
CA VAL D 393 -45.93 3.66 -22.01
C VAL D 393 -46.69 4.16 -20.79
N ILE D 394 -47.45 3.29 -20.13
CA ILE D 394 -48.21 3.70 -18.96
C ILE D 394 -47.29 3.86 -17.77
N GLY D 395 -46.33 2.95 -17.63
CA GLY D 395 -45.36 3.06 -16.54
C GLY D 395 -44.45 4.25 -16.69
N ALA D 396 -44.25 4.72 -17.92
CA ALA D 396 -43.48 5.94 -18.12
C ALA D 396 -44.19 7.14 -17.51
N ILE D 397 -45.52 7.18 -17.60
CA ILE D 397 -46.29 8.22 -16.94
C ILE D 397 -46.19 8.06 -15.44
N ILE D 398 -46.11 6.82 -14.96
CA ILE D 398 -46.00 6.55 -13.53
C ILE D 398 -44.68 7.08 -12.99
N ILE D 399 -43.60 6.88 -13.75
CA ILE D 399 -42.28 7.35 -13.34
C ILE D 399 -42.25 8.86 -13.29
N LEU D 400 -42.90 9.51 -14.26
CA LEU D 400 -42.96 10.96 -14.28
C LEU D 400 -43.77 11.51 -13.12
N LEU D 401 -44.94 10.94 -12.86
CA LEU D 401 -45.82 11.49 -11.84
C LEU D 401 -45.51 10.96 -10.45
N VAL D 402 -44.34 10.36 -10.25
CA VAL D 402 -43.95 9.95 -8.91
C VAL D 402 -42.68 10.66 -8.44
N GLU D 403 -41.87 11.19 -9.36
CA GLU D 403 -40.60 11.77 -8.97
C GLU D 403 -40.47 13.20 -9.47
N VAL D 404 -41.11 13.50 -10.60
CA VAL D 404 -41.18 14.88 -11.03
C VAL D 404 -42.66 15.27 -11.12
N PRO D 405 -43.29 15.56 -9.98
CA PRO D 405 -44.72 15.89 -10.00
C PRO D 405 -45.01 17.29 -10.48
N ASP D 406 -43.99 18.13 -10.61
CA ASP D 406 -44.16 19.54 -10.90
C ASP D 406 -44.20 19.78 -12.40
N ILE D 407 -45.05 19.03 -13.09
CA ILE D 407 -45.24 19.17 -14.52
C ILE D 407 -46.61 19.76 -14.85
N PHE D 408 -47.56 19.71 -13.92
CA PHE D 408 -48.84 20.39 -14.11
C PHE D 408 -48.68 21.91 -14.08
N ARG D 409 -47.62 22.40 -13.42
CA ARG D 409 -47.27 23.81 -13.50
C ARG D 409 -46.79 24.19 -14.91
N MET D 410 -46.21 23.24 -15.64
CA MET D 410 -45.65 23.42 -16.99
C MET D 410 -44.56 24.49 -17.00
N GLY D 411 -43.51 24.21 -16.23
CA GLY D 411 -42.37 25.10 -16.15
C GLY D 411 -41.11 24.53 -16.78
N VAL D 412 -40.60 25.19 -17.82
CA VAL D 412 -39.41 24.71 -18.49
C VAL D 412 -38.16 25.02 -17.67
N THR D 413 -38.09 26.21 -17.08
CA THR D 413 -36.97 26.59 -16.21
C THR D 413 -37.00 25.88 -14.87
N ARG D 414 -38.09 25.18 -14.54
CA ARG D 414 -38.15 24.31 -13.37
C ARG D 414 -37.18 23.13 -13.50
N PHE D 415 -36.84 22.75 -14.73
CA PHE D 415 -35.95 21.61 -14.96
C PHE D 415 -34.54 21.88 -14.45
N PHE D 416 -34.13 23.14 -14.39
CA PHE D 416 -32.84 23.49 -13.80
C PHE D 416 -32.82 23.23 -12.30
N GLY D 417 -33.96 23.41 -11.65
CA GLY D 417 -34.11 23.05 -10.25
C GLY D 417 -34.41 21.60 -10.00
N GLN D 418 -34.21 20.73 -10.99
CA GLN D 418 -34.44 19.31 -10.87
C GLN D 418 -33.20 18.49 -11.23
N THR D 419 -32.17 19.12 -11.79
CA THR D 419 -30.95 18.42 -12.18
C THR D 419 -30.04 18.18 -10.99
N ILE D 420 -29.54 19.25 -10.37
CA ILE D 420 -28.66 19.07 -9.23
C ILE D 420 -29.48 18.74 -7.98
N LEU D 421 -30.72 19.20 -7.91
CA LEU D 421 -31.62 18.81 -6.83
C LEU D 421 -32.11 17.42 -7.17
N GLY D 422 -31.50 16.41 -6.57
CA GLY D 422 -31.75 15.02 -6.89
C GLY D 422 -30.43 14.33 -7.17
N GLY D 423 -30.42 13.01 -6.94
CA GLY D 423 -29.21 12.23 -7.12
C GLY D 423 -28.92 11.94 -8.57
N PRO D 424 -27.78 11.30 -8.81
CA PRO D 424 -27.40 10.98 -10.20
C PRO D 424 -28.30 9.94 -10.83
N PHE D 425 -28.81 9.01 -10.03
CA PHE D 425 -29.83 8.10 -10.52
C PHE D 425 -31.22 8.73 -10.52
N HIS D 426 -31.38 9.88 -9.90
CA HIS D 426 -32.60 10.65 -10.06
C HIS D 426 -32.58 11.51 -11.32
N VAL D 427 -31.66 11.25 -12.23
CA VAL D 427 -31.57 11.97 -13.49
C VAL D 427 -31.85 11.07 -14.68
N LEU D 428 -31.26 9.87 -14.67
CA LEU D 428 -31.37 8.96 -15.80
C LEU D 428 -32.81 8.51 -16.01
N ILE D 429 -33.47 8.11 -14.93
CA ILE D 429 -34.80 7.54 -15.05
C ILE D 429 -35.80 8.61 -15.46
N ILE D 430 -35.52 9.87 -15.17
CA ILE D 430 -36.28 10.96 -15.75
C ILE D 430 -36.03 11.03 -17.25
N THR D 431 -34.75 10.96 -17.66
CA THR D 431 -34.45 10.95 -19.07
C THR D 431 -34.80 9.63 -19.74
N TYR D 432 -35.02 8.58 -18.94
CA TYR D 432 -35.62 7.37 -19.50
C TYR D 432 -37.03 7.63 -19.96
N ALA D 433 -37.73 8.54 -19.31
CA ALA D 433 -39.13 8.76 -19.64
C ALA D 433 -39.28 9.51 -20.96
N PHE D 434 -38.44 10.53 -21.18
CA PHE D 434 -38.59 11.39 -22.37
C PHE D 434 -38.39 10.60 -23.65
N MET D 435 -37.44 9.66 -23.65
CA MET D 435 -37.23 8.84 -24.83
C MET D 435 -38.41 7.93 -25.08
N VAL D 436 -39.02 7.42 -24.01
CA VAL D 436 -40.22 6.62 -24.19
C VAL D 436 -41.40 7.53 -24.53
N LEU D 437 -41.32 8.80 -24.16
CA LEU D 437 -42.33 9.72 -24.66
C LEU D 437 -42.17 9.99 -26.15
N VAL D 438 -40.93 9.98 -26.65
CA VAL D 438 -40.72 10.27 -28.07
C VAL D 438 -41.26 9.14 -28.93
N THR D 439 -41.05 7.88 -28.52
CA THR D 439 -41.59 6.77 -29.29
C THR D 439 -43.11 6.68 -29.18
N MET D 440 -43.71 7.35 -28.20
CA MET D 440 -45.14 7.62 -28.28
C MET D 440 -45.42 8.77 -29.24
N VAL D 441 -44.57 9.80 -29.23
CA VAL D 441 -44.78 10.95 -30.10
C VAL D 441 -44.50 10.58 -31.55
N MET D 442 -43.38 9.89 -31.79
CA MET D 442 -42.91 9.70 -33.16
C MET D 442 -43.81 8.75 -33.93
N ARG D 443 -44.23 7.66 -33.30
CA ARG D 443 -44.95 6.61 -34.00
C ARG D 443 -46.37 7.01 -34.37
N LEU D 444 -46.91 8.06 -33.76
CA LEU D 444 -48.14 8.64 -34.29
C LEU D 444 -47.84 9.61 -35.41
N ILE D 445 -46.70 10.27 -35.37
CA ILE D 445 -46.34 11.21 -36.42
C ILE D 445 -45.72 10.47 -37.61
N SER D 446 -44.97 9.40 -37.33
CA SER D 446 -44.33 8.53 -38.31
C SER D 446 -43.37 9.30 -39.22
N ALA D 447 -42.31 9.80 -38.62
CA ALA D 447 -41.22 10.39 -39.37
C ALA D 447 -40.10 9.37 -39.51
N SER D 448 -38.98 9.80 -40.08
CA SER D 448 -37.93 8.87 -40.47
C SER D 448 -37.08 8.43 -39.28
N GLY D 449 -36.55 9.41 -38.54
CA GLY D 449 -35.67 9.12 -37.44
C GLY D 449 -36.36 8.40 -36.29
N GLU D 450 -36.10 7.12 -36.16
CA GLU D 450 -36.83 6.34 -35.18
C GLU D 450 -35.93 5.57 -34.24
N VAL D 451 -34.81 5.05 -34.72
CA VAL D 451 -33.96 4.22 -33.88
C VAL D 451 -33.12 5.03 -32.92
N VAL D 452 -32.95 6.32 -33.19
CA VAL D 452 -32.11 7.17 -32.36
C VAL D 452 -32.69 7.41 -30.96
N PRO D 453 -33.96 7.80 -30.80
CA PRO D 453 -34.45 7.94 -29.42
C PRO D 453 -34.66 6.60 -28.78
N MET D 454 -34.94 5.58 -29.57
CA MET D 454 -35.04 4.22 -29.06
C MET D 454 -33.70 3.73 -28.55
N SER D 455 -32.61 4.23 -29.13
CA SER D 455 -31.27 3.80 -28.74
C SER D 455 -30.95 4.22 -27.31
N PHE D 456 -31.15 5.49 -27.00
CA PHE D 456 -30.97 5.93 -25.63
C PHE D 456 -32.00 5.31 -24.71
N ALA D 457 -33.20 5.05 -25.24
CA ALA D 457 -34.25 4.42 -24.47
C ALA D 457 -33.90 3.00 -24.06
N LEU D 458 -32.98 2.37 -24.77
CA LEU D 458 -32.65 0.98 -24.51
C LEU D 458 -31.42 0.83 -23.65
N VAL D 459 -30.45 1.74 -23.78
CA VAL D 459 -29.21 1.59 -23.03
C VAL D 459 -29.27 2.33 -21.69
N LEU D 460 -30.02 3.43 -21.60
CA LEU D 460 -30.19 4.05 -20.30
C LEU D 460 -31.12 3.24 -19.43
N GLY D 461 -31.96 2.42 -20.03
CA GLY D 461 -32.83 1.56 -19.24
C GLY D 461 -32.05 0.53 -18.46
N TRP D 462 -31.23 -0.27 -19.16
CA TRP D 462 -30.53 -1.35 -18.49
C TRP D 462 -29.46 -0.85 -17.54
N CYS D 463 -28.83 0.28 -17.85
CA CYS D 463 -27.85 0.85 -16.94
C CYS D 463 -28.48 1.31 -15.64
N ASN D 464 -29.78 1.60 -15.66
CA ASN D 464 -30.45 2.08 -14.48
C ASN D 464 -30.62 1.01 -13.42
N VAL D 465 -30.43 -0.28 -13.73
CA VAL D 465 -30.75 -1.31 -12.76
C VAL D 465 -29.73 -1.35 -11.62
N MET D 466 -28.60 -0.66 -11.78
CA MET D 466 -27.66 -0.49 -10.68
C MET D 466 -28.24 0.34 -9.54
N TYR D 467 -29.25 1.16 -9.83
CA TYR D 467 -29.99 1.84 -8.76
C TYR D 467 -30.61 0.85 -7.80
N PHE D 468 -30.96 -0.34 -8.27
CA PHE D 468 -31.39 -1.41 -7.40
C PHE D 468 -30.24 -2.27 -6.89
N ALA D 469 -29.03 -2.03 -7.37
CA ALA D 469 -27.88 -2.69 -6.79
C ALA D 469 -27.28 -1.89 -5.64
N ARG D 470 -28.05 -0.96 -5.06
CA ARG D 470 -27.61 -0.29 -3.85
C ARG D 470 -27.44 -1.29 -2.73
N GLY D 471 -28.52 -1.93 -2.33
CA GLY D 471 -28.41 -2.94 -1.31
C GLY D 471 -28.28 -4.31 -1.95
N PHE D 472 -29.31 -5.12 -1.73
CA PHE D 472 -29.59 -6.44 -2.29
C PHE D 472 -28.66 -7.53 -1.77
N GLN D 473 -27.50 -7.13 -1.26
CA GLN D 473 -26.56 -7.92 -0.47
C GLN D 473 -25.48 -6.92 -0.11
N MET D 474 -24.37 -7.38 0.46
CA MET D 474 -23.21 -6.53 0.65
C MET D 474 -22.40 -6.37 -0.64
N LEU D 475 -22.90 -6.86 -1.77
CA LEU D 475 -22.21 -6.74 -3.05
C LEU D 475 -22.66 -5.49 -3.80
N GLY D 476 -22.70 -4.39 -3.08
CA GLY D 476 -23.16 -3.11 -3.58
C GLY D 476 -22.49 -1.83 -3.08
N PRO D 477 -21.54 -1.87 -2.14
CA PRO D 477 -20.53 -0.82 -2.09
C PRO D 477 -19.45 -0.93 -3.14
N PHE D 478 -19.61 -1.81 -4.13
CA PHE D 478 -18.89 -1.63 -5.37
C PHE D 478 -19.48 -0.48 -6.18
N THR D 479 -20.79 -0.29 -6.11
CA THR D 479 -21.42 0.72 -6.95
C THR D 479 -21.20 2.12 -6.40
N ILE D 480 -20.98 2.24 -5.09
CA ILE D 480 -20.61 3.54 -4.57
C ILE D 480 -19.17 3.88 -4.96
N MET D 481 -18.36 2.87 -5.29
CA MET D 481 -16.99 3.15 -5.71
C MET D 481 -16.96 3.66 -7.13
N ILE D 482 -17.73 3.03 -8.02
CA ILE D 482 -17.73 3.45 -9.42
C ILE D 482 -18.41 4.81 -9.57
N GLN D 483 -19.29 5.19 -8.63
CA GLN D 483 -19.81 6.55 -8.60
C GLN D 483 -18.71 7.56 -8.31
N LYS D 484 -17.86 7.27 -7.33
CA LYS D 484 -16.81 8.21 -6.97
C LYS D 484 -15.72 8.29 -8.03
N MET D 485 -15.62 7.29 -8.88
CA MET D 485 -14.58 7.29 -9.89
C MET D 485 -15.01 7.95 -11.18
N ILE D 486 -16.28 7.82 -11.57
CA ILE D 486 -16.70 8.37 -12.85
C ILE D 486 -16.78 9.89 -12.80
N PHE D 487 -17.01 10.45 -11.62
CA PHE D 487 -16.88 11.89 -11.43
C PHE D 487 -15.46 12.17 -10.96
N GLY D 488 -14.77 13.03 -11.71
CA GLY D 488 -13.38 13.25 -11.37
C GLY D 488 -12.46 12.31 -12.10
N ASP D 489 -12.12 11.19 -11.46
CA ASP D 489 -10.93 10.41 -11.75
C ASP D 489 -10.99 9.65 -13.09
N LEU D 490 -12.07 9.75 -13.84
CA LEU D 490 -12.00 9.50 -15.28
C LEU D 490 -12.29 10.73 -16.10
N MET D 491 -13.12 11.64 -15.57
CA MET D 491 -13.35 12.90 -16.23
C MET D 491 -12.11 13.78 -16.26
N ARG D 492 -11.22 13.63 -15.28
CA ARG D 492 -9.90 14.25 -15.33
C ARG D 492 -8.95 13.52 -16.25
N PHE D 493 -9.34 12.35 -16.75
CA PHE D 493 -8.61 11.67 -17.80
C PHE D 493 -9.23 11.87 -19.15
N CYS D 494 -10.54 12.11 -19.21
CA CYS D 494 -11.23 12.22 -20.49
C CYS D 494 -10.84 13.49 -21.24
N TRP D 495 -10.46 14.54 -20.51
CA TRP D 495 -9.94 15.73 -21.18
C TRP D 495 -8.58 15.46 -21.80
N LEU D 496 -7.64 14.94 -21.02
CA LEU D 496 -6.28 14.79 -21.51
C LEU D 496 -6.13 13.70 -22.55
N MET D 497 -7.11 12.83 -22.71
CA MET D 497 -7.15 11.99 -23.88
C MET D 497 -7.44 12.83 -25.12
N ALA D 498 -8.42 13.71 -25.04
CA ALA D 498 -8.75 14.57 -26.18
C ALA D 498 -7.71 15.63 -26.43
N VAL D 499 -6.87 15.92 -25.43
CA VAL D 499 -5.69 16.76 -25.63
C VAL D 499 -4.76 16.10 -26.64
N VAL D 500 -4.38 14.87 -26.38
CA VAL D 500 -3.36 14.23 -27.18
C VAL D 500 -3.93 13.79 -28.51
N ILE D 501 -5.13 13.22 -28.48
CA ILE D 501 -5.60 12.47 -29.63
C ILE D 501 -6.11 13.37 -30.73
N LEU D 502 -6.42 14.62 -30.41
CA LEU D 502 -6.83 15.54 -31.45
C LEU D 502 -5.62 15.99 -32.26
N GLY D 503 -4.43 15.84 -31.70
CA GLY D 503 -3.23 16.12 -32.46
C GLY D 503 -2.95 15.05 -33.48
N PHE D 504 -2.77 13.82 -33.00
CA PHE D 504 -2.31 12.73 -33.85
C PHE D 504 -3.30 12.40 -34.94
N ALA D 505 -4.59 12.55 -34.66
CA ALA D 505 -5.60 12.20 -35.64
C ALA D 505 -5.56 13.15 -36.81
N SER D 506 -5.37 14.42 -36.56
CA SER D 506 -5.12 15.32 -37.66
C SER D 506 -3.77 15.06 -38.26
N ALA D 507 -2.79 14.68 -37.44
CA ALA D 507 -1.47 14.36 -37.94
C ALA D 507 -1.49 13.12 -38.80
N PHE D 508 -2.34 12.17 -38.48
CA PHE D 508 -2.55 11.06 -39.39
C PHE D 508 -3.29 11.53 -40.63
N TYR D 509 -4.25 12.45 -40.47
CA TYR D 509 -5.09 12.87 -41.57
C TYR D 509 -4.29 13.59 -42.63
N ILE D 510 -3.28 14.34 -42.21
CA ILE D 510 -2.33 14.90 -43.15
C ILE D 510 -1.52 13.79 -43.79
N ILE D 511 -1.05 12.85 -42.96
CA ILE D 511 0.00 11.96 -43.44
C ILE D 511 -0.54 10.87 -44.34
N PHE D 512 -1.86 10.69 -44.39
CA PHE D 512 -2.47 9.83 -45.38
C PHE D 512 -3.32 10.61 -46.37
N GLN D 513 -3.16 11.94 -46.41
CA GLN D 513 -3.98 12.74 -47.31
C GLN D 513 -3.64 12.43 -48.77
N THR D 514 -2.42 12.03 -49.04
CA THR D 514 -2.00 11.69 -50.39
C THR D 514 -2.14 10.21 -50.71
N GLU D 515 -2.97 9.48 -49.98
CA GLU D 515 -2.96 8.03 -50.04
C GLU D 515 -4.29 7.51 -50.59
N ASP D 516 -4.22 6.36 -51.27
CA ASP D 516 -5.41 5.68 -51.76
C ASP D 516 -6.30 5.25 -50.60
N PRO D 517 -7.61 5.37 -50.74
CA PRO D 517 -8.49 4.94 -49.65
C PRO D 517 -8.78 3.45 -49.64
N GLU D 518 -8.78 2.79 -50.80
CA GLU D 518 -9.21 1.39 -50.87
C GLU D 518 -8.24 0.43 -50.20
N GLU D 519 -7.02 0.86 -49.92
CA GLU D 519 -6.15 0.20 -48.96
C GLU D 519 -5.93 1.18 -47.82
N LEU D 520 -6.12 0.72 -46.59
CA LEU D 520 -6.09 1.54 -45.38
C LEU D 520 -7.07 2.71 -45.48
N GLY D 521 -8.35 2.35 -45.49
CA GLY D 521 -9.38 3.35 -45.37
C GLY D 521 -9.67 3.76 -43.94
N HIS D 522 -8.62 3.94 -43.14
CA HIS D 522 -8.80 4.38 -41.77
C HIS D 522 -9.07 5.87 -41.73
N PHE D 523 -8.35 6.63 -42.53
CA PHE D 523 -8.25 8.06 -42.34
C PHE D 523 -8.64 8.82 -43.60
N TYR D 524 -9.57 8.26 -44.37
CA TYR D 524 -9.91 8.84 -45.66
C TYR D 524 -10.73 10.11 -45.55
N ASP D 525 -11.31 10.38 -44.39
CA ASP D 525 -11.98 11.64 -44.14
C ASP D 525 -11.98 11.91 -42.64
N TYR D 526 -11.86 13.18 -42.29
CA TYR D 526 -11.63 13.58 -40.90
C TYR D 526 -12.71 13.18 -39.90
N PRO D 527 -14.02 13.19 -40.19
CA PRO D 527 -14.98 12.75 -39.15
C PRO D 527 -14.85 11.30 -38.77
N MET D 528 -14.40 10.43 -39.67
CA MET D 528 -14.15 9.07 -39.26
C MET D 528 -12.71 8.90 -38.80
N ALA D 529 -11.80 9.73 -39.34
CA ALA D 529 -10.41 9.68 -38.92
C ALA D 529 -10.25 10.17 -37.49
N LEU D 530 -11.13 11.05 -37.04
CA LEU D 530 -11.16 11.37 -35.63
C LEU D 530 -11.66 10.19 -34.82
N PHE D 531 -12.58 9.41 -35.38
CA PHE D 531 -13.08 8.25 -34.65
C PHE D 531 -12.06 7.15 -34.56
N SER D 532 -11.39 6.84 -35.68
CA SER D 532 -10.55 5.67 -35.72
C SER D 532 -9.28 5.84 -34.89
N THR D 533 -8.78 7.07 -34.74
CA THR D 533 -7.64 7.23 -33.87
C THR D 533 -8.06 7.09 -32.42
N PHE D 534 -9.30 7.44 -32.10
CA PHE D 534 -9.85 7.06 -30.81
C PHE D 534 -10.03 5.56 -30.69
N GLU D 535 -10.14 4.86 -31.81
CA GLU D 535 -10.22 3.43 -31.73
C GLU D 535 -8.85 2.80 -31.47
N LEU D 536 -7.75 3.51 -31.75
CA LEU D 536 -6.43 2.97 -31.43
C LEU D 536 -5.91 3.39 -30.08
N PHE D 537 -6.55 4.35 -29.41
CA PHE D 537 -6.05 4.74 -28.11
C PHE D 537 -6.38 3.72 -27.06
N LEU D 538 -7.48 2.99 -27.23
CA LEU D 538 -7.90 1.97 -26.28
C LEU D 538 -7.56 0.58 -26.78
N THR D 539 -6.65 0.50 -27.76
CA THR D 539 -6.08 -0.72 -28.34
C THR D 539 -7.12 -1.63 -28.94
N ILE D 540 -8.29 -1.13 -29.27
CA ILE D 540 -9.37 -2.00 -29.71
C ILE D 540 -9.14 -2.46 -31.14
N ILE D 541 -8.91 -1.52 -32.05
CA ILE D 541 -8.63 -1.90 -33.43
C ILE D 541 -7.15 -2.27 -33.51
N ASP D 542 -6.75 -2.95 -34.60
CA ASP D 542 -5.47 -3.62 -34.69
C ASP D 542 -4.29 -2.70 -34.93
N GLY D 543 -4.50 -1.50 -35.41
CA GLY D 543 -3.38 -0.66 -35.77
C GLY D 543 -3.00 -0.97 -37.20
N PRO D 544 -3.11 0.02 -38.08
CA PRO D 544 -3.14 -0.27 -39.51
C PRO D 544 -1.80 -0.69 -40.07
N ALA D 545 -1.87 -1.62 -41.01
CA ALA D 545 -0.72 -2.05 -41.80
C ALA D 545 -1.27 -2.73 -43.03
N ASN D 546 -0.61 -2.53 -44.16
CA ASN D 546 -0.96 -3.28 -45.35
C ASN D 546 0.00 -4.43 -45.59
N TYR D 547 1.30 -4.16 -45.52
CA TYR D 547 2.40 -5.10 -45.72
C TYR D 547 2.41 -5.70 -47.11
N ASN D 548 1.72 -5.07 -48.04
CA ASN D 548 1.69 -5.54 -49.41
C ASN D 548 2.21 -4.49 -50.36
N VAL D 549 1.73 -3.26 -50.24
CA VAL D 549 2.30 -2.11 -50.92
C VAL D 549 2.89 -1.25 -49.83
N ASP D 550 3.73 -0.30 -50.21
CA ASP D 550 4.62 0.39 -49.28
C ASP D 550 3.99 1.69 -48.81
N LEU D 551 3.70 1.76 -47.51
CA LEU D 551 3.06 2.90 -46.88
C LEU D 551 3.99 4.13 -46.90
N PRO D 552 3.46 5.34 -46.70
CA PRO D 552 4.33 6.53 -46.69
C PRO D 552 5.35 6.53 -45.55
N PHE D 553 6.55 6.96 -45.89
CA PHE D 553 7.76 6.75 -45.08
C PHE D 553 7.87 7.67 -43.88
N MET D 554 6.84 8.45 -43.58
CA MET D 554 6.81 9.19 -42.35
C MET D 554 5.77 8.62 -41.39
N TYR D 555 4.92 7.72 -41.89
CA TYR D 555 3.91 7.08 -41.04
C TYR D 555 4.55 6.28 -39.92
N SER D 556 5.48 5.38 -40.27
CA SER D 556 6.07 4.46 -39.31
C SER D 556 6.83 5.18 -38.22
N ILE D 557 7.36 6.37 -38.51
CA ILE D 557 7.99 7.16 -37.47
C ILE D 557 6.95 7.68 -36.50
N THR D 558 5.96 8.41 -37.00
CA THR D 558 5.03 9.06 -36.10
C THR D 558 4.07 8.10 -35.44
N TYR D 559 3.86 6.92 -36.02
CA TYR D 559 2.93 6.00 -35.40
C TYR D 559 3.57 5.29 -34.22
N ALA D 560 4.87 5.02 -34.32
CA ALA D 560 5.58 4.45 -33.18
C ALA D 560 5.70 5.47 -32.06
N ALA D 561 5.76 6.75 -32.43
CA ALA D 561 5.67 7.80 -31.43
C ALA D 561 4.33 7.79 -30.74
N PHE D 562 3.29 7.36 -31.44
CA PHE D 562 1.96 7.35 -30.85
C PHE D 562 1.82 6.26 -29.82
N ALA D 563 2.34 5.06 -30.10
CA ALA D 563 2.07 3.94 -29.22
C ALA D 563 2.83 4.04 -27.90
N ILE D 564 3.97 4.72 -27.91
CA ILE D 564 4.69 4.93 -26.65
C ILE D 564 3.90 5.87 -25.75
N ILE D 565 3.38 6.94 -26.31
CA ILE D 565 2.68 7.93 -25.50
C ILE D 565 1.33 7.38 -25.08
N ALA D 566 0.64 6.70 -25.98
CA ALA D 566 -0.73 6.30 -25.69
C ALA D 566 -0.80 5.04 -24.86
N THR D 567 -0.44 3.90 -25.44
CA THR D 567 -0.78 2.61 -24.86
C THR D 567 0.34 2.02 -24.04
N LEU D 568 1.32 2.82 -23.64
CA LEU D 568 2.30 2.35 -22.69
C LEU D 568 2.57 3.37 -21.61
N LEU D 569 2.34 4.65 -21.87
CA LEU D 569 2.49 5.72 -20.89
C LEU D 569 1.15 6.16 -20.33
N MET D 570 0.20 6.50 -21.19
CA MET D 570 -1.02 7.15 -20.72
C MET D 570 -1.96 6.15 -20.06
N LEU D 571 -2.31 5.08 -20.77
CA LEU D 571 -3.33 4.16 -20.28
C LEU D 571 -2.82 3.34 -19.11
N ASN D 572 -1.56 2.94 -19.14
CA ASN D 572 -1.00 2.20 -18.01
C ASN D 572 -0.72 3.09 -16.82
N LEU D 573 -0.75 4.41 -17.00
CA LEU D 573 -0.71 5.26 -15.81
C LEU D 573 -2.02 5.14 -15.06
N LEU D 574 -3.11 4.92 -15.80
CA LEU D 574 -4.44 5.09 -15.24
C LEU D 574 -4.78 3.97 -14.26
N ILE D 575 -4.26 2.76 -14.52
CA ILE D 575 -4.45 1.65 -13.59
C ILE D 575 -3.75 1.95 -12.27
N ALA D 576 -2.53 2.47 -12.35
CA ALA D 576 -1.86 2.94 -11.14
C ALA D 576 -2.52 4.19 -10.58
N MET D 577 -3.23 4.94 -11.40
CA MET D 577 -3.90 6.13 -10.87
C MET D 577 -5.07 5.74 -9.98
N MET D 578 -5.76 4.64 -10.32
CA MET D 578 -6.75 4.11 -9.40
C MET D 578 -6.10 3.53 -8.17
N GLY D 579 -4.82 3.17 -8.27
CA GLY D 579 -4.11 2.46 -7.23
C GLY D 579 -3.98 3.21 -5.93
N ASP D 580 -3.92 4.54 -5.98
CA ASP D 580 -4.04 5.26 -4.72
C ASP D 580 -5.49 5.60 -4.41
N THR D 581 -6.33 5.78 -5.41
CA THR D 581 -7.73 6.10 -5.11
C THR D 581 -8.56 4.82 -5.04
N HIS D 582 -8.06 3.86 -4.29
CA HIS D 582 -8.85 2.69 -3.95
C HIS D 582 -8.63 2.23 -2.52
N TRP D 583 -7.56 2.67 -1.87
CA TRP D 583 -7.37 2.45 -0.45
C TRP D 583 -7.27 3.75 0.31
N ARG D 584 -7.17 4.88 -0.38
CA ARG D 584 -7.33 6.15 0.29
C ARG D 584 -8.79 6.39 0.66
N VAL D 585 -9.71 5.76 -0.08
CA VAL D 585 -11.14 5.88 0.16
C VAL D 585 -11.66 4.55 0.68
N ALA D 586 -10.82 3.83 1.41
CA ALA D 586 -11.11 2.45 1.80
C ALA D 586 -12.29 2.37 2.74
N HIS D 587 -12.18 3.02 3.91
CA HIS D 587 -13.30 3.09 4.83
C HIS D 587 -14.14 4.34 4.63
N GLU D 588 -14.06 4.94 3.44
CA GLU D 588 -15.04 5.94 3.07
C GLU D 588 -16.19 5.32 2.29
N ARG D 589 -15.93 4.29 1.49
CA ARG D 589 -17.01 3.67 0.74
C ARG D 589 -17.96 2.93 1.65
N ASP D 590 -17.48 2.40 2.77
CA ASP D 590 -18.36 1.69 3.67
C ASP D 590 -19.23 2.65 4.45
N GLU D 591 -18.69 3.80 4.84
CA GLU D 591 -19.53 4.80 5.48
C GLU D 591 -20.47 5.43 4.46
N LEU D 592 -20.08 5.52 3.19
CA LEU D 592 -21.01 5.96 2.17
C LEU D 592 -22.00 4.88 1.80
N TRP D 593 -21.71 3.63 2.09
CA TRP D 593 -22.73 2.62 1.83
C TRP D 593 -23.83 2.67 2.87
N ARG D 594 -23.50 3.04 4.11
CA ARG D 594 -24.56 3.29 5.06
C ARG D 594 -25.34 4.55 4.77
N ALA D 595 -24.85 5.43 3.89
CA ALA D 595 -25.64 6.58 3.50
C ALA D 595 -26.84 6.14 2.67
N GLN D 596 -26.59 5.39 1.60
CA GLN D 596 -27.66 5.12 0.64
C GLN D 596 -28.75 4.20 1.17
N ILE D 597 -28.47 3.42 2.20
CA ILE D 597 -29.53 2.59 2.74
C ILE D 597 -30.54 3.44 3.50
N VAL D 598 -30.04 4.42 4.26
CA VAL D 598 -30.93 5.38 4.90
C VAL D 598 -31.63 6.21 3.85
N ALA D 599 -30.91 6.56 2.78
CA ALA D 599 -31.52 7.27 1.67
C ALA D 599 -32.49 6.39 0.91
N THR D 600 -32.42 5.08 1.04
CA THR D 600 -33.46 4.26 0.48
C THR D 600 -34.60 4.06 1.45
N THR D 601 -34.28 3.97 2.74
CA THR D 601 -35.30 3.72 3.75
C THR D 601 -36.24 4.90 3.91
N VAL D 602 -35.67 6.10 4.05
CA VAL D 602 -36.49 7.29 4.24
C VAL D 602 -37.28 7.62 2.98
N MET D 603 -36.69 7.36 1.81
CA MET D 603 -37.42 7.50 0.56
C MET D 603 -38.54 6.50 0.47
N LEU D 604 -38.38 5.33 1.06
CA LEU D 604 -39.39 4.31 0.98
C LEU D 604 -40.58 4.63 1.86
N GLU D 605 -40.33 5.05 3.10
CA GLU D 605 -41.41 5.32 4.05
C GLU D 605 -42.24 6.52 3.62
N ARG D 606 -41.60 7.54 3.03
CA ARG D 606 -42.32 8.73 2.62
C ARG D 606 -43.22 8.45 1.43
N LYS D 607 -42.82 7.54 0.55
CA LYS D 607 -43.66 7.18 -0.58
C LYS D 607 -44.71 6.13 -0.24
N LEU D 608 -44.46 5.32 0.78
CA LEU D 608 -45.45 4.25 0.94
C LEU D 608 -46.48 4.61 2.02
N PRO D 609 -47.75 4.26 1.80
CA PRO D 609 -48.80 4.72 2.69
C PRO D 609 -48.92 3.89 3.96
N ARG D 610 -49.97 4.19 4.72
CA ARG D 610 -50.28 3.45 5.94
C ARG D 610 -51.08 2.20 5.57
N CYS D 611 -51.64 1.54 6.59
CA CYS D 611 -52.27 0.20 6.55
C CYS D 611 -51.37 -0.85 5.88
N LEU D 612 -50.06 -0.60 5.93
CA LEU D 612 -48.97 -1.34 5.34
C LEU D 612 -47.76 -0.55 5.82
N TRP D 613 -46.59 -1.20 5.95
CA TRP D 613 -45.39 -0.62 6.56
C TRP D 613 -45.73 -0.07 7.93
N PRO D 614 -45.91 -0.92 8.94
CA PRO D 614 -46.24 -0.40 10.26
C PRO D 614 -45.06 0.34 10.86
N ARG D 615 -45.33 1.55 11.32
CA ARG D 615 -44.30 2.46 11.78
C ARG D 615 -43.64 1.90 13.03
N SER D 616 -42.30 1.92 13.03
CA SER D 616 -41.52 1.09 13.92
C SER D 616 -41.55 1.61 15.36
N GLY D 617 -40.78 0.94 16.21
CA GLY D 617 -40.83 1.20 17.62
C GLY D 617 -41.96 0.43 18.28
N ILE D 618 -42.23 0.79 19.52
CA ILE D 618 -43.34 0.23 20.27
C ILE D 618 -44.18 1.38 20.81
N CYS D 619 -45.49 1.30 20.59
CA CYS D 619 -46.40 2.37 20.95
C CYS D 619 -46.53 2.51 22.47
N GLY D 620 -47.09 3.65 22.89
CA GLY D 620 -47.37 3.92 24.27
C GLY D 620 -48.83 3.71 24.60
N ARG D 621 -49.28 4.39 25.66
CA ARG D 621 -50.66 4.55 26.13
C ARG D 621 -51.24 3.26 26.73
N GLU D 622 -50.55 2.13 26.54
CA GLU D 622 -51.00 0.88 27.09
C GLU D 622 -50.28 0.51 28.36
N TYR D 623 -49.16 1.17 28.64
CA TYR D 623 -48.27 0.77 29.70
C TYR D 623 -48.03 1.85 30.74
N GLY D 624 -48.70 2.99 30.62
CA GLY D 624 -48.51 4.08 31.54
C GLY D 624 -47.39 5.02 31.16
N LEU D 625 -46.80 4.86 29.98
CA LEU D 625 -45.70 5.72 29.57
C LEU D 625 -46.21 7.04 29.03
N GLY D 626 -47.03 6.99 27.98
CA GLY D 626 -47.53 8.19 27.37
C GLY D 626 -47.95 7.95 25.94
N ASP D 627 -47.85 8.97 25.10
CA ASP D 627 -48.28 8.86 23.71
C ASP D 627 -47.12 8.70 22.74
N ARG D 628 -45.95 9.21 23.09
CA ARG D 628 -44.79 9.03 22.23
C ARG D 628 -44.31 7.58 22.29
N TRP D 629 -43.78 7.12 21.17
CA TRP D 629 -43.46 5.71 21.06
C TRP D 629 -42.08 5.45 21.64
N PHE D 630 -41.62 4.20 21.57
CA PHE D 630 -40.35 3.82 22.18
C PHE D 630 -39.73 2.64 21.46
N LEU D 631 -38.41 2.51 21.62
CA LEU D 631 -37.70 1.28 21.35
C LEU D 631 -36.69 1.05 22.46
N ARG D 632 -36.19 -0.17 22.55
CA ARG D 632 -35.25 -0.54 23.58
C ARG D 632 -34.10 -1.35 22.97
N VAL D 633 -32.98 -1.34 23.68
CA VAL D 633 -31.80 -2.09 23.30
C VAL D 633 -31.24 -2.72 24.56
N GLU D 634 -31.02 -4.03 24.53
CA GLU D 634 -30.37 -4.74 25.61
C GLU D 634 -28.96 -5.11 25.17
N ASP D 635 -28.00 -4.96 26.07
CA ASP D 635 -26.59 -5.20 25.72
C ASP D 635 -25.81 -5.57 26.98
N ARG D 636 -24.50 -5.60 26.84
CA ARG D 636 -23.59 -5.93 27.94
C ARG D 636 -22.60 -4.80 28.11
N GLN D 637 -22.35 -4.41 29.37
CA GLN D 637 -21.31 -3.43 29.65
C GLN D 637 -19.93 -4.02 29.38
N ASP D 638 -19.70 -5.25 29.85
CA ASP D 638 -18.42 -5.97 29.80
C ASP D 638 -17.28 -5.19 30.44
C01 81F E . -12.74 -22.86 -4.96
N01 81F E . -14.77 -24.34 -13.36
C02 81F E . -11.82 -23.02 -6.16
N02 81F E . -16.23 -24.30 -15.49
C03 81F E . -12.45 -23.38 -7.47
N03 81F E . -17.86 -25.49 -18.58
C04 81F E . -11.74 -23.52 -8.55
C05 81F E . -12.45 -23.91 -9.83
C06 81F E . -13.88 -23.35 -9.81
C07 81F E . -14.73 -23.86 -10.97
C08 81F E . -11.75 -23.42 -11.09
C09 81F E . -12.64 -23.51 -12.35
C10 81F E . -13.92 -24.36 -12.17
C11 81F E . -14.03 -24.81 -14.50
C12 81F E . -14.91 -24.86 -15.74
C13 81F E . -15.27 -23.02 -13.63
C14 81F E . -16.37 -23.11 -14.67
C15 81F E . -17.15 -24.40 -16.60
C16 81F E . -18.17 -23.50 -16.78
C17 81F E . -19.02 -23.59 -17.84
C18 81F E . -18.85 -24.61 -18.75
C19 81F E . -17.02 -25.41 -17.55
C20 81F E . -10.23 -23.33 -8.48
C21 81F E . -9.68 -23.01 -7.33
C22 81F E . -10.52 -22.84 -6.07
BR01 81F E . -20.46 -22.30 -18.05
CA CA F . -6.64 -7.67 -31.49
CA CA G . -5.52 -6.36 -26.12
C01 81F H . 18.09 -14.03 -13.56
N01 81F H . 15.78 -16.27 -21.70
C02 81F H . 17.75 -13.13 -14.73
N02 81F H . 14.79 -17.77 -23.55
C03 81F H . 17.51 -13.81 -16.05
N03 81F H . 14.49 -19.53 -26.79
C04 81F H . 17.20 -13.11 -17.11
C05 81F H . 16.97 -13.87 -18.41
C06 81F H . 16.42 -15.26 -18.11
C07 81F H . 16.38 -16.15 -19.34
C08 81F H . 16.01 -13.16 -19.37
C09 81F H . 15.55 -14.08 -20.53
C10 81F H . 16.33 -15.39 -20.67
C11 81F H . 15.74 -15.57 -22.96
C12 81F H . 15.24 -16.49 -24.07
C13 81F H . 14.45 -16.71 -21.36
C14 81F H . 14.07 -17.85 -22.29
C15 81F H . 14.37 -18.72 -24.57
C16 81F H . 13.42 -19.68 -24.30
C17 81F H . 13.03 -20.56 -25.27
C18 81F H . 13.58 -20.47 -26.53
C19 81F H . 14.89 -18.66 -25.86
C20 81F H . 17.11 -11.59 -17.03
C21 81F H . 17.33 -11.01 -15.87
C22 81F H . 17.68 -11.83 -14.63
BR01 81F H . 11.70 -21.92 -24.86
C01 81F I . 6.99 16.75 -19.06
N01 81F I . 6.44 14.32 -27.67
C02 81F I . 5.85 16.51 -20.02
N02 81F I . 6.95 13.18 -29.99
C03 81F I . 6.16 16.21 -21.47
N03 81F I . 7.02 12.45 -33.60
C04 81F I . 5.18 16.00 -22.32
C05 81F I . 5.49 15.71 -23.77
C06 81F I . 6.88 15.09 -23.95
C07 81F I . 7.24 14.84 -25.42
C08 81F I . 4.46 14.77 -24.39
C09 81F I . 4.85 14.22 -25.76
C10 81F I . 6.08 14.90 -26.40
C11 81F I . 5.32 14.39 -28.58
C12 81F I . 5.65 13.81 -29.95
C13 81F I . 6.84 12.95 -27.53
C14 81F I . 7.46 12.45 -28.83
C15 81F I . 7.34 12.62 -31.27
C16 81F I . 8.38 11.71 -31.38
C17 81F I . 8.73 11.19 -32.60
C18 81F I . 8.02 11.58 -33.72
C19 81F I . 6.67 12.97 -32.43
C20 81F I . 3.73 16.06 -21.85
C21 81F I . 3.46 16.32 -20.60
C22 81F I . 4.60 16.57 -19.60
BR01 81F I . 10.19 9.90 -32.73
C01 81F J . -23.15 8.11 -10.32
N01 81F J . -24.38 6.43 -18.85
C02 81F J . -23.19 6.79 -11.04
N02 81F J . -24.30 6.86 -21.40
C03 81F J . -23.58 6.81 -12.50
N03 81F J . -25.38 6.95 -24.93
C04 81F J . -23.62 5.71 -13.20
C05 81F J . -24.02 5.81 -14.66
C06 81F J . -23.52 7.14 -15.24
C07 81F J . -24.00 7.41 -16.65
C08 81F J . -23.45 4.67 -15.51
C09 81F J . -23.52 4.95 -17.03
C10 81F J . -24.41 6.14 -17.43
C11 81F J . -24.79 5.26 -19.59
C12 81F J . -24.81 5.53 -21.09
C13 81F J . -23.07 6.83 -19.28
C14 81F J . -23.15 7.39 -20.68
C15 81F J . -24.38 7.20 -22.80
C16 81F J . -23.51 8.11 -23.36
C17 81F J . -23.59 8.43 -24.70
C18 81F J . -24.55 7.82 -25.47
C19 81F J . -25.33 6.62 -23.64
C20 81F J . -23.31 4.38 -12.53
C21 81F J . -22.99 4.36 -11.26
C22 81F J . -22.93 5.65 -10.44
BR01 81F J . -22.34 9.72 -25.46
C01 81F K . -2.33 -0.57 -9.77
N01 81F K . -0.02 -0.20 -0.80
C02 81F K . -1.94 -1.41 -8.58
N02 81F K . 0.14 0.90 1.75
C03 81F K . -1.86 -0.77 -7.19
N03 81F K . 2.15 -0.73 4.32
C04 81F K . -1.52 -1.51 -6.17
C05 81F K . -1.44 -0.88 -4.79
C06 81F K . -1.71 -1.96 -3.75
C07 81F K . -1.11 -1.76 -2.36
C08 81F K . -0.02 -0.33 -4.64
C09 81F K . 0.44 -0.08 -3.20
C10 81F K . -0.61 -0.35 -2.12
C11 81F K . -1.02 -0.58 0.20
C12 81F K . -1.12 0.26 1.46
C13 81F K . 0.42 1.18 -0.67
C14 81F K . 0.93 1.55 0.72
C15 81F K . 0.76 0.62 3.02
C16 81F K . 0.53 1.44 4.10
C17 81F K . 1.13 1.15 5.29
C18 81F K . 1.95 0.05 5.38
C19 81F K . 1.59 -0.47 3.15
C20 81F K . -1.20 -2.98 -6.35
C21 81F K . -1.27 -3.51 -7.54
C22 81F K . -1.67 -2.68 -8.73
BR01 81F K . 0.84 2.27 6.84
#